data_5QRM
# 
_entry.id   5QRM 
# 
_audit_conform.dict_name       mmcif_pdbx.dic 
_audit_conform.dict_version    5.387 
_audit_conform.dict_location   http://mmcif.pdb.org/dictionaries/ascii/mmcif_pdbx.dic 
# 
loop_
_database_2.database_id 
_database_2.database_code 
_database_2.pdbx_database_accession 
_database_2.pdbx_DOI 
PDB   5QRM         pdb_00005qrm 10.2210/pdb5qrm/pdb 
WWPDB D_1001402319 ?            ?                   
# 
loop_
_pdbx_audit_revision_history.ordinal 
_pdbx_audit_revision_history.data_content_type 
_pdbx_audit_revision_history.major_revision 
_pdbx_audit_revision_history.minor_revision 
_pdbx_audit_revision_history.revision_date 
1 'Structure model' 1 0 2019-07-10 
2 'Structure model' 1 1 2019-08-07 
3 'Structure model' 1 2 2024-03-06 
# 
_pdbx_audit_revision_details.ordinal             1 
_pdbx_audit_revision_details.revision_ordinal    1 
_pdbx_audit_revision_details.data_content_type   'Structure model' 
_pdbx_audit_revision_details.provider            repository 
_pdbx_audit_revision_details.type                'Initial release' 
_pdbx_audit_revision_details.description         ? 
_pdbx_audit_revision_details.details             ? 
# 
loop_
_pdbx_audit_revision_group.ordinal 
_pdbx_audit_revision_group.revision_ordinal 
_pdbx_audit_revision_group.data_content_type 
_pdbx_audit_revision_group.group 
1 2 'Structure model' 'Author supporting evidence' 
2 2 'Structure model' 'Data collection'            
3 2 'Structure model' 'Structure summary'          
4 3 'Structure model' 'Data collection'            
5 3 'Structure model' 'Database references'        
6 3 'Structure model' 'Derived calculations'       
# 
loop_
_pdbx_audit_revision_category.ordinal 
_pdbx_audit_revision_category.revision_ordinal 
_pdbx_audit_revision_category.data_content_type 
_pdbx_audit_revision_category.category 
1 2 'Structure model' pdbx_entity_instance_feature 
2 2 'Structure model' pdbx_entry_details           
3 3 'Structure model' chem_comp_atom               
4 3 'Structure model' chem_comp_bond               
5 3 'Structure model' database_2                   
6 3 'Structure model' pdbx_struct_conn_angle       
7 3 'Structure model' struct_conn                  
# 
loop_
_pdbx_audit_revision_item.ordinal 
_pdbx_audit_revision_item.revision_ordinal 
_pdbx_audit_revision_item.data_content_type 
_pdbx_audit_revision_item.item 
1  3 'Structure model' '_database_2.pdbx_DOI'                        
2  3 'Structure model' '_database_2.pdbx_database_accession'         
3  3 'Structure model' '_pdbx_struct_conn_angle.ptnr1_auth_comp_id'  
4  3 'Structure model' '_pdbx_struct_conn_angle.ptnr1_auth_seq_id'   
5  3 'Structure model' '_pdbx_struct_conn_angle.ptnr1_label_alt_id'  
6  3 'Structure model' '_pdbx_struct_conn_angle.ptnr1_label_asym_id' 
7  3 'Structure model' '_pdbx_struct_conn_angle.ptnr1_label_atom_id' 
8  3 'Structure model' '_pdbx_struct_conn_angle.ptnr1_label_comp_id' 
9  3 'Structure model' '_pdbx_struct_conn_angle.ptnr1_label_seq_id'  
10 3 'Structure model' '_pdbx_struct_conn_angle.ptnr1_symmetry'      
11 3 'Structure model' '_pdbx_struct_conn_angle.ptnr2_auth_seq_id'   
12 3 'Structure model' '_pdbx_struct_conn_angle.ptnr2_label_asym_id' 
13 3 'Structure model' '_pdbx_struct_conn_angle.ptnr3_auth_comp_id'  
14 3 'Structure model' '_pdbx_struct_conn_angle.ptnr3_auth_seq_id'   
15 3 'Structure model' '_pdbx_struct_conn_angle.ptnr3_label_alt_id'  
16 3 'Structure model' '_pdbx_struct_conn_angle.ptnr3_label_asym_id' 
17 3 'Structure model' '_pdbx_struct_conn_angle.ptnr3_label_atom_id' 
18 3 'Structure model' '_pdbx_struct_conn_angle.ptnr3_label_comp_id' 
19 3 'Structure model' '_pdbx_struct_conn_angle.ptnr3_label_seq_id'  
20 3 'Structure model' '_pdbx_struct_conn_angle.ptnr3_symmetry'      
21 3 'Structure model' '_pdbx_struct_conn_angle.value'               
22 3 'Structure model' '_struct_conn.pdbx_dist_value'                
23 3 'Structure model' '_struct_conn.pdbx_ptnr1_label_alt_id'        
24 3 'Structure model' '_struct_conn.ptnr1_auth_comp_id'             
25 3 'Structure model' '_struct_conn.ptnr1_auth_seq_id'              
26 3 'Structure model' '_struct_conn.ptnr1_label_asym_id'            
27 3 'Structure model' '_struct_conn.ptnr1_label_atom_id'            
28 3 'Structure model' '_struct_conn.ptnr1_label_comp_id'            
29 3 'Structure model' '_struct_conn.ptnr1_label_seq_id'             
30 3 'Structure model' '_struct_conn.ptnr2_auth_comp_id'             
31 3 'Structure model' '_struct_conn.ptnr2_auth_seq_id'              
32 3 'Structure model' '_struct_conn.ptnr2_label_asym_id'            
33 3 'Structure model' '_struct_conn.ptnr2_label_atom_id'            
34 3 'Structure model' '_struct_conn.ptnr2_label_comp_id'            
35 3 'Structure model' '_struct_conn.ptnr2_symmetry'                 
# 
_pdbx_database_status.entry_id                        5QRM 
_pdbx_database_status.status_code                     REL 
_pdbx_database_status.status_code_sf                  REL 
_pdbx_database_status.status_code_mr                  ? 
_pdbx_database_status.status_code_cs                  ? 
_pdbx_database_status.recvd_initial_deposition_date   2019-05-25 
_pdbx_database_status.deposit_site                    RCSB 
_pdbx_database_status.process_site                    RCSB 
_pdbx_database_status.SG_entry                        ? 
_pdbx_database_status.pdb_format_compatible           Y 
_pdbx_database_status.methods_development_category    ? 
_pdbx_database_status.status_code_nmr_data            ? 
# 
loop_
_audit_author.name 
_audit_author.pdbx_ordinal 
'Newman, J.A.'        1  
'Gavard, A.E.'        2  
'Fernandez-Cid, A.'   3  
'Sherestha, L.'       4  
'Burgess-Brown, N.A.' 5  
'von Delft, F.'       6  
'Arrowsmith, C.H.'    7  
'Edwards, A.'         8  
'Bountra, C.'         9  
'Gileadi, O.'         10 
# 
_citation.id                        primary 
_citation.title                     'PanDDA analysis group deposition' 
_citation.journal_abbrev            'To Be Published' 
_citation.journal_volume            ? 
_citation.page_first                ? 
_citation.page_last                 ? 
_citation.year                      ? 
_citation.journal_id_ASTM           ? 
_citation.country                   ? 
_citation.journal_id_ISSN           ? 
_citation.journal_id_CSD            0353 
_citation.book_publisher            ? 
_citation.pdbx_database_id_PubMed   ? 
_citation.pdbx_database_id_DOI      ? 
# 
loop_
_citation_author.citation_id 
_citation_author.name 
_citation_author.identifier_ORCID 
_citation_author.ordinal 
primary 'Newman, J.A.'        ? 1  
primary 'Gavard, A.E.'        ? 2  
primary 'Fernandez-Cid, A.'   ? 3  
primary 'Sherestha, L.'       ? 4  
primary 'Burgess-Brown, N.A.' ? 5  
primary 'von Delft, F.'       ? 6  
primary 'Arrowsmith, C.H.'    ? 7  
primary 'Edwards, A.'         ? 8  
primary 'Bountra, C.'         ? 9  
primary 'Gileadi, O.'         ? 10 
# 
loop_
_entity.id 
_entity.type 
_entity.src_method 
_entity.pdbx_description 
_entity.formula_weight 
_entity.pdbx_number_of_molecules 
_entity.pdbx_ec 
_entity.pdbx_mutation 
_entity.pdbx_fragment 
_entity.details 
1 polymer     man 'T-box transcription factor T'                                                 19597.586 1  ? ? ? ? 
2 non-polymer syn 'CADMIUM ION'                                                                  112.411   5  ? ? ? ? 
3 non-polymer syn '3-[(3,5-dimethyl-1,2-oxazol-4-yl)methyl]-5-methyl-1,3,4-thiadiazol-2(3H)-one' 225.268   1  ? ? ? ? 
4 water       nat water                                                                          18.015    68 ? ? ? ? 
# 
_entity_name_com.entity_id   1 
_entity_name_com.name        'Brachyury protein,Protein T' 
# 
_entity_poly.entity_id                      1 
_entity_poly.type                           'polypeptide(L)' 
_entity_poly.nstd_linkage                   no 
_entity_poly.nstd_monomer                   no 
_entity_poly.pdbx_seq_one_letter_code       
;GELRVGLEESELWLRFKELTNEMIVTKNGRRMFPVLKVNVSGLDPNAMYSFLLDFVAADNHRWKYVNGEWVPGGKPEPQA
PSCVYIHPDSPNFGAHWMKAPVSFSKVKLTNKLNGGGQIMLNSLHKYEPRIHIVRVGGPQRMITSHCFPETQFIAVTAYQ
NEEITALKIKYN
;
_entity_poly.pdbx_seq_one_letter_code_can   
;GELRVGLEESELWLRFKELTNEMIVTKNGRRMFPVLKVNVSGLDPNAMYSFLLDFVAADNHRWKYVNGEWVPGGKPEPQA
PSCVYIHPDSPNFGAHWMKAPVSFSKVKLTNKLNGGGQIMLNSLHKYEPRIHIVRVGGPQRMITSHCFPETQFIAVTAYQ
NEEITALKIKYN
;
_entity_poly.pdbx_strand_id                 A 
_entity_poly.pdbx_target_identifier         ? 
# 
loop_
_pdbx_entity_nonpoly.entity_id 
_pdbx_entity_nonpoly.name 
_pdbx_entity_nonpoly.comp_id 
2 'CADMIUM ION'                                                                  CD  
3 '3-[(3,5-dimethyl-1,2-oxazol-4-yl)methyl]-5-methyl-1,3,4-thiadiazol-2(3H)-one' K1A 
4 water                                                                          HOH 
# 
loop_
_entity_poly_seq.entity_id 
_entity_poly_seq.num 
_entity_poly_seq.mon_id 
_entity_poly_seq.hetero 
1 1   GLY n 
1 2   GLU n 
1 3   LEU n 
1 4   ARG n 
1 5   VAL n 
1 6   GLY n 
1 7   LEU n 
1 8   GLU n 
1 9   GLU n 
1 10  SER n 
1 11  GLU n 
1 12  LEU n 
1 13  TRP n 
1 14  LEU n 
1 15  ARG n 
1 16  PHE n 
1 17  LYS n 
1 18  GLU n 
1 19  LEU n 
1 20  THR n 
1 21  ASN n 
1 22  GLU n 
1 23  MET n 
1 24  ILE n 
1 25  VAL n 
1 26  THR n 
1 27  LYS n 
1 28  ASN n 
1 29  GLY n 
1 30  ARG n 
1 31  ARG n 
1 32  MET n 
1 33  PHE n 
1 34  PRO n 
1 35  VAL n 
1 36  LEU n 
1 37  LYS n 
1 38  VAL n 
1 39  ASN n 
1 40  VAL n 
1 41  SER n 
1 42  GLY n 
1 43  LEU n 
1 44  ASP n 
1 45  PRO n 
1 46  ASN n 
1 47  ALA n 
1 48  MET n 
1 49  TYR n 
1 50  SER n 
1 51  PHE n 
1 52  LEU n 
1 53  LEU n 
1 54  ASP n 
1 55  PHE n 
1 56  VAL n 
1 57  ALA n 
1 58  ALA n 
1 59  ASP n 
1 60  ASN n 
1 61  HIS n 
1 62  ARG n 
1 63  TRP n 
1 64  LYS n 
1 65  TYR n 
1 66  VAL n 
1 67  ASN n 
1 68  GLY n 
1 69  GLU n 
1 70  TRP n 
1 71  VAL n 
1 72  PRO n 
1 73  GLY n 
1 74  GLY n 
1 75  LYS n 
1 76  PRO n 
1 77  GLU n 
1 78  PRO n 
1 79  GLN n 
1 80  ALA n 
1 81  PRO n 
1 82  SER n 
1 83  CYS n 
1 84  VAL n 
1 85  TYR n 
1 86  ILE n 
1 87  HIS n 
1 88  PRO n 
1 89  ASP n 
1 90  SER n 
1 91  PRO n 
1 92  ASN n 
1 93  PHE n 
1 94  GLY n 
1 95  ALA n 
1 96  HIS n 
1 97  TRP n 
1 98  MET n 
1 99  LYS n 
1 100 ALA n 
1 101 PRO n 
1 102 VAL n 
1 103 SER n 
1 104 PHE n 
1 105 SER n 
1 106 LYS n 
1 107 VAL n 
1 108 LYS n 
1 109 LEU n 
1 110 THR n 
1 111 ASN n 
1 112 LYS n 
1 113 LEU n 
1 114 ASN n 
1 115 GLY n 
1 116 GLY n 
1 117 GLY n 
1 118 GLN n 
1 119 ILE n 
1 120 MET n 
1 121 LEU n 
1 122 ASN n 
1 123 SER n 
1 124 LEU n 
1 125 HIS n 
1 126 LYS n 
1 127 TYR n 
1 128 GLU n 
1 129 PRO n 
1 130 ARG n 
1 131 ILE n 
1 132 HIS n 
1 133 ILE n 
1 134 VAL n 
1 135 ARG n 
1 136 VAL n 
1 137 GLY n 
1 138 GLY n 
1 139 PRO n 
1 140 GLN n 
1 141 ARG n 
1 142 MET n 
1 143 ILE n 
1 144 THR n 
1 145 SER n 
1 146 HIS n 
1 147 CYS n 
1 148 PHE n 
1 149 PRO n 
1 150 GLU n 
1 151 THR n 
1 152 GLN n 
1 153 PHE n 
1 154 ILE n 
1 155 ALA n 
1 156 VAL n 
1 157 THR n 
1 158 ALA n 
1 159 TYR n 
1 160 GLN n 
1 161 ASN n 
1 162 GLU n 
1 163 GLU n 
1 164 ILE n 
1 165 THR n 
1 166 ALA n 
1 167 LEU n 
1 168 LYS n 
1 169 ILE n 
1 170 LYS n 
1 171 TYR n 
1 172 ASN n 
# 
_entity_src_gen.entity_id                          1 
_entity_src_gen.pdbx_src_id                        1 
_entity_src_gen.pdbx_alt_source_flag               sample 
_entity_src_gen.pdbx_seq_type                      'Biological sequence' 
_entity_src_gen.pdbx_beg_seq_num                   1 
_entity_src_gen.pdbx_end_seq_num                   172 
_entity_src_gen.gene_src_common_name               Human 
_entity_src_gen.gene_src_genus                     ? 
_entity_src_gen.pdbx_gene_src_gene                 'TBXT, T' 
_entity_src_gen.gene_src_species                   ? 
_entity_src_gen.gene_src_strain                    ? 
_entity_src_gen.gene_src_tissue                    ? 
_entity_src_gen.gene_src_tissue_fraction           ? 
_entity_src_gen.gene_src_details                   ? 
_entity_src_gen.pdbx_gene_src_fragment             ? 
_entity_src_gen.pdbx_gene_src_scientific_name      'Homo sapiens' 
_entity_src_gen.pdbx_gene_src_ncbi_taxonomy_id     9606 
_entity_src_gen.pdbx_gene_src_variant              ? 
_entity_src_gen.pdbx_gene_src_cell_line            ? 
_entity_src_gen.pdbx_gene_src_atcc                 ? 
_entity_src_gen.pdbx_gene_src_organ                ? 
_entity_src_gen.pdbx_gene_src_organelle            ? 
_entity_src_gen.pdbx_gene_src_cell                 ? 
_entity_src_gen.pdbx_gene_src_cellular_location    ? 
_entity_src_gen.host_org_common_name               ? 
_entity_src_gen.pdbx_host_org_scientific_name      'Escherichia coli' 
_entity_src_gen.pdbx_host_org_ncbi_taxonomy_id     562 
_entity_src_gen.host_org_genus                     ? 
_entity_src_gen.pdbx_host_org_gene                 ? 
_entity_src_gen.pdbx_host_org_organ                ? 
_entity_src_gen.host_org_species                   ? 
_entity_src_gen.pdbx_host_org_tissue               ? 
_entity_src_gen.pdbx_host_org_tissue_fraction      ? 
_entity_src_gen.pdbx_host_org_strain               ? 
_entity_src_gen.pdbx_host_org_variant              ? 
_entity_src_gen.pdbx_host_org_cell_line            ? 
_entity_src_gen.pdbx_host_org_atcc                 ? 
_entity_src_gen.pdbx_host_org_culture_collection   ? 
_entity_src_gen.pdbx_host_org_cell                 ? 
_entity_src_gen.pdbx_host_org_organelle            ? 
_entity_src_gen.pdbx_host_org_cellular_location    ? 
_entity_src_gen.pdbx_host_org_vector_type          ? 
_entity_src_gen.pdbx_host_org_vector               ? 
_entity_src_gen.host_org_details                   ? 
_entity_src_gen.expression_system_id               ? 
_entity_src_gen.plasmid_name                       ? 
_entity_src_gen.plasmid_details                    ? 
_entity_src_gen.pdbx_description                   ? 
# 
loop_
_chem_comp.id 
_chem_comp.type 
_chem_comp.mon_nstd_flag 
_chem_comp.name 
_chem_comp.pdbx_synonyms 
_chem_comp.formula 
_chem_comp.formula_weight 
ALA 'L-peptide linking' y ALANINE                                                                        ? 'C3 H7 N O2'     89.093 
ARG 'L-peptide linking' y ARGININE                                                                       ? 'C6 H15 N4 O2 1' 
175.209 
ASN 'L-peptide linking' y ASPARAGINE                                                                     ? 'C4 H8 N2 O3'    
132.118 
ASP 'L-peptide linking' y 'ASPARTIC ACID'                                                                ? 'C4 H7 N O4'     
133.103 
CD  non-polymer         . 'CADMIUM ION'                                                                  ? 'Cd 2'           
112.411 
CYS 'L-peptide linking' y CYSTEINE                                                                       ? 'C3 H7 N O2 S'   
121.158 
GLN 'L-peptide linking' y GLUTAMINE                                                                      ? 'C5 H10 N2 O3'   
146.144 
GLU 'L-peptide linking' y 'GLUTAMIC ACID'                                                                ? 'C5 H9 N O4'     
147.129 
GLY 'peptide linking'   y GLYCINE                                                                        ? 'C2 H5 N O2'     75.067 
HIS 'L-peptide linking' y HISTIDINE                                                                      ? 'C6 H10 N3 O2 1' 
156.162 
HOH non-polymer         . WATER                                                                          ? 'H2 O'           18.015 
ILE 'L-peptide linking' y ISOLEUCINE                                                                     ? 'C6 H13 N O2'    
131.173 
K1A non-polymer         . '3-[(3,5-dimethyl-1,2-oxazol-4-yl)methyl]-5-methyl-1,3,4-thiadiazol-2(3H)-one' ? 'C9 H11 N3 O2 S' 
225.268 
LEU 'L-peptide linking' y LEUCINE                                                                        ? 'C6 H13 N O2'    
131.173 
LYS 'L-peptide linking' y LYSINE                                                                         ? 'C6 H15 N2 O2 1' 
147.195 
MET 'L-peptide linking' y METHIONINE                                                                     ? 'C5 H11 N O2 S'  
149.211 
PHE 'L-peptide linking' y PHENYLALANINE                                                                  ? 'C9 H11 N O2'    
165.189 
PRO 'L-peptide linking' y PROLINE                                                                        ? 'C5 H9 N O2'     
115.130 
SER 'L-peptide linking' y SERINE                                                                         ? 'C3 H7 N O3'     
105.093 
THR 'L-peptide linking' y THREONINE                                                                      ? 'C4 H9 N O3'     
119.119 
TRP 'L-peptide linking' y TRYPTOPHAN                                                                     ? 'C11 H12 N2 O2'  
204.225 
TYR 'L-peptide linking' y TYROSINE                                                                       ? 'C9 H11 N O3'    
181.189 
VAL 'L-peptide linking' y VALINE                                                                         ? 'C5 H11 N O2'    
117.146 
# 
loop_
_pdbx_poly_seq_scheme.asym_id 
_pdbx_poly_seq_scheme.entity_id 
_pdbx_poly_seq_scheme.seq_id 
_pdbx_poly_seq_scheme.mon_id 
_pdbx_poly_seq_scheme.ndb_seq_num 
_pdbx_poly_seq_scheme.pdb_seq_num 
_pdbx_poly_seq_scheme.auth_seq_num 
_pdbx_poly_seq_scheme.pdb_mon_id 
_pdbx_poly_seq_scheme.auth_mon_id 
_pdbx_poly_seq_scheme.pdb_strand_id 
_pdbx_poly_seq_scheme.pdb_ins_code 
_pdbx_poly_seq_scheme.hetero 
A 1 1   GLY 1   40  ?   ?   ?   A . n 
A 1 2   GLU 2   41  41  GLU GLU A . n 
A 1 3   LEU 3   42  42  LEU LEU A . n 
A 1 4   ARG 4   43  43  ARG ARG A . n 
A 1 5   VAL 5   44  44  VAL VAL A . n 
A 1 6   GLY 6   45  45  GLY GLY A . n 
A 1 7   LEU 7   46  46  LEU LEU A . n 
A 1 8   GLU 8   47  47  GLU GLU A . n 
A 1 9   GLU 9   48  48  GLU GLU A . n 
A 1 10  SER 10  49  49  SER SER A . n 
A 1 11  GLU 11  50  50  GLU GLU A . n 
A 1 12  LEU 12  51  51  LEU LEU A . n 
A 1 13  TRP 13  52  52  TRP TRP A . n 
A 1 14  LEU 14  53  53  LEU LEU A . n 
A 1 15  ARG 15  54  54  ARG ARG A . n 
A 1 16  PHE 16  55  55  PHE PHE A . n 
A 1 17  LYS 17  56  56  LYS LYS A . n 
A 1 18  GLU 18  57  57  GLU GLU A . n 
A 1 19  LEU 19  58  58  LEU LEU A . n 
A 1 20  THR 20  59  59  THR THR A . n 
A 1 21  ASN 21  60  60  ASN ASN A . n 
A 1 22  GLU 22  61  61  GLU GLU A . n 
A 1 23  MET 23  62  62  MET MET A . n 
A 1 24  ILE 24  63  63  ILE ILE A . n 
A 1 25  VAL 25  64  64  VAL VAL A . n 
A 1 26  THR 26  65  65  THR THR A . n 
A 1 27  LYS 27  66  66  LYS LYS A . n 
A 1 28  ASN 28  67  67  ASN ASN A . n 
A 1 29  GLY 29  68  68  GLY GLY A . n 
A 1 30  ARG 30  69  69  ARG ARG A . n 
A 1 31  ARG 31  70  70  ARG ARG A . n 
A 1 32  MET 32  71  71  MET MET A . n 
A 1 33  PHE 33  72  72  PHE PHE A . n 
A 1 34  PRO 34  73  73  PRO PRO A . n 
A 1 35  VAL 35  74  74  VAL VAL A . n 
A 1 36  LEU 36  75  75  LEU LEU A . n 
A 1 37  LYS 37  76  76  LYS LYS A . n 
A 1 38  VAL 38  77  77  VAL VAL A . n 
A 1 39  ASN 39  78  78  ASN ASN A . n 
A 1 40  VAL 40  79  79  VAL VAL A . n 
A 1 41  SER 41  80  80  SER SER A . n 
A 1 42  GLY 42  81  81  GLY GLY A . n 
A 1 43  LEU 43  82  82  LEU LEU A . n 
A 1 44  ASP 44  83  83  ASP ASP A . n 
A 1 45  PRO 45  84  84  PRO PRO A . n 
A 1 46  ASN 46  85  85  ASN ASN A . n 
A 1 47  ALA 47  86  86  ALA ALA A . n 
A 1 48  MET 48  87  87  MET MET A . n 
A 1 49  TYR 49  88  88  TYR TYR A . n 
A 1 50  SER 50  89  89  SER SER A . n 
A 1 51  PHE 51  90  90  PHE PHE A . n 
A 1 52  LEU 52  91  91  LEU LEU A . n 
A 1 53  LEU 53  92  92  LEU LEU A . n 
A 1 54  ASP 54  93  93  ASP ASP A . n 
A 1 55  PHE 55  94  94  PHE PHE A . n 
A 1 56  VAL 56  95  95  VAL VAL A . n 
A 1 57  ALA 57  96  96  ALA ALA A . n 
A 1 58  ALA 58  97  97  ALA ALA A . n 
A 1 59  ASP 59  98  98  ASP ASP A . n 
A 1 60  ASN 60  99  99  ASN ASN A . n 
A 1 61  HIS 61  100 100 HIS HIS A . n 
A 1 62  ARG 62  101 101 ARG ARG A . n 
A 1 63  TRP 63  102 102 TRP TRP A . n 
A 1 64  LYS 64  103 103 LYS LYS A . n 
A 1 65  TYR 65  104 104 TYR TYR A . n 
A 1 66  VAL 66  105 105 VAL VAL A . n 
A 1 67  ASN 67  106 106 ASN ASN A . n 
A 1 68  GLY 68  107 107 GLY GLY A . n 
A 1 69  GLU 69  108 108 GLU GLU A . n 
A 1 70  TRP 70  109 109 TRP TRP A . n 
A 1 71  VAL 71  110 110 VAL VAL A . n 
A 1 72  PRO 72  111 111 PRO PRO A . n 
A 1 73  GLY 73  112 112 GLY GLY A . n 
A 1 74  GLY 74  113 113 GLY GLY A . n 
A 1 75  LYS 75  114 114 LYS LYS A . n 
A 1 76  PRO 76  115 115 PRO PRO A . n 
A 1 77  GLU 77  116 116 GLU GLU A . n 
A 1 78  PRO 78  117 117 PRO PRO A . n 
A 1 79  GLN 79  118 118 GLN GLN A . n 
A 1 80  ALA 80  119 119 ALA ALA A . n 
A 1 81  PRO 81  120 120 PRO PRO A . n 
A 1 82  SER 82  121 121 SER SER A . n 
A 1 83  CYS 83  122 122 CYS CYS A . n 
A 1 84  VAL 84  123 123 VAL VAL A . n 
A 1 85  TYR 85  124 124 TYR TYR A . n 
A 1 86  ILE 86  125 125 ILE ILE A . n 
A 1 87  HIS 87  126 126 HIS HIS A . n 
A 1 88  PRO 88  127 127 PRO PRO A . n 
A 1 89  ASP 89  128 128 ASP ASP A . n 
A 1 90  SER 90  129 129 SER SER A . n 
A 1 91  PRO 91  130 130 PRO PRO A . n 
A 1 92  ASN 92  131 131 ASN ASN A . n 
A 1 93  PHE 93  132 132 PHE PHE A . n 
A 1 94  GLY 94  133 133 GLY GLY A . n 
A 1 95  ALA 95  134 134 ALA ALA A . n 
A 1 96  HIS 96  135 135 HIS HIS A . n 
A 1 97  TRP 97  136 136 TRP TRP A . n 
A 1 98  MET 98  137 137 MET MET A . n 
A 1 99  LYS 99  138 138 LYS LYS A . n 
A 1 100 ALA 100 139 139 ALA ALA A . n 
A 1 101 PRO 101 140 140 PRO PRO A . n 
A 1 102 VAL 102 141 141 VAL VAL A . n 
A 1 103 SER 103 142 142 SER SER A . n 
A 1 104 PHE 104 143 143 PHE PHE A . n 
A 1 105 SER 105 144 144 SER SER A . n 
A 1 106 LYS 106 145 145 LYS LYS A . n 
A 1 107 VAL 107 146 146 VAL VAL A . n 
A 1 108 LYS 108 147 147 LYS LYS A . n 
A 1 109 LEU 109 148 148 LEU LEU A . n 
A 1 110 THR 110 149 149 THR THR A . n 
A 1 111 ASN 111 150 150 ASN ASN A . n 
A 1 112 LYS 112 151 151 LYS LYS A . n 
A 1 113 LEU 113 152 152 LEU LEU A . n 
A 1 114 ASN 114 153 153 ASN ASN A . n 
A 1 115 GLY 115 154 154 GLY GLY A . n 
A 1 116 GLY 116 155 155 GLY GLY A . n 
A 1 117 GLY 117 156 156 GLY GLY A . n 
A 1 118 GLN 118 157 157 GLN GLN A . n 
A 1 119 ILE 119 158 158 ILE ILE A . n 
A 1 120 MET 120 159 159 MET MET A . n 
A 1 121 LEU 121 160 160 LEU LEU A . n 
A 1 122 ASN 122 161 161 ASN ASN A . n 
A 1 123 SER 123 162 162 SER SER A . n 
A 1 124 LEU 124 163 163 LEU LEU A . n 
A 1 125 HIS 125 164 164 HIS HIS A . n 
A 1 126 LYS 126 165 165 LYS LYS A . n 
A 1 127 TYR 127 166 166 TYR TYR A . n 
A 1 128 GLU 128 167 167 GLU GLU A . n 
A 1 129 PRO 129 168 168 PRO PRO A . n 
A 1 130 ARG 130 169 169 ARG ARG A . n 
A 1 131 ILE 131 170 170 ILE ILE A . n 
A 1 132 HIS 132 171 171 HIS HIS A . n 
A 1 133 ILE 133 172 172 ILE ILE A . n 
A 1 134 VAL 134 173 173 VAL VAL A . n 
A 1 135 ARG 135 174 174 ARG ARG A . n 
A 1 136 VAL 136 175 175 VAL VAL A . n 
A 1 137 GLY 137 176 176 GLY GLY A . n 
A 1 138 GLY 138 177 177 GLY GLY A . n 
A 1 139 PRO 139 178 178 PRO PRO A . n 
A 1 140 GLN 140 179 179 GLN GLN A . n 
A 1 141 ARG 141 180 180 ARG ARG A . n 
A 1 142 MET 142 181 181 MET MET A . n 
A 1 143 ILE 143 182 182 ILE ILE A . n 
A 1 144 THR 144 183 183 THR THR A . n 
A 1 145 SER 145 184 184 SER SER A . n 
A 1 146 HIS 146 185 185 HIS HIS A . n 
A 1 147 CYS 147 186 186 CYS CYS A . n 
A 1 148 PHE 148 187 187 PHE PHE A . n 
A 1 149 PRO 149 188 188 PRO PRO A . n 
A 1 150 GLU 150 189 189 GLU GLU A . n 
A 1 151 THR 151 190 190 THR THR A . n 
A 1 152 GLN 152 191 191 GLN GLN A . n 
A 1 153 PHE 153 192 192 PHE PHE A . n 
A 1 154 ILE 154 193 193 ILE ILE A . n 
A 1 155 ALA 155 194 194 ALA ALA A . n 
A 1 156 VAL 156 195 195 VAL VAL A . n 
A 1 157 THR 157 196 196 THR THR A . n 
A 1 158 ALA 158 197 197 ALA ALA A . n 
A 1 159 TYR 159 198 198 TYR TYR A . n 
A 1 160 GLN 160 199 199 GLN GLN A . n 
A 1 161 ASN 161 200 200 ASN ASN A . n 
A 1 162 GLU 162 201 201 GLU GLU A . n 
A 1 163 GLU 163 202 202 GLU GLU A . n 
A 1 164 ILE 164 203 203 ILE ILE A . n 
A 1 165 THR 165 204 204 THR THR A . n 
A 1 166 ALA 166 205 205 ALA ALA A . n 
A 1 167 LEU 167 206 206 LEU LEU A . n 
A 1 168 LYS 168 207 207 LYS LYS A . n 
A 1 169 ILE 169 208 208 ILE ILE A . n 
A 1 170 LYS 170 209 209 LYS LYS A . n 
A 1 171 TYR 171 210 210 TYR TYR A . n 
A 1 172 ASN 172 211 211 ASN ASN A . n 
# 
loop_
_pdbx_nonpoly_scheme.asym_id 
_pdbx_nonpoly_scheme.entity_id 
_pdbx_nonpoly_scheme.mon_id 
_pdbx_nonpoly_scheme.ndb_seq_num 
_pdbx_nonpoly_scheme.pdb_seq_num 
_pdbx_nonpoly_scheme.auth_seq_num 
_pdbx_nonpoly_scheme.pdb_mon_id 
_pdbx_nonpoly_scheme.auth_mon_id 
_pdbx_nonpoly_scheme.pdb_strand_id 
_pdbx_nonpoly_scheme.pdb_ins_code 
B 2 CD  1  301 1  CD  CD  A . 
C 2 CD  1  302 2  CD  CD  A . 
D 2 CD  1  303 3  CD  CD  A . 
E 2 CD  1  304 4  CD  CD  A . 
F 2 CD  1  305 5  CD  CD  A . 
G 3 K1A 1  306 1  K1A LIG A . 
H 4 HOH 1  401 24 HOH HOH A . 
H 4 HOH 2  402 54 HOH HOH A . 
H 4 HOH 3  403 79 HOH HOH A . 
H 4 HOH 4  404 48 HOH HOH A . 
H 4 HOH 5  405 18 HOH HOH A . 
H 4 HOH 6  406 61 HOH HOH A . 
H 4 HOH 7  407 53 HOH HOH A . 
H 4 HOH 8  408 58 HOH HOH A . 
H 4 HOH 9  409 21 HOH HOH A . 
H 4 HOH 10 410 51 HOH HOH A . 
H 4 HOH 11 411 71 HOH HOH A . 
H 4 HOH 12 412 45 HOH HOH A . 
H 4 HOH 13 413 70 HOH HOH A . 
H 4 HOH 14 414 68 HOH HOH A . 
H 4 HOH 15 415 16 HOH HOH A . 
H 4 HOH 16 416 44 HOH HOH A . 
H 4 HOH 17 417 14 HOH HOH A . 
H 4 HOH 18 418 41 HOH HOH A . 
H 4 HOH 19 419 32 HOH HOH A . 
H 4 HOH 20 420 52 HOH HOH A . 
H 4 HOH 21 421 52 HOH HOH A . 
H 4 HOH 22 422 10 HOH HOH A . 
H 4 HOH 23 423 17 HOH HOH A . 
H 4 HOH 24 424 56 HOH HOH A . 
H 4 HOH 25 425 4  HOH HOH A . 
H 4 HOH 26 426 11 HOH HOH A . 
H 4 HOH 27 427 67 HOH HOH A . 
H 4 HOH 28 428 63 HOH HOH A . 
H 4 HOH 29 429 1  HOH HOH A . 
H 4 HOH 30 430 50 HOH HOH A . 
H 4 HOH 31 431 47 HOH HOH A . 
H 4 HOH 32 432 31 HOH HOH A . 
H 4 HOH 33 433 6  HOH HOH A . 
H 4 HOH 34 434 33 HOH HOH A . 
H 4 HOH 35 435 55 HOH HOH A . 
H 4 HOH 36 436 60 HOH HOH A . 
H 4 HOH 37 437 49 HOH HOH A . 
H 4 HOH 38 438 45 HOH HOH A . 
H 4 HOH 39 439 66 HOH HOH A . 
H 4 HOH 40 440 64 HOH HOH A . 
H 4 HOH 41 441 8  HOH HOH A . 
H 4 HOH 42 442 8  HOH HOH A . 
H 4 HOH 43 443 73 HOH HOH A . 
H 4 HOH 44 444 75 HOH HOH A . 
H 4 HOH 45 445 28 HOH HOH A . 
H 4 HOH 46 446 23 HOH HOH A . 
H 4 HOH 47 447 30 HOH HOH A . 
H 4 HOH 48 448 2  HOH HOH A . 
H 4 HOH 49 449 12 HOH HOH A . 
H 4 HOH 50 450 65 HOH HOH A . 
H 4 HOH 51 451 14 HOH HOH A . 
H 4 HOH 52 452 46 HOH HOH A . 
H 4 HOH 53 453 1  HOH HOH A . 
H 4 HOH 54 454 4  HOH HOH A . 
H 4 HOH 55 455 77 HOH HOH A . 
H 4 HOH 56 456 57 HOH HOH A . 
H 4 HOH 57 457 7  HOH HOH A . 
H 4 HOH 58 458 5  HOH HOH A . 
H 4 HOH 59 459 72 HOH HOH A . 
H 4 HOH 60 460 3  HOH HOH A . 
H 4 HOH 61 461 3  HOH HOH A . 
H 4 HOH 62 462 62 HOH HOH A . 
H 4 HOH 63 463 10 HOH HOH A . 
H 4 HOH 64 464 78 HOH HOH A . 
H 4 HOH 65 465 43 HOH HOH A . 
H 4 HOH 66 466 13 HOH HOH A . 
H 4 HOH 67 467 17 HOH HOH A . 
H 4 HOH 68 468 18 HOH HOH A . 
# 
loop_
_pdbx_unobs_or_zero_occ_atoms.id 
_pdbx_unobs_or_zero_occ_atoms.PDB_model_num 
_pdbx_unobs_or_zero_occ_atoms.polymer_flag 
_pdbx_unobs_or_zero_occ_atoms.occupancy_flag 
_pdbx_unobs_or_zero_occ_atoms.auth_asym_id 
_pdbx_unobs_or_zero_occ_atoms.auth_comp_id 
_pdbx_unobs_or_zero_occ_atoms.auth_seq_id 
_pdbx_unobs_or_zero_occ_atoms.PDB_ins_code 
_pdbx_unobs_or_zero_occ_atoms.auth_atom_id 
_pdbx_unobs_or_zero_occ_atoms.label_alt_id 
_pdbx_unobs_or_zero_occ_atoms.label_asym_id 
_pdbx_unobs_or_zero_occ_atoms.label_comp_id 
_pdbx_unobs_or_zero_occ_atoms.label_seq_id 
_pdbx_unobs_or_zero_occ_atoms.label_atom_id 
1 1 Y 1 A ARG 43 ? CG  ? A ARG 4 CG  
2 1 Y 1 A ARG 43 ? CD  ? A ARG 4 CD  
3 1 Y 1 A ARG 43 ? NE  ? A ARG 4 NE  
4 1 Y 1 A ARG 43 ? CZ  ? A ARG 4 CZ  
5 1 Y 1 A ARG 43 ? NH1 ? A ARG 4 NH1 
6 1 Y 1 A ARG 43 ? NH2 ? A ARG 4 NH2 
# 
loop_
_software.pdbx_ordinal 
_software.name 
_software.version 
_software.date 
_software.type 
_software.contact_author 
_software.contact_author_email 
_software.classification 
_software.location 
_software.language 
_software.citation_id 
1 REFMAC      5.8.0238 ?               program 'Garib N. Murshudov' garib@ysbl.york.ac.uk    refinement        
http://www.ccp4.ac.uk/dist/html/refmac5.html        Fortran_77 ? 
2 Aimless     0.7.1    27/03/18        program 'Phil Evans'         ?                        'data scaling'    
http://www.mrc-lmb.cam.ac.uk/harry/pre/aimless.html ?          ? 
3 PDB_EXTRACT 3.23     'SEP. 23, 2016' package PDB                  deposit@deposit.rcsb.org 'data extraction' 
http://sw-tools.pdb.org/apps/PDB_EXTRACT/           C++        ? 
4 XDS         .        ?               program ?                    ?                        'data reduction'  ? ?          ? 
5 REFMAC      .        ?               program ?                    ?                        phasing           ? ?          ? 
# 
_cell.entry_id           5QRM 
_cell.length_a           60.089 
_cell.length_b           60.089 
_cell.length_c           109.982 
_cell.angle_alpha        90.000 
_cell.angle_beta         90.000 
_cell.angle_gamma        90.000 
_cell.Z_PDB              8 
_cell.pdbx_unique_axis   ? 
# 
_symmetry.entry_id                         5QRM 
_symmetry.Int_Tables_number                91 
_symmetry.space_group_name_H-M             'P 41 2 2' 
_symmetry.pdbx_full_space_group_name_H-M   ? 
_symmetry.cell_setting                     ? 
# 
_exptl.crystals_number   1 
_exptl.entry_id          5QRM 
_exptl.method            'X-RAY DIFFRACTION' 
# 
_exptl_crystal.id                    1 
_exptl_crystal.pdbx_mosaicity        0.000 
_exptl_crystal.pdbx_mosaicity_esd    ? 
_exptl_crystal.density_Matthews      2.53 
_exptl_crystal.density_diffrn        ? 
_exptl_crystal.density_meas          ? 
_exptl_crystal.density_meas_temp     ? 
_exptl_crystal.density_percent_sol   51.44 
_exptl_crystal.size_max              ? 
_exptl_crystal.size_mid              ? 
_exptl_crystal.size_min              ? 
_exptl_crystal.size_rad              ? 
_exptl_crystal.description           ? 
# 
_exptl_crystal_grow.crystal_id      1 
_exptl_crystal_grow.method          'VAPOR DIFFUSION, SITTING DROP' 
_exptl_crystal_grow.pH              4.5 
_exptl_crystal_grow.temp            298 
_exptl_crystal_grow.pdbx_details    '0.1 M CdCl, 0.1 M Acetate pH 4.5, 32% PEG 400' 
_exptl_crystal_grow.temp_details    ? 
_exptl_crystal_grow.pdbx_pH_range   ? 
# 
_diffrn.id                     1 
_diffrn.ambient_temp           100 
_diffrn.crystal_id             1 
_diffrn.ambient_temp_details   ? 
# 
_diffrn_detector.detector               PIXEL 
_diffrn_detector.type                   'DECTRIS PILATUS 6M' 
_diffrn_detector.pdbx_collection_date   2018-07-15 
_diffrn_detector.diffrn_id              1 
_diffrn_detector.details                ? 
# 
_diffrn_radiation.diffrn_id                        1 
_diffrn_radiation.wavelength_id                    1 
_diffrn_radiation.pdbx_diffrn_protocol             'SINGLE WAVELENGTH' 
_diffrn_radiation.pdbx_monochromatic_or_laue_m_l   M 
_diffrn_radiation.monochromator                    ? 
_diffrn_radiation.pdbx_scattering_type             x-ray 
# 
_diffrn_radiation_wavelength.id           1 
_diffrn_radiation_wavelength.wavelength   0.91587 
_diffrn_radiation_wavelength.wt           1.0 
# 
_diffrn_source.diffrn_id                   1 
_diffrn_source.source                      SYNCHROTRON 
_diffrn_source.type                        'DIAMOND BEAMLINE I04-1' 
_diffrn_source.pdbx_wavelength_list        0.91587 
_diffrn_source.pdbx_synchrotron_site       Diamond 
_diffrn_source.pdbx_synchrotron_beamline   I04-1 
_diffrn_source.pdbx_wavelength             ? 
# 
_reflns.entry_id                     5QRM 
_reflns.pdbx_diffrn_id               1 
_reflns.pdbx_ordinal                 1 
_reflns.observed_criterion_sigma_I   ? 
_reflns.observed_criterion_sigma_F   ? 
_reflns.d_resolution_low             54.980 
_reflns.d_resolution_high            1.550 
_reflns.number_obs                   30098 
_reflns.number_all                   ? 
_reflns.percent_possible_obs         100.000 
_reflns.pdbx_Rmerge_I_obs            0.101 
_reflns.pdbx_Rsym_value              ? 
_reflns.pdbx_netI_over_sigmaI        14.300 
_reflns.B_iso_Wilson_estimate        ? 
_reflns.pdbx_redundancy              12.200 
_reflns.pdbx_Rrim_I_all              0.105 
_reflns.pdbx_Rpim_I_all              0.030 
_reflns.pdbx_CC_half                 0.991 
_reflns.pdbx_netI_over_av_sigmaI     ? 
_reflns.pdbx_number_measured_all     367185 
_reflns.pdbx_scaling_rejects         329 
_reflns.pdbx_chi_squared             ? 
_reflns.Rmerge_F_all                 ? 
_reflns.Rmerge_F_obs                 ? 
_reflns.observed_criterion_F_max     ? 
_reflns.observed_criterion_F_min     ? 
_reflns.observed_criterion_I_max     ? 
_reflns.observed_criterion_I_min     ? 
_reflns.pdbx_d_res_high_opt          ? 
_reflns.pdbx_d_res_low_opt           ? 
_reflns.details                      ? 
# 
loop_
_reflns_shell.pdbx_diffrn_id 
_reflns_shell.pdbx_ordinal 
_reflns_shell.d_res_high 
_reflns_shell.d_res_low 
_reflns_shell.number_measured_obs 
_reflns_shell.number_measured_all 
_reflns_shell.number_unique_obs 
_reflns_shell.pdbx_rejects 
_reflns_shell.Rmerge_I_obs 
_reflns_shell.meanI_over_sigI_obs 
_reflns_shell.pdbx_Rsym_value 
_reflns_shell.pdbx_chi_squared 
_reflns_shell.pdbx_redundancy 
_reflns_shell.percent_possible_obs 
_reflns_shell.pdbx_netI_over_sigmaI_obs 
_reflns_shell.number_possible 
_reflns_shell.number_unique_all 
_reflns_shell.Rmerge_F_all 
_reflns_shell.Rmerge_F_obs 
_reflns_shell.Rmerge_I_all 
_reflns_shell.meanI_over_sigI_all 
_reflns_shell.percent_possible_all 
_reflns_shell.pdbx_Rrim_I_all 
_reflns_shell.pdbx_Rpim_I_all 
_reflns_shell.pdbx_CC_half 
1 1 1.550 1.590  ? 23051 ? ? 2.101 ? ? ? 10.600 ? 1.200  ? 2170 ? ? ? ? 100.000 2.205 0.664 0.602 
1 2 6.930 54.980 ? 4517  ? ? 0.055 ? ? ? 10.700 ? 41.000 ? 424  ? ? ? ? 99.900  0.059 0.019 0.937 
# 
_refine.entry_id                                 5QRM 
_refine.pdbx_refine_id                           'X-RAY DIFFRACTION' 
_refine.ls_d_res_high                            1.5500 
_refine.ls_d_res_low                             52.7900 
_refine.pdbx_ls_sigma_F                          0.000 
_refine.pdbx_data_cutoff_high_absF               ? 
_refine.pdbx_data_cutoff_low_absF                ? 
_refine.ls_percent_reflns_obs                    99.9000 
_refine.ls_number_reflns_obs                     28547 
_refine.ls_number_reflns_all                     ? 
_refine.pdbx_ls_cross_valid_method               THROUGHOUT 
_refine.ls_matrix_type                           ? 
_refine.pdbx_R_Free_selection_details            RANDOM 
_refine.details                                  
'HYDROGENS HAVE BEEN ADDED IN THE RIDING POSITIONS U VALUES      : REFINED INDIVIDUALLY' 
_refine.ls_R_factor_all                          ? 
_refine.ls_R_factor_obs                          0.2307 
_refine.ls_R_factor_R_work                       0.2302 
_refine.ls_wR_factor_R_work                      ? 
_refine.ls_R_factor_R_free                       0.2402 
_refine.ls_wR_factor_R_free                      ? 
_refine.ls_percent_reflns_R_free                 5.0000 
_refine.ls_number_reflns_R_free                  1492 
_refine.ls_number_reflns_R_work                  ? 
_refine.ls_R_factor_R_free_error                 ? 
_refine.B_iso_mean                               30.2910 
_refine.solvent_model_param_bsol                 ? 
_refine.solvent_model_param_ksol                 ? 
_refine.pdbx_isotropic_thermal_model             ? 
_refine.aniso_B[1][1]                            0.8900 
_refine.aniso_B[2][2]                            0.8900 
_refine.aniso_B[3][3]                            -1.7800 
_refine.aniso_B[1][2]                            0.0000 
_refine.aniso_B[1][3]                            0.0000 
_refine.aniso_B[2][3]                            -0.0000 
_refine.correlation_coeff_Fo_to_Fc               0.9490 
_refine.correlation_coeff_Fo_to_Fc_free          0.9470 
_refine.overall_SU_R_Cruickshank_DPI             ? 
_refine.pdbx_overall_SU_R_free_Cruickshank_DPI   ? 
_refine.pdbx_overall_SU_R_Blow_DPI               ? 
_refine.pdbx_overall_SU_R_free_Blow_DPI          ? 
_refine.overall_SU_R_free                        ? 
_refine.pdbx_overall_ESU_R                       0.0940 
_refine.pdbx_overall_ESU_R_Free                  0.0870 
_refine.overall_SU_ML                            0.0720 
_refine.overall_SU_B                             2.1060 
_refine.solvent_model_details                    MASK 
_refine.pdbx_solvent_vdw_probe_radii             1.2000 
_refine.pdbx_solvent_ion_probe_radii             0.8000 
_refine.pdbx_solvent_shrinkage_radii             0.8000 
_refine.ls_number_parameters                     ? 
_refine.ls_number_restraints                     ? 
_refine.pdbx_starting_model                      6f58 
_refine.pdbx_method_to_determine_struct          'FOURIER SYNTHESIS' 
_refine.pdbx_stereochemistry_target_values       'MAXIMUM LIKELIHOOD' 
_refine.pdbx_stereochem_target_val_spec_case     ? 
_refine.overall_FOM_work_R_set                   ? 
_refine.B_iso_max                                106.260 
_refine.B_iso_min                                10.140 
_refine.pdbx_overall_phase_error                 ? 
_refine.occupancy_max                            ? 
_refine.occupancy_min                            ? 
_refine.pdbx_diffrn_id                           1 
_refine.pdbx_TLS_residual_ADP_flag               ? 
_refine.pdbx_ls_sigma_I                          ? 
_refine.pdbx_data_cutoff_high_rms_absF           ? 
_refine.ls_R_factor_R_free_error_details         ? 
# 
_refine_hist.cycle_id                         final 
_refine_hist.pdbx_refine_id                   'X-RAY DIFFRACTION' 
_refine_hist.d_res_high                       1.5500 
_refine_hist.d_res_low                        52.7900 
_refine_hist.pdbx_number_atoms_ligand         19 
_refine_hist.number_atoms_solvent             68 
_refine_hist.number_atoms_total               1456 
_refine_hist.pdbx_number_residues_total       172 
_refine_hist.pdbx_B_iso_mean_ligand           84.24 
_refine_hist.pdbx_B_iso_mean_solvent          29.32 
_refine_hist.pdbx_number_atoms_protein        1369 
_refine_hist.pdbx_number_atoms_nucleic_acid   0 
# 
loop_
_refine_ls_restr.pdbx_refine_id 
_refine_ls_restr.type 
_refine_ls_restr.number 
_refine_ls_restr.dev_ideal 
_refine_ls_restr.dev_ideal_target 
_refine_ls_restr.weight 
_refine_ls_restr.pdbx_restraint_function 
'X-RAY DIFFRACTION' r_bond_refined_d       1495 0.007  0.013  ? ? 
'X-RAY DIFFRACTION' r_bond_other_d         1338 0.001  0.017  ? ? 
'X-RAY DIFFRACTION' r_angle_refined_deg    1995 1.453  1.673  ? ? 
'X-RAY DIFFRACTION' r_angle_other_deg      3112 1.286  1.592  ? ? 
'X-RAY DIFFRACTION' r_dihedral_angle_1_deg 177  7.409  5.000  ? ? 
'X-RAY DIFFRACTION' r_dihedral_angle_2_deg 71   30.989 22.676 ? ? 
'X-RAY DIFFRACTION' r_dihedral_angle_3_deg 241  17.549 15.000 ? ? 
'X-RAY DIFFRACTION' r_dihedral_angle_4_deg 7    6.835  15.000 ? ? 
'X-RAY DIFFRACTION' r_chiral_restr         179  0.071  0.200  ? ? 
'X-RAY DIFFRACTION' r_gen_planes_refined   1733 0.007  0.020  ? ? 
'X-RAY DIFFRACTION' r_gen_planes_other     300  0.001  0.020  ? ? 
'X-RAY DIFFRACTION' r_mcbond_it            716  2.291  3.029  ? ? 
'X-RAY DIFFRACTION' r_mcbond_other         715  2.292  3.021  ? ? 
'X-RAY DIFFRACTION' r_mcangle_it           883  3.867  4.519  ? ? 
# 
_refine_ls_shell.d_res_high                       1.5500 
_refine_ls_shell.d_res_low                        1.5900 
_refine_ls_shell.pdbx_total_number_of_bins_used   20 
_refine_ls_shell.percent_reflns_obs               99.4000 
_refine_ls_shell.number_reflns_R_work             2044 
_refine_ls_shell.R_factor_all                     ? 
_refine_ls_shell.R_factor_R_work                  0.3240 
_refine_ls_shell.R_factor_R_free                  0.3380 
_refine_ls_shell.percent_reflns_R_free            ? 
_refine_ls_shell.number_reflns_R_free             110 
_refine_ls_shell.R_factor_R_free_error            ? 
_refine_ls_shell.number_reflns_all                2154 
_refine_ls_shell.number_reflns_obs                ? 
_refine_ls_shell.pdbx_refine_id                   'X-RAY DIFFRACTION' 
# 
_struct.entry_id                  5QRM 
_struct.title                     
'PanDDA analysis group deposition -- Crystal Structure of human Brachyury in complex with Z1899842917' 
_struct.pdbx_model_details        ? 
_struct.pdbx_CASP_flag            ? 
_struct.pdbx_model_type_details   ? 
# 
_struct_keywords.entry_id        5QRM 
_struct_keywords.text            'SGC - Diamond I04-1 fragment screening, PanDDA, XChemExplorer, TRANSCRIPTION' 
_struct_keywords.pdbx_keywords   TRANSCRIPTION 
# 
loop_
_struct_asym.id 
_struct_asym.pdbx_blank_PDB_chainid_flag 
_struct_asym.pdbx_modified 
_struct_asym.entity_id 
_struct_asym.details 
A N N 1 ? 
B N N 2 ? 
C N N 2 ? 
D N N 2 ? 
E N N 2 ? 
F N N 2 ? 
G N N 3 ? 
H N N 4 ? 
# 
_struct_ref.id                         1 
_struct_ref.db_name                    UNP 
_struct_ref.db_code                    TBXT_HUMAN 
_struct_ref.pdbx_db_accession          O15178 
_struct_ref.pdbx_db_isoform            ? 
_struct_ref.entity_id                  1 
_struct_ref.pdbx_seq_one_letter_code   
;ELRVGLEESELWLRFKELTNEMIVTKNGRRMFPVLKVNVSGLDPNAMYSFLLDFVAADNHRWKYVNGEWVPGGKPEPQAP
SCVYIHPDSPNFGAHWMKAPVSFSKVKLTNKLNGGGQIMLNSLHKYEPRIHIVRVGGPQRMITSHCFPETQFIAVTAYQN
EEITALKIKYN
;
_struct_ref.pdbx_align_begin           41 
# 
_struct_ref_seq.align_id                      1 
_struct_ref_seq.ref_id                        1 
_struct_ref_seq.pdbx_PDB_id_code              5QRM 
_struct_ref_seq.pdbx_strand_id                A 
_struct_ref_seq.seq_align_beg                 2 
_struct_ref_seq.pdbx_seq_align_beg_ins_code   ? 
_struct_ref_seq.seq_align_end                 172 
_struct_ref_seq.pdbx_seq_align_end_ins_code   ? 
_struct_ref_seq.pdbx_db_accession             O15178 
_struct_ref_seq.db_align_beg                  41 
_struct_ref_seq.pdbx_db_align_beg_ins_code    ? 
_struct_ref_seq.db_align_end                  211 
_struct_ref_seq.pdbx_db_align_end_ins_code    ? 
_struct_ref_seq.pdbx_auth_seq_align_beg       41 
_struct_ref_seq.pdbx_auth_seq_align_end       211 
# 
_struct_ref_seq_dif.align_id                     1 
_struct_ref_seq_dif.pdbx_pdb_id_code             5QRM 
_struct_ref_seq_dif.mon_id                       GLY 
_struct_ref_seq_dif.pdbx_pdb_strand_id           A 
_struct_ref_seq_dif.seq_num                      1 
_struct_ref_seq_dif.pdbx_pdb_ins_code            ? 
_struct_ref_seq_dif.pdbx_seq_db_name             UNP 
_struct_ref_seq_dif.pdbx_seq_db_accession_code   O15178 
_struct_ref_seq_dif.db_mon_id                    ? 
_struct_ref_seq_dif.pdbx_seq_db_seq_num          ? 
_struct_ref_seq_dif.details                      'expression tag' 
_struct_ref_seq_dif.pdbx_auth_seq_num            40 
_struct_ref_seq_dif.pdbx_ordinal                 1 
# 
_pdbx_struct_assembly.id                   1 
_pdbx_struct_assembly.details              author_defined_assembly 
_pdbx_struct_assembly.method_details       ? 
_pdbx_struct_assembly.oligomeric_details   monomeric 
_pdbx_struct_assembly.oligomeric_count     1 
# 
_pdbx_struct_assembly_gen.assembly_id       1 
_pdbx_struct_assembly_gen.oper_expression   1 
_pdbx_struct_assembly_gen.asym_id_list      A,B,C,D,E,F,G,H 
# 
_pdbx_struct_oper_list.id                   1 
_pdbx_struct_oper_list.type                 'identity operation' 
_pdbx_struct_oper_list.name                 1_555 
_pdbx_struct_oper_list.symmetry_operation   x,y,z 
_pdbx_struct_oper_list.matrix[1][1]         1.0000000000 
_pdbx_struct_oper_list.matrix[1][2]         0.0000000000 
_pdbx_struct_oper_list.matrix[1][3]         0.0000000000 
_pdbx_struct_oper_list.vector[1]            0.0000000000 
_pdbx_struct_oper_list.matrix[2][1]         0.0000000000 
_pdbx_struct_oper_list.matrix[2][2]         1.0000000000 
_pdbx_struct_oper_list.matrix[2][3]         0.0000000000 
_pdbx_struct_oper_list.vector[2]            0.0000000000 
_pdbx_struct_oper_list.matrix[3][1]         0.0000000000 
_pdbx_struct_oper_list.matrix[3][2]         0.0000000000 
_pdbx_struct_oper_list.matrix[3][3]         1.0000000000 
_pdbx_struct_oper_list.vector[3]            0.0000000000 
# 
loop_
_struct_conf.conf_type_id 
_struct_conf.id 
_struct_conf.pdbx_PDB_helix_id 
_struct_conf.beg_label_comp_id 
_struct_conf.beg_label_asym_id 
_struct_conf.beg_label_seq_id 
_struct_conf.pdbx_beg_PDB_ins_code 
_struct_conf.end_label_comp_id 
_struct_conf.end_label_asym_id 
_struct_conf.end_label_seq_id 
_struct_conf.pdbx_end_PDB_ins_code 
_struct_conf.beg_auth_comp_id 
_struct_conf.beg_auth_asym_id 
_struct_conf.beg_auth_seq_id 
_struct_conf.end_auth_comp_id 
_struct_conf.end_auth_asym_id 
_struct_conf.end_auth_seq_id 
_struct_conf.pdbx_PDB_helix_class 
_struct_conf.details 
_struct_conf.pdbx_PDB_helix_length 
HELX_P HELX_P1 AA1 GLU A 9   ? LEU A 19  ? GLU A 48  LEU A 58  1 ? 11 
HELX_P HELX_P2 AA2 GLY A 94  ? LYS A 99  ? GLY A 133 LYS A 138 1 ? 6  
HELX_P HELX_P3 AA3 PRO A 149 ? GLN A 152 ? PRO A 188 GLN A 191 5 ? 4  
HELX_P HELX_P4 AA4 ASN A 161 ? ASN A 172 ? ASN A 200 ASN A 211 1 ? 12 
# 
_struct_conf_type.id          HELX_P 
_struct_conf_type.criteria    ? 
_struct_conf_type.reference   ? 
# 
loop_
_struct_conn.id 
_struct_conn.conn_type_id 
_struct_conn.pdbx_leaving_atom_flag 
_struct_conn.pdbx_PDB_id 
_struct_conn.ptnr1_label_asym_id 
_struct_conn.ptnr1_label_comp_id 
_struct_conn.ptnr1_label_seq_id 
_struct_conn.ptnr1_label_atom_id 
_struct_conn.pdbx_ptnr1_label_alt_id 
_struct_conn.pdbx_ptnr1_PDB_ins_code 
_struct_conn.pdbx_ptnr1_standard_comp_id 
_struct_conn.ptnr1_symmetry 
_struct_conn.ptnr2_label_asym_id 
_struct_conn.ptnr2_label_comp_id 
_struct_conn.ptnr2_label_seq_id 
_struct_conn.ptnr2_label_atom_id 
_struct_conn.pdbx_ptnr2_label_alt_id 
_struct_conn.pdbx_ptnr2_PDB_ins_code 
_struct_conn.ptnr1_auth_asym_id 
_struct_conn.ptnr1_auth_comp_id 
_struct_conn.ptnr1_auth_seq_id 
_struct_conn.ptnr2_auth_asym_id 
_struct_conn.ptnr2_auth_comp_id 
_struct_conn.ptnr2_auth_seq_id 
_struct_conn.ptnr2_symmetry 
_struct_conn.pdbx_ptnr3_label_atom_id 
_struct_conn.pdbx_ptnr3_label_seq_id 
_struct_conn.pdbx_ptnr3_label_comp_id 
_struct_conn.pdbx_ptnr3_label_asym_id 
_struct_conn.pdbx_ptnr3_label_alt_id 
_struct_conn.pdbx_ptnr3_PDB_ins_code 
_struct_conn.details 
_struct_conn.pdbx_dist_value 
_struct_conn.pdbx_value_order 
_struct_conn.pdbx_role 
metalc1  metalc ? ? A HIS 61  NE2 ? ? ? 1_555 E CD  . CD ? ? A HIS 100 A CD  304 1_555 ? ? ? ? ? ? ? 2.176 ? ? 
metalc2  metalc ? ? A CYS 83  SG  ? ? ? 1_555 D CD  . CD ? ? A CYS 122 A CD  303 1_555 ? ? ? ? ? ? ? 2.592 ? ? 
metalc3  metalc ? ? A CYS 83  SG  ? ? ? 1_555 F CD  . CD ? ? A CYS 122 A CD  305 1_555 ? ? ? ? ? ? ? 2.531 ? ? 
metalc4  metalc ? ? A GLU 128 OE1 ? ? ? 1_555 B CD  . CD ? ? A GLU 167 A CD  301 1_555 ? ? ? ? ? ? ? 2.362 ? ? 
metalc5  metalc ? ? A GLU 128 OE1 ? ? ? 1_555 B CD  . CD ? ? A GLU 167 A CD  301 5_655 ? ? ? ? ? ? ? 2.363 ? ? 
metalc6  metalc ? ? A GLU 128 OE1 ? ? ? 1_555 C CD  . CD ? ? A GLU 167 A CD  302 1_555 ? ? ? ? ? ? ? 2.680 ? ? 
metalc7  metalc ? ? A GLU 128 OE2 ? ? ? 1_555 C CD  . CD ? ? A GLU 167 A CD  302 1_555 ? ? ? ? ? ? ? 2.188 ? ? 
metalc8  metalc ? ? A CYS 147 SG  A ? ? 1_555 B CD  . CD ? ? A CYS 186 A CD  301 1_555 ? ? ? ? ? ? ? 2.469 ? ? 
metalc9  metalc ? ? A CYS 147 SG  B ? ? 1_555 B CD  . CD ? ? A CYS 186 A CD  301 1_555 ? ? ? ? ? ? ? 2.589 ? ? 
metalc10 metalc ? ? A CYS 147 SG  A ? ? 1_555 B CD  . CD ? ? A CYS 186 A CD  301 5_655 ? ? ? ? ? ? ? 2.469 ? ? 
metalc11 metalc ? ? A CYS 147 SG  B ? ? 1_555 B CD  . CD ? ? A CYS 186 A CD  301 5_655 ? ? ? ? ? ? ? 2.589 ? ? 
metalc12 metalc ? ? A CYS 147 SG  A ? ? 1_555 C CD  . CD ? ? A CYS 186 A CD  302 5_655 ? ? ? ? ? ? ? 2.471 ? ? 
metalc13 metalc ? ? A CYS 147 SG  B ? ? 1_555 C CD  . CD ? ? A CYS 186 A CD  302 5_655 ? ? ? ? ? ? ? 2.405 ? ? 
metalc14 metalc ? ? B CD  .   CD  ? ? ? 1_555 H HOH . O  ? ? A CD  301 A HOH 453 1_555 ? ? ? ? ? ? ? 2.452 ? ? 
metalc15 metalc ? ? B CD  .   CD  ? ? ? 1_555 H HOH . O  ? ? A CD  301 A HOH 453 5_655 ? ? ? ? ? ? ? 2.452 ? ? 
metalc16 metalc ? ? C CD  .   CD  ? ? ? 1_555 H HOH . O  ? ? A CD  302 A HOH 454 5_655 ? ? ? ? ? ? ? 2.531 ? ? 
metalc17 metalc ? ? C CD  .   CD  ? ? ? 1_555 H HOH . O  ? ? A CD  302 A HOH 461 1_555 ? ? ? ? ? ? ? 2.506 ? ? 
metalc18 metalc ? ? D CD  .   CD  ? ? ? 1_555 H HOH . O  ? ? A CD  303 A HOH 446 1_555 ? ? ? ? ? ? ? 2.694 ? ? 
metalc19 metalc ? ? D CD  .   CD  ? ? ? 1_555 H HOH . O  ? ? A CD  303 A HOH 455 1_555 ? ? ? ? ? ? ? 2.352 ? ? 
metalc20 metalc ? ? D CD  .   CD  ? ? ? 1_555 H HOH . O  ? ? A CD  303 A HOH 467 1_555 ? ? ? ? ? ? ? 2.663 ? ? 
metalc21 metalc ? ? E CD  .   CD  ? ? ? 1_555 H HOH . O  ? ? A CD  304 A HOH 456 1_555 ? ? ? ? ? ? ? 2.462 ? ? 
metalc22 metalc ? ? E CD  .   CD  ? ? ? 1_555 H HOH . O  ? ? A CD  304 A HOH 457 1_555 ? ? ? ? ? ? ? 2.496 ? ? 
metalc23 metalc ? ? E CD  .   CD  ? ? ? 1_555 H HOH . O  ? ? A CD  304 A HOH 458 1_555 ? ? ? ? ? ? ? 2.445 ? ? 
metalc24 metalc ? ? F CD  .   CD  ? ? ? 1_555 H HOH . O  ? ? A CD  305 A HOH 449 1_555 ? ? ? ? ? ? ? 2.543 ? ? 
metalc25 metalc ? ? F CD  .   CD  ? ? ? 1_555 H HOH . O  ? ? A CD  305 A HOH 468 1_555 ? ? ? ? ? ? ? 2.457 ? ? 
# 
_struct_conn_type.id          metalc 
_struct_conn_type.criteria    ? 
_struct_conn_type.reference   ? 
# 
loop_
_pdbx_struct_conn_angle.id 
_pdbx_struct_conn_angle.ptnr1_label_atom_id 
_pdbx_struct_conn_angle.ptnr1_label_alt_id 
_pdbx_struct_conn_angle.ptnr1_label_asym_id 
_pdbx_struct_conn_angle.ptnr1_label_comp_id 
_pdbx_struct_conn_angle.ptnr1_label_seq_id 
_pdbx_struct_conn_angle.ptnr1_auth_atom_id 
_pdbx_struct_conn_angle.ptnr1_auth_asym_id 
_pdbx_struct_conn_angle.ptnr1_auth_comp_id 
_pdbx_struct_conn_angle.ptnr1_auth_seq_id 
_pdbx_struct_conn_angle.ptnr1_PDB_ins_code 
_pdbx_struct_conn_angle.ptnr1_symmetry 
_pdbx_struct_conn_angle.ptnr2_label_atom_id 
_pdbx_struct_conn_angle.ptnr2_label_alt_id 
_pdbx_struct_conn_angle.ptnr2_label_asym_id 
_pdbx_struct_conn_angle.ptnr2_label_comp_id 
_pdbx_struct_conn_angle.ptnr2_label_seq_id 
_pdbx_struct_conn_angle.ptnr2_auth_atom_id 
_pdbx_struct_conn_angle.ptnr2_auth_asym_id 
_pdbx_struct_conn_angle.ptnr2_auth_comp_id 
_pdbx_struct_conn_angle.ptnr2_auth_seq_id 
_pdbx_struct_conn_angle.ptnr2_PDB_ins_code 
_pdbx_struct_conn_angle.ptnr2_symmetry 
_pdbx_struct_conn_angle.ptnr3_label_atom_id 
_pdbx_struct_conn_angle.ptnr3_label_alt_id 
_pdbx_struct_conn_angle.ptnr3_label_asym_id 
_pdbx_struct_conn_angle.ptnr3_label_comp_id 
_pdbx_struct_conn_angle.ptnr3_label_seq_id 
_pdbx_struct_conn_angle.ptnr3_auth_atom_id 
_pdbx_struct_conn_angle.ptnr3_auth_asym_id 
_pdbx_struct_conn_angle.ptnr3_auth_comp_id 
_pdbx_struct_conn_angle.ptnr3_auth_seq_id 
_pdbx_struct_conn_angle.ptnr3_PDB_ins_code 
_pdbx_struct_conn_angle.ptnr3_symmetry 
_pdbx_struct_conn_angle.value 
_pdbx_struct_conn_angle.value_esd 
1  NE2 ? A HIS 61  ? A HIS 100 ? 1_555 CD ? E CD . ? A CD 304 ? 1_555 O   ? H HOH .   ? A HOH 456 ? 1_555 95.7  ? 
2  NE2 ? A HIS 61  ? A HIS 100 ? 1_555 CD ? E CD . ? A CD 304 ? 1_555 O   ? H HOH .   ? A HOH 457 ? 1_555 103.3 ? 
3  O   ? H HOH .   ? A HOH 456 ? 1_555 CD ? E CD . ? A CD 304 ? 1_555 O   ? H HOH .   ? A HOH 457 ? 1_555 148.3 ? 
4  NE2 ? A HIS 61  ? A HIS 100 ? 1_555 CD ? E CD . ? A CD 304 ? 1_555 O   ? H HOH .   ? A HOH 458 ? 1_555 113.2 ? 
5  O   ? H HOH .   ? A HOH 456 ? 1_555 CD ? E CD . ? A CD 304 ? 1_555 O   ? H HOH .   ? A HOH 458 ? 1_555 82.6  ? 
6  O   ? H HOH .   ? A HOH 457 ? 1_555 CD ? E CD . ? A CD 304 ? 1_555 O   ? H HOH .   ? A HOH 458 ? 1_555 111.8 ? 
7  SG  ? A CYS 83  ? A CYS 122 ? 1_555 CD ? D CD . ? A CD 303 ? 1_555 O   ? H HOH .   ? A HOH 446 ? 1_555 107.9 ? 
8  SG  ? A CYS 83  ? A CYS 122 ? 1_555 CD ? D CD . ? A CD 303 ? 1_555 O   ? H HOH .   ? A HOH 455 ? 1_555 90.8  ? 
9  O   ? H HOH .   ? A HOH 446 ? 1_555 CD ? D CD . ? A CD 303 ? 1_555 O   ? H HOH .   ? A HOH 455 ? 1_555 83.1  ? 
10 SG  ? A CYS 83  ? A CYS 122 ? 1_555 CD ? D CD . ? A CD 303 ? 1_555 O   ? H HOH .   ? A HOH 467 ? 1_555 91.4  ? 
11 O   ? H HOH .   ? A HOH 446 ? 1_555 CD ? D CD . ? A CD 303 ? 1_555 O   ? H HOH .   ? A HOH 467 ? 1_555 87.8  ? 
12 O   ? H HOH .   ? A HOH 455 ? 1_555 CD ? D CD . ? A CD 303 ? 1_555 O   ? H HOH .   ? A HOH 467 ? 1_555 171.0 ? 
13 SG  ? A CYS 83  ? A CYS 122 ? 1_555 CD ? F CD . ? A CD 305 ? 1_555 O   ? H HOH .   ? A HOH 449 ? 1_555 98.0  ? 
14 SG  ? A CYS 83  ? A CYS 122 ? 1_555 CD ? F CD . ? A CD 305 ? 1_555 O   ? H HOH .   ? A HOH 468 ? 1_555 90.9  ? 
15 O   ? H HOH .   ? A HOH 449 ? 1_555 CD ? F CD . ? A CD 305 ? 1_555 O   ? H HOH .   ? A HOH 468 ? 1_555 171.1 ? 
16 OE1 ? A GLU 128 ? A GLU 167 ? 1_555 CD ? B CD . ? A CD 301 ? 1_555 OE1 ? A GLU 128 ? A GLU 167 ? 1_555 0.0   ? 
17 OE1 ? A GLU 128 ? A GLU 167 ? 1_555 CD ? B CD . ? A CD 301 ? 1_555 SG  A A CYS 147 ? A CYS 186 ? 1_555 94.8  ? 
18 OE1 ? A GLU 128 ? A GLU 167 ? 1_555 CD ? B CD . ? A CD 301 ? 1_555 SG  A A CYS 147 ? A CYS 186 ? 1_555 94.8  ? 
19 OE1 ? A GLU 128 ? A GLU 167 ? 1_555 CD ? B CD . ? A CD 301 ? 1_555 SG  B A CYS 147 ? A CYS 186 ? 1_555 89.7  ? 
20 OE1 ? A GLU 128 ? A GLU 167 ? 1_555 CD ? B CD . ? A CD 301 ? 1_555 SG  B A CYS 147 ? A CYS 186 ? 1_555 89.7  ? 
21 SG  A A CYS 147 ? A CYS 186 ? 1_555 CD ? B CD . ? A CD 301 ? 1_555 SG  B A CYS 147 ? A CYS 186 ? 1_555 37.0  ? 
22 OE1 ? A GLU 128 ? A GLU 167 ? 1_555 CD ? B CD . ? A CD 301 ? 1_555 SG  A A CYS 147 ? A CYS 186 ? 1_555 94.8  ? 
23 OE1 ? A GLU 128 ? A GLU 167 ? 1_555 CD ? B CD . ? A CD 301 ? 1_555 SG  A A CYS 147 ? A CYS 186 ? 1_555 94.8  ? 
24 SG  A A CYS 147 ? A CYS 186 ? 1_555 CD ? B CD . ? A CD 301 ? 1_555 SG  A A CYS 147 ? A CYS 186 ? 1_555 0.0   ? 
25 SG  B A CYS 147 ? A CYS 186 ? 1_555 CD ? B CD . ? A CD 301 ? 1_555 SG  A A CYS 147 ? A CYS 186 ? 1_555 37.0  ? 
26 OE1 ? A GLU 128 ? A GLU 167 ? 1_555 CD ? B CD . ? A CD 301 ? 1_555 SG  B A CYS 147 ? A CYS 186 ? 1_555 89.7  ? 
27 OE1 ? A GLU 128 ? A GLU 167 ? 1_555 CD ? B CD . ? A CD 301 ? 1_555 SG  B A CYS 147 ? A CYS 186 ? 1_555 89.7  ? 
28 SG  A A CYS 147 ? A CYS 186 ? 1_555 CD ? B CD . ? A CD 301 ? 1_555 SG  B A CYS 147 ? A CYS 186 ? 1_555 37.0  ? 
29 SG  B A CYS 147 ? A CYS 186 ? 1_555 CD ? B CD . ? A CD 301 ? 1_555 SG  B A CYS 147 ? A CYS 186 ? 1_555 0.0   ? 
30 SG  A A CYS 147 ? A CYS 186 ? 1_555 CD ? B CD . ? A CD 301 ? 1_555 SG  B A CYS 147 ? A CYS 186 ? 1_555 37.0  ? 
31 OE1 ? A GLU 128 ? A GLU 167 ? 1_555 CD ? B CD . ? A CD 301 ? 1_555 O   ? H HOH .   ? A HOH 453 ? 1_555 87.0  ? 
32 OE1 ? A GLU 128 ? A GLU 167 ? 1_555 CD ? B CD . ? A CD 301 ? 1_555 O   ? H HOH .   ? A HOH 453 ? 1_555 87.0  ? 
33 SG  A A CYS 147 ? A CYS 186 ? 1_555 CD ? B CD . ? A CD 301 ? 1_555 O   ? H HOH .   ? A HOH 453 ? 1_555 74.4  ? 
34 SG  B A CYS 147 ? A CYS 186 ? 1_555 CD ? B CD . ? A CD 301 ? 1_555 O   ? H HOH .   ? A HOH 453 ? 1_555 110.8 ? 
35 SG  A A CYS 147 ? A CYS 186 ? 1_555 CD ? B CD . ? A CD 301 ? 1_555 O   ? H HOH .   ? A HOH 453 ? 1_555 74.4  ? 
36 SG  B A CYS 147 ? A CYS 186 ? 1_555 CD ? B CD . ? A CD 301 ? 1_555 O   ? H HOH .   ? A HOH 453 ? 1_555 110.8 ? 
37 OE1 ? A GLU 128 ? A GLU 167 ? 1_555 CD ? B CD . ? A CD 301 ? 1_555 O   ? H HOH .   ? A HOH 453 ? 5_655 98.6  ? 
38 OE1 ? A GLU 128 ? A GLU 167 ? 1_555 CD ? B CD . ? A CD 301 ? 1_555 O   ? H HOH .   ? A HOH 453 ? 5_655 98.6  ? 
39 SG  A A CYS 147 ? A CYS 186 ? 1_555 CD ? B CD . ? A CD 301 ? 1_555 O   ? H HOH .   ? A HOH 453 ? 5_655 119.9 ? 
40 SG  B A CYS 147 ? A CYS 186 ? 1_555 CD ? B CD . ? A CD 301 ? 1_555 O   ? H HOH .   ? A HOH 453 ? 5_655 156.6 ? 
41 SG  A A CYS 147 ? A CYS 186 ? 1_555 CD ? B CD . ? A CD 301 ? 1_555 O   ? H HOH .   ? A HOH 453 ? 5_655 119.9 ? 
42 SG  B A CYS 147 ? A CYS 186 ? 1_555 CD ? B CD . ? A CD 301 ? 1_555 O   ? H HOH .   ? A HOH 453 ? 5_655 156.6 ? 
43 O   ? H HOH .   ? A HOH 453 ? 1_555 CD ? B CD . ? A CD 301 ? 1_555 O   ? H HOH .   ? A HOH 453 ? 5_655 48.4  ? 
44 OE1 ? A GLU 128 ? A GLU 167 ? 1_555 CD ? C CD . ? A CD 302 ? 1_555 OE2 ? A GLU 128 ? A GLU 167 ? 1_555 53.6  ? 
45 OE1 ? A GLU 128 ? A GLU 167 ? 1_555 CD ? C CD . ? A CD 302 ? 1_555 SG  A A CYS 147 ? A CYS 186 ? 1_555 31.3  ? 
46 OE2 ? A GLU 128 ? A GLU 167 ? 1_555 CD ? C CD . ? A CD 302 ? 1_555 SG  A A CYS 147 ? A CYS 186 ? 1_555 74.9  ? 
47 OE1 ? A GLU 128 ? A GLU 167 ? 1_555 CD ? C CD . ? A CD 302 ? 1_555 SG  B A CYS 147 ? A CYS 186 ? 1_555 44.1  ? 
48 OE2 ? A GLU 128 ? A GLU 167 ? 1_555 CD ? C CD . ? A CD 302 ? 1_555 SG  B A CYS 147 ? A CYS 186 ? 1_555 76.5  ? 
49 SG  A A CYS 147 ? A CYS 186 ? 1_555 CD ? C CD . ? A CD 302 ? 1_555 SG  B A CYS 147 ? A CYS 186 ? 1_555 16.1  ? 
50 OE1 ? A GLU 128 ? A GLU 167 ? 1_555 CD ? C CD . ? A CD 302 ? 1_555 O   ? H HOH .   ? A HOH 454 ? 5_655 143.4 ? 
51 OE2 ? A GLU 128 ? A GLU 167 ? 1_555 CD ? C CD . ? A CD 302 ? 1_555 O   ? H HOH .   ? A HOH 454 ? 5_655 102.0 ? 
52 SG  A A CYS 147 ? A CYS 186 ? 1_555 CD ? C CD . ? A CD 302 ? 1_555 O   ? H HOH .   ? A HOH 454 ? 5_655 125.4 ? 
53 SG  B A CYS 147 ? A CYS 186 ? 1_555 CD ? C CD . ? A CD 302 ? 1_555 O   ? H HOH .   ? A HOH 454 ? 5_655 109.3 ? 
54 OE1 ? A GLU 128 ? A GLU 167 ? 1_555 CD ? C CD . ? A CD 302 ? 1_555 O   ? H HOH .   ? A HOH 461 ? 1_555 107.2 ? 
55 OE2 ? A GLU 128 ? A GLU 167 ? 1_555 CD ? C CD . ? A CD 302 ? 1_555 O   ? H HOH .   ? A HOH 461 ? 1_555 105.2 ? 
56 SG  A A CYS 147 ? A CYS 186 ? 1_555 CD ? C CD . ? A CD 302 ? 1_555 O   ? H HOH .   ? A HOH 461 ? 1_555 128.3 ? 
57 SG  B A CYS 147 ? A CYS 186 ? 1_555 CD ? C CD . ? A CD 302 ? 1_555 O   ? H HOH .   ? A HOH 461 ? 1_555 143.9 ? 
58 O   ? H HOH .   ? A HOH 454 ? 5_655 CD ? C CD . ? A CD 302 ? 1_555 O   ? H HOH .   ? A HOH 461 ? 1_555 105.5 ? 
# 
loop_
_struct_mon_prot_cis.pdbx_id 
_struct_mon_prot_cis.label_comp_id 
_struct_mon_prot_cis.label_seq_id 
_struct_mon_prot_cis.label_asym_id 
_struct_mon_prot_cis.label_alt_id 
_struct_mon_prot_cis.pdbx_PDB_ins_code 
_struct_mon_prot_cis.auth_comp_id 
_struct_mon_prot_cis.auth_seq_id 
_struct_mon_prot_cis.auth_asym_id 
_struct_mon_prot_cis.pdbx_label_comp_id_2 
_struct_mon_prot_cis.pdbx_label_seq_id_2 
_struct_mon_prot_cis.pdbx_label_asym_id_2 
_struct_mon_prot_cis.pdbx_PDB_ins_code_2 
_struct_mon_prot_cis.pdbx_auth_comp_id_2 
_struct_mon_prot_cis.pdbx_auth_seq_id_2 
_struct_mon_prot_cis.pdbx_auth_asym_id_2 
_struct_mon_prot_cis.pdbx_PDB_model_num 
_struct_mon_prot_cis.pdbx_omega_angle 
1 PHE 33 A . ? PHE 72  A PRO 34 A ? PRO 73  A 1 -6.60  
2 SER 90 A . ? SER 129 A PRO 91 A ? PRO 130 A 1 -13.20 
# 
loop_
_struct_sheet.id 
_struct_sheet.type 
_struct_sheet.number_strands 
_struct_sheet.details 
AA1 ? 3 ? 
AA2 ? 5 ? 
AA3 ? 4 ? 
AA4 ? 3 ? 
AA5 ? 2 ? 
# 
loop_
_struct_sheet_order.sheet_id 
_struct_sheet_order.range_id_1 
_struct_sheet_order.range_id_2 
_struct_sheet_order.offset 
_struct_sheet_order.sense 
AA1 1 2 ? anti-parallel 
AA1 2 3 ? anti-parallel 
AA2 1 2 ? parallel      
AA2 2 3 ? anti-parallel 
AA2 3 4 ? anti-parallel 
AA2 4 5 ? anti-parallel 
AA3 1 2 ? anti-parallel 
AA3 2 3 ? anti-parallel 
AA3 3 4 ? anti-parallel 
AA4 1 2 ? anti-parallel 
AA4 2 3 ? parallel      
AA5 1 2 ? anti-parallel 
# 
loop_
_struct_sheet_range.sheet_id 
_struct_sheet_range.id 
_struct_sheet_range.beg_label_comp_id 
_struct_sheet_range.beg_label_asym_id 
_struct_sheet_range.beg_label_seq_id 
_struct_sheet_range.pdbx_beg_PDB_ins_code 
_struct_sheet_range.end_label_comp_id 
_struct_sheet_range.end_label_asym_id 
_struct_sheet_range.end_label_seq_id 
_struct_sheet_range.pdbx_end_PDB_ins_code 
_struct_sheet_range.beg_auth_comp_id 
_struct_sheet_range.beg_auth_asym_id 
_struct_sheet_range.beg_auth_seq_id 
_struct_sheet_range.end_auth_comp_id 
_struct_sheet_range.end_auth_asym_id 
_struct_sheet_range.end_auth_seq_id 
AA1 1 ARG A 4   ? LEU A 7   ? ARG A 43  LEU A 46  
AA1 2 LYS A 37  ? SER A 41  ? LYS A 76  SER A 80  
AA1 3 VAL A 102 ? SER A 103 ? VAL A 141 SER A 142 
AA2 1 GLU A 22  ? ILE A 24  ? GLU A 61  ILE A 63  
AA2 2 PHE A 153 ? VAL A 156 ? PHE A 192 VAL A 195 
AA2 3 LYS A 126 ? VAL A 136 ? LYS A 165 VAL A 175 
AA2 4 MET A 48  ? ALA A 57  ? MET A 87  ALA A 96  
AA2 5 ASN A 92  ? PHE A 93  ? ASN A 131 PHE A 132 
AA3 1 TYR A 85  ? ILE A 86  ? TYR A 124 ILE A 125 
AA3 2 MET A 48  ? ALA A 57  ? MET A 87  ALA A 96  
AA3 3 LYS A 126 ? VAL A 136 ? LYS A 165 VAL A 175 
AA3 4 MET A 142 ? CYS A 147 ? MET A 181 CYS A 186 
AA4 1 ARG A 30  ? ARG A 31  ? ARG A 69  ARG A 70  
AA4 2 LYS A 108 ? THR A 110 ? LYS A 147 THR A 149 
AA4 3 ILE A 119 ? MET A 120 ? ILE A 158 MET A 159 
AA5 1 TRP A 63  ? VAL A 66  ? TRP A 102 VAL A 105 
AA5 2 GLU A 69  ? PRO A 72  ? GLU A 108 PRO A 111 
# 
loop_
_pdbx_struct_sheet_hbond.sheet_id 
_pdbx_struct_sheet_hbond.range_id_1 
_pdbx_struct_sheet_hbond.range_id_2 
_pdbx_struct_sheet_hbond.range_1_label_atom_id 
_pdbx_struct_sheet_hbond.range_1_label_comp_id 
_pdbx_struct_sheet_hbond.range_1_label_asym_id 
_pdbx_struct_sheet_hbond.range_1_label_seq_id 
_pdbx_struct_sheet_hbond.range_1_PDB_ins_code 
_pdbx_struct_sheet_hbond.range_1_auth_atom_id 
_pdbx_struct_sheet_hbond.range_1_auth_comp_id 
_pdbx_struct_sheet_hbond.range_1_auth_asym_id 
_pdbx_struct_sheet_hbond.range_1_auth_seq_id 
_pdbx_struct_sheet_hbond.range_2_label_atom_id 
_pdbx_struct_sheet_hbond.range_2_label_comp_id 
_pdbx_struct_sheet_hbond.range_2_label_asym_id 
_pdbx_struct_sheet_hbond.range_2_label_seq_id 
_pdbx_struct_sheet_hbond.range_2_PDB_ins_code 
_pdbx_struct_sheet_hbond.range_2_auth_atom_id 
_pdbx_struct_sheet_hbond.range_2_auth_comp_id 
_pdbx_struct_sheet_hbond.range_2_auth_asym_id 
_pdbx_struct_sheet_hbond.range_2_auth_seq_id 
AA1 1 2 N GLY A 6   ? N GLY A 45  O ASN A 39  ? O ASN A 78  
AA1 2 3 N VAL A 38  ? N VAL A 77  O VAL A 102 ? O VAL A 141 
AA2 1 2 N MET A 23  ? N MET A 62  O VAL A 156 ? O VAL A 195 
AA2 2 3 O PHE A 153 ? O PHE A 192 N TYR A 127 ? N TYR A 166 
AA2 3 4 O ARG A 130 ? O ARG A 169 N ASP A 54  ? N ASP A 93  
AA2 4 5 N TYR A 49  ? N TYR A 88  O ASN A 92  ? O ASN A 131 
AA3 1 2 O TYR A 85  ? O TYR A 124 N LEU A 53  ? N LEU A 92  
AA3 2 3 N ASP A 54  ? N ASP A 93  O ARG A 130 ? O ARG A 169 
AA3 3 4 N ILE A 133 ? N ILE A 172 O THR A 144 ? O THR A 183 
AA4 1 2 N ARG A 30  ? N ARG A 69  O LEU A 109 ? O LEU A 148 
AA4 2 3 N LYS A 108 ? N LYS A 147 O ILE A 119 ? O ILE A 158 
AA5 1 2 N VAL A 66  ? N VAL A 105 O GLU A 69  ? O GLU A 108 
# 
loop_
_struct_site.id 
_struct_site.pdbx_evidence_code 
_struct_site.pdbx_auth_asym_id 
_struct_site.pdbx_auth_comp_id 
_struct_site.pdbx_auth_seq_id 
_struct_site.pdbx_auth_ins_code 
_struct_site.pdbx_num_residues 
_struct_site.details 
AC1 Software A CD  301 ? 8 'binding site for residue CD A 301'  
AC2 Software A CD  302 ? 6 'binding site for residue CD A 302'  
AC3 Software A CD  303 ? 4 'binding site for residue CD A 303'  
AC4 Software A CD  304 ? 5 'binding site for residue CD A 304'  
AC5 Software A CD  305 ? 4 'binding site for residue CD A 305'  
AC6 Software A K1A 306 ? 6 'binding site for residue K1A A 306' 
# 
loop_
_struct_site_gen.id 
_struct_site_gen.site_id 
_struct_site_gen.pdbx_num_res 
_struct_site_gen.label_comp_id 
_struct_site_gen.label_asym_id 
_struct_site_gen.label_seq_id 
_struct_site_gen.pdbx_auth_ins_code 
_struct_site_gen.auth_comp_id 
_struct_site_gen.auth_asym_id 
_struct_site_gen.auth_seq_id 
_struct_site_gen.label_atom_id 
_struct_site_gen.label_alt_id 
_struct_site_gen.symmetry 
_struct_site_gen.details 
1  AC1 8 GLU A 128 ? GLU A 167 . ? 1_555 ? 
2  AC1 8 GLU A 128 ? GLU A 167 . ? 5_655 ? 
3  AC1 8 CYS A 147 ? CYS A 186 . ? 1_555 ? 
4  AC1 8 CYS A 147 ? CYS A 186 . ? 5_655 ? 
5  AC1 8 CD  C .   ? CD  A 302 . ? 5_655 ? 
6  AC1 8 CD  C .   ? CD  A 302 . ? 1_555 ? 
7  AC1 8 HOH H .   ? HOH A 453 . ? 5_655 ? 
8  AC1 8 HOH H .   ? HOH A 453 . ? 1_555 ? 
9  AC2 6 GLU A 128 ? GLU A 167 . ? 1_555 ? 
10 AC2 6 CYS A 147 ? CYS A 186 . ? 5_655 ? 
11 AC2 6 CD  B .   ? CD  A 301 . ? 5_655 ? 
12 AC2 6 CD  B .   ? CD  A 301 . ? 1_555 ? 
13 AC2 6 HOH H .   ? HOH A 454 . ? 5_655 ? 
14 AC2 6 HOH H .   ? HOH A 461 . ? 1_555 ? 
15 AC3 4 CYS A 83  ? CYS A 122 . ? 1_555 ? 
16 AC3 4 HOH H .   ? HOH A 446 . ? 1_555 ? 
17 AC3 4 HOH H .   ? HOH A 455 . ? 1_555 ? 
18 AC3 4 HOH H .   ? HOH A 467 . ? 1_555 ? 
19 AC4 5 LEU A 52  ? LEU A 91  . ? 5_655 ? 
20 AC4 5 HIS A 61  ? HIS A 100 . ? 1_555 ? 
21 AC4 5 HOH H .   ? HOH A 456 . ? 1_555 ? 
22 AC4 5 HOH H .   ? HOH A 457 . ? 1_555 ? 
23 AC4 5 HOH H .   ? HOH A 458 . ? 1_555 ? 
24 AC5 4 CYS A 83  ? CYS A 122 . ? 1_555 ? 
25 AC5 4 HOH H .   ? HOH A 449 . ? 1_555 ? 
26 AC5 4 HOH H .   ? HOH A 467 . ? 1_555 ? 
27 AC5 4 HOH H .   ? HOH A 468 . ? 1_555 ? 
28 AC6 6 TYR A 159 ? TYR A 198 . ? 1_555 ? 
29 AC6 6 GLN A 160 ? GLN A 199 . ? 1_555 ? 
30 AC6 6 GLU A 162 ? GLU A 201 . ? 1_555 ? 
31 AC6 6 THR A 165 ? THR A 204 . ? 1_555 ? 
32 AC6 6 ILE A 169 ? ILE A 208 . ? 5_555 ? 
33 AC6 6 ASN A 172 ? ASN A 211 . ? 5_555 ? 
# 
loop_
_pdbx_validate_torsion.id 
_pdbx_validate_torsion.PDB_model_num 
_pdbx_validate_torsion.auth_comp_id 
_pdbx_validate_torsion.auth_asym_id 
_pdbx_validate_torsion.auth_seq_id 
_pdbx_validate_torsion.PDB_ins_code 
_pdbx_validate_torsion.label_alt_id 
_pdbx_validate_torsion.phi 
_pdbx_validate_torsion.psi 
1 1 THR A 59  ? ? 72.94  104.76 
2 1 PHE A 143 ? ? -92.71 55.32  
# 
_pdbx_struct_special_symmetry.id              1 
_pdbx_struct_special_symmetry.PDB_model_num   1 
_pdbx_struct_special_symmetry.auth_asym_id    A 
_pdbx_struct_special_symmetry.auth_comp_id    CD 
_pdbx_struct_special_symmetry.auth_seq_id     301 
_pdbx_struct_special_symmetry.PDB_ins_code    ? 
_pdbx_struct_special_symmetry.label_asym_id   B 
_pdbx_struct_special_symmetry.label_comp_id   CD 
_pdbx_struct_special_symmetry.label_seq_id    . 
# 
_phasing.method   MR 
# 
_pdbx_entry_details.entry_id                 5QRM 
_pdbx_entry_details.has_ligand_of_interest   Y 
_pdbx_entry_details.compound_details         ? 
_pdbx_entry_details.source_details           ? 
_pdbx_entry_details.nonpolymer_details       ? 
_pdbx_entry_details.sequence_details         ? 
# 
loop_
_pdbx_distant_solvent_atoms.id 
_pdbx_distant_solvent_atoms.PDB_model_num 
_pdbx_distant_solvent_atoms.auth_atom_id 
_pdbx_distant_solvent_atoms.label_alt_id 
_pdbx_distant_solvent_atoms.auth_asym_id 
_pdbx_distant_solvent_atoms.auth_comp_id 
_pdbx_distant_solvent_atoms.auth_seq_id 
_pdbx_distant_solvent_atoms.PDB_ins_code 
_pdbx_distant_solvent_atoms.neighbor_macromolecule_distance 
_pdbx_distant_solvent_atoms.neighbor_ligand_distance 
1 1 O ? A HOH 467 ? 6.16 . 
2 1 O ? A HOH 468 ? 6.56 . 
# 
_pdbx_unobs_or_zero_occ_residues.id               1 
_pdbx_unobs_or_zero_occ_residues.PDB_model_num    1 
_pdbx_unobs_or_zero_occ_residues.polymer_flag     Y 
_pdbx_unobs_or_zero_occ_residues.occupancy_flag   1 
_pdbx_unobs_or_zero_occ_residues.auth_asym_id     A 
_pdbx_unobs_or_zero_occ_residues.auth_comp_id     GLY 
_pdbx_unobs_or_zero_occ_residues.auth_seq_id      40 
_pdbx_unobs_or_zero_occ_residues.PDB_ins_code     ? 
_pdbx_unobs_or_zero_occ_residues.label_asym_id    A 
_pdbx_unobs_or_zero_occ_residues.label_comp_id    GLY 
_pdbx_unobs_or_zero_occ_residues.label_seq_id     1 
# 
loop_
_chem_comp_atom.comp_id 
_chem_comp_atom.atom_id 
_chem_comp_atom.type_symbol 
_chem_comp_atom.pdbx_aromatic_flag 
_chem_comp_atom.pdbx_stereo_config 
_chem_comp_atom.pdbx_ordinal 
ALA N    N  N N 1   
ALA CA   C  N S 2   
ALA C    C  N N 3   
ALA O    O  N N 4   
ALA CB   C  N N 5   
ALA OXT  O  N N 6   
ALA H    H  N N 7   
ALA H2   H  N N 8   
ALA HA   H  N N 9   
ALA HB1  H  N N 10  
ALA HB2  H  N N 11  
ALA HB3  H  N N 12  
ALA HXT  H  N N 13  
ARG N    N  N N 14  
ARG CA   C  N S 15  
ARG C    C  N N 16  
ARG O    O  N N 17  
ARG CB   C  N N 18  
ARG CG   C  N N 19  
ARG CD   C  N N 20  
ARG NE   N  N N 21  
ARG CZ   C  N N 22  
ARG NH1  N  N N 23  
ARG NH2  N  N N 24  
ARG OXT  O  N N 25  
ARG H    H  N N 26  
ARG H2   H  N N 27  
ARG HA   H  N N 28  
ARG HB2  H  N N 29  
ARG HB3  H  N N 30  
ARG HG2  H  N N 31  
ARG HG3  H  N N 32  
ARG HD2  H  N N 33  
ARG HD3  H  N N 34  
ARG HE   H  N N 35  
ARG HH11 H  N N 36  
ARG HH12 H  N N 37  
ARG HH21 H  N N 38  
ARG HH22 H  N N 39  
ARG HXT  H  N N 40  
ASN N    N  N N 41  
ASN CA   C  N S 42  
ASN C    C  N N 43  
ASN O    O  N N 44  
ASN CB   C  N N 45  
ASN CG   C  N N 46  
ASN OD1  O  N N 47  
ASN ND2  N  N N 48  
ASN OXT  O  N N 49  
ASN H    H  N N 50  
ASN H2   H  N N 51  
ASN HA   H  N N 52  
ASN HB2  H  N N 53  
ASN HB3  H  N N 54  
ASN HD21 H  N N 55  
ASN HD22 H  N N 56  
ASN HXT  H  N N 57  
ASP N    N  N N 58  
ASP CA   C  N S 59  
ASP C    C  N N 60  
ASP O    O  N N 61  
ASP CB   C  N N 62  
ASP CG   C  N N 63  
ASP OD1  O  N N 64  
ASP OD2  O  N N 65  
ASP OXT  O  N N 66  
ASP H    H  N N 67  
ASP H2   H  N N 68  
ASP HA   H  N N 69  
ASP HB2  H  N N 70  
ASP HB3  H  N N 71  
ASP HD2  H  N N 72  
ASP HXT  H  N N 73  
CD  CD   CD N N 74  
CYS N    N  N N 75  
CYS CA   C  N R 76  
CYS C    C  N N 77  
CYS O    O  N N 78  
CYS CB   C  N N 79  
CYS SG   S  N N 80  
CYS OXT  O  N N 81  
CYS H    H  N N 82  
CYS H2   H  N N 83  
CYS HA   H  N N 84  
CYS HB2  H  N N 85  
CYS HB3  H  N N 86  
CYS HG   H  N N 87  
CYS HXT  H  N N 88  
GLN N    N  N N 89  
GLN CA   C  N S 90  
GLN C    C  N N 91  
GLN O    O  N N 92  
GLN CB   C  N N 93  
GLN CG   C  N N 94  
GLN CD   C  N N 95  
GLN OE1  O  N N 96  
GLN NE2  N  N N 97  
GLN OXT  O  N N 98  
GLN H    H  N N 99  
GLN H2   H  N N 100 
GLN HA   H  N N 101 
GLN HB2  H  N N 102 
GLN HB3  H  N N 103 
GLN HG2  H  N N 104 
GLN HG3  H  N N 105 
GLN HE21 H  N N 106 
GLN HE22 H  N N 107 
GLN HXT  H  N N 108 
GLU N    N  N N 109 
GLU CA   C  N S 110 
GLU C    C  N N 111 
GLU O    O  N N 112 
GLU CB   C  N N 113 
GLU CG   C  N N 114 
GLU CD   C  N N 115 
GLU OE1  O  N N 116 
GLU OE2  O  N N 117 
GLU OXT  O  N N 118 
GLU H    H  N N 119 
GLU H2   H  N N 120 
GLU HA   H  N N 121 
GLU HB2  H  N N 122 
GLU HB3  H  N N 123 
GLU HG2  H  N N 124 
GLU HG3  H  N N 125 
GLU HE2  H  N N 126 
GLU HXT  H  N N 127 
GLY N    N  N N 128 
GLY CA   C  N N 129 
GLY C    C  N N 130 
GLY O    O  N N 131 
GLY OXT  O  N N 132 
GLY H    H  N N 133 
GLY H2   H  N N 134 
GLY HA2  H  N N 135 
GLY HA3  H  N N 136 
GLY HXT  H  N N 137 
HIS N    N  N N 138 
HIS CA   C  N S 139 
HIS C    C  N N 140 
HIS O    O  N N 141 
HIS CB   C  N N 142 
HIS CG   C  Y N 143 
HIS ND1  N  Y N 144 
HIS CD2  C  Y N 145 
HIS CE1  C  Y N 146 
HIS NE2  N  Y N 147 
HIS OXT  O  N N 148 
HIS H    H  N N 149 
HIS H2   H  N N 150 
HIS HA   H  N N 151 
HIS HB2  H  N N 152 
HIS HB3  H  N N 153 
HIS HD1  H  N N 154 
HIS HD2  H  N N 155 
HIS HE1  H  N N 156 
HIS HE2  H  N N 157 
HIS HXT  H  N N 158 
HOH O    O  N N 159 
HOH H1   H  N N 160 
HOH H2   H  N N 161 
ILE N    N  N N 162 
ILE CA   C  N S 163 
ILE C    C  N N 164 
ILE O    O  N N 165 
ILE CB   C  N S 166 
ILE CG1  C  N N 167 
ILE CG2  C  N N 168 
ILE CD1  C  N N 169 
ILE OXT  O  N N 170 
ILE H    H  N N 171 
ILE H2   H  N N 172 
ILE HA   H  N N 173 
ILE HB   H  N N 174 
ILE HG12 H  N N 175 
ILE HG13 H  N N 176 
ILE HG21 H  N N 177 
ILE HG22 H  N N 178 
ILE HG23 H  N N 179 
ILE HD11 H  N N 180 
ILE HD12 H  N N 181 
ILE HD13 H  N N 182 
ILE HXT  H  N N 183 
K1A N1   N  N N 184 
K1A C4   C  Y N 185 
K1A C5   C  N N 186 
K1A C6   C  Y N 187 
K1A C7   C  N N 188 
K1A C8   C  N N 189 
K1A N    N  N N 190 
K1A C    C  N N 191 
K1A O    O  Y N 192 
K1A C1   C  N N 193 
K1A C2   C  N N 194 
K1A C3   C  Y N 195 
K1A N2   N  Y N 196 
K1A O1   O  N N 197 
K1A S    S  N N 198 
K1A H1   H  N N 199 
K1A H2   H  N N 200 
K1A H3   H  N N 201 
K1A H4   H  N N 202 
K1A H5   H  N N 203 
K1A H6   H  N N 204 
K1A H7   H  N N 205 
K1A H8   H  N N 206 
K1A H9   H  N N 207 
K1A H10  H  N N 208 
K1A H11  H  N N 209 
LEU N    N  N N 210 
LEU CA   C  N S 211 
LEU C    C  N N 212 
LEU O    O  N N 213 
LEU CB   C  N N 214 
LEU CG   C  N N 215 
LEU CD1  C  N N 216 
LEU CD2  C  N N 217 
LEU OXT  O  N N 218 
LEU H    H  N N 219 
LEU H2   H  N N 220 
LEU HA   H  N N 221 
LEU HB2  H  N N 222 
LEU HB3  H  N N 223 
LEU HG   H  N N 224 
LEU HD11 H  N N 225 
LEU HD12 H  N N 226 
LEU HD13 H  N N 227 
LEU HD21 H  N N 228 
LEU HD22 H  N N 229 
LEU HD23 H  N N 230 
LEU HXT  H  N N 231 
LYS N    N  N N 232 
LYS CA   C  N S 233 
LYS C    C  N N 234 
LYS O    O  N N 235 
LYS CB   C  N N 236 
LYS CG   C  N N 237 
LYS CD   C  N N 238 
LYS CE   C  N N 239 
LYS NZ   N  N N 240 
LYS OXT  O  N N 241 
LYS H    H  N N 242 
LYS H2   H  N N 243 
LYS HA   H  N N 244 
LYS HB2  H  N N 245 
LYS HB3  H  N N 246 
LYS HG2  H  N N 247 
LYS HG3  H  N N 248 
LYS HD2  H  N N 249 
LYS HD3  H  N N 250 
LYS HE2  H  N N 251 
LYS HE3  H  N N 252 
LYS HZ1  H  N N 253 
LYS HZ2  H  N N 254 
LYS HZ3  H  N N 255 
LYS HXT  H  N N 256 
MET N    N  N N 257 
MET CA   C  N S 258 
MET C    C  N N 259 
MET O    O  N N 260 
MET CB   C  N N 261 
MET CG   C  N N 262 
MET SD   S  N N 263 
MET CE   C  N N 264 
MET OXT  O  N N 265 
MET H    H  N N 266 
MET H2   H  N N 267 
MET HA   H  N N 268 
MET HB2  H  N N 269 
MET HB3  H  N N 270 
MET HG2  H  N N 271 
MET HG3  H  N N 272 
MET HE1  H  N N 273 
MET HE2  H  N N 274 
MET HE3  H  N N 275 
MET HXT  H  N N 276 
PHE N    N  N N 277 
PHE CA   C  N S 278 
PHE C    C  N N 279 
PHE O    O  N N 280 
PHE CB   C  N N 281 
PHE CG   C  Y N 282 
PHE CD1  C  Y N 283 
PHE CD2  C  Y N 284 
PHE CE1  C  Y N 285 
PHE CE2  C  Y N 286 
PHE CZ   C  Y N 287 
PHE OXT  O  N N 288 
PHE H    H  N N 289 
PHE H2   H  N N 290 
PHE HA   H  N N 291 
PHE HB2  H  N N 292 
PHE HB3  H  N N 293 
PHE HD1  H  N N 294 
PHE HD2  H  N N 295 
PHE HE1  H  N N 296 
PHE HE2  H  N N 297 
PHE HZ   H  N N 298 
PHE HXT  H  N N 299 
PRO N    N  N N 300 
PRO CA   C  N S 301 
PRO C    C  N N 302 
PRO O    O  N N 303 
PRO CB   C  N N 304 
PRO CG   C  N N 305 
PRO CD   C  N N 306 
PRO OXT  O  N N 307 
PRO H    H  N N 308 
PRO HA   H  N N 309 
PRO HB2  H  N N 310 
PRO HB3  H  N N 311 
PRO HG2  H  N N 312 
PRO HG3  H  N N 313 
PRO HD2  H  N N 314 
PRO HD3  H  N N 315 
PRO HXT  H  N N 316 
SER N    N  N N 317 
SER CA   C  N S 318 
SER C    C  N N 319 
SER O    O  N N 320 
SER CB   C  N N 321 
SER OG   O  N N 322 
SER OXT  O  N N 323 
SER H    H  N N 324 
SER H2   H  N N 325 
SER HA   H  N N 326 
SER HB2  H  N N 327 
SER HB3  H  N N 328 
SER HG   H  N N 329 
SER HXT  H  N N 330 
THR N    N  N N 331 
THR CA   C  N S 332 
THR C    C  N N 333 
THR O    O  N N 334 
THR CB   C  N R 335 
THR OG1  O  N N 336 
THR CG2  C  N N 337 
THR OXT  O  N N 338 
THR H    H  N N 339 
THR H2   H  N N 340 
THR HA   H  N N 341 
THR HB   H  N N 342 
THR HG1  H  N N 343 
THR HG21 H  N N 344 
THR HG22 H  N N 345 
THR HG23 H  N N 346 
THR HXT  H  N N 347 
TRP N    N  N N 348 
TRP CA   C  N S 349 
TRP C    C  N N 350 
TRP O    O  N N 351 
TRP CB   C  N N 352 
TRP CG   C  Y N 353 
TRP CD1  C  Y N 354 
TRP CD2  C  Y N 355 
TRP NE1  N  Y N 356 
TRP CE2  C  Y N 357 
TRP CE3  C  Y N 358 
TRP CZ2  C  Y N 359 
TRP CZ3  C  Y N 360 
TRP CH2  C  Y N 361 
TRP OXT  O  N N 362 
TRP H    H  N N 363 
TRP H2   H  N N 364 
TRP HA   H  N N 365 
TRP HB2  H  N N 366 
TRP HB3  H  N N 367 
TRP HD1  H  N N 368 
TRP HE1  H  N N 369 
TRP HE3  H  N N 370 
TRP HZ2  H  N N 371 
TRP HZ3  H  N N 372 
TRP HH2  H  N N 373 
TRP HXT  H  N N 374 
TYR N    N  N N 375 
TYR CA   C  N S 376 
TYR C    C  N N 377 
TYR O    O  N N 378 
TYR CB   C  N N 379 
TYR CG   C  Y N 380 
TYR CD1  C  Y N 381 
TYR CD2  C  Y N 382 
TYR CE1  C  Y N 383 
TYR CE2  C  Y N 384 
TYR CZ   C  Y N 385 
TYR OH   O  N N 386 
TYR OXT  O  N N 387 
TYR H    H  N N 388 
TYR H2   H  N N 389 
TYR HA   H  N N 390 
TYR HB2  H  N N 391 
TYR HB3  H  N N 392 
TYR HD1  H  N N 393 
TYR HD2  H  N N 394 
TYR HE1  H  N N 395 
TYR HE2  H  N N 396 
TYR HH   H  N N 397 
TYR HXT  H  N N 398 
VAL N    N  N N 399 
VAL CA   C  N S 400 
VAL C    C  N N 401 
VAL O    O  N N 402 
VAL CB   C  N N 403 
VAL CG1  C  N N 404 
VAL CG2  C  N N 405 
VAL OXT  O  N N 406 
VAL H    H  N N 407 
VAL H2   H  N N 408 
VAL HA   H  N N 409 
VAL HB   H  N N 410 
VAL HG11 H  N N 411 
VAL HG12 H  N N 412 
VAL HG13 H  N N 413 
VAL HG21 H  N N 414 
VAL HG22 H  N N 415 
VAL HG23 H  N N 416 
VAL HXT  H  N N 417 
# 
loop_
_chem_comp_bond.comp_id 
_chem_comp_bond.atom_id_1 
_chem_comp_bond.atom_id_2 
_chem_comp_bond.value_order 
_chem_comp_bond.pdbx_aromatic_flag 
_chem_comp_bond.pdbx_stereo_config 
_chem_comp_bond.pdbx_ordinal 
ALA N   CA   sing N N 1   
ALA N   H    sing N N 2   
ALA N   H2   sing N N 3   
ALA CA  C    sing N N 4   
ALA CA  CB   sing N N 5   
ALA CA  HA   sing N N 6   
ALA C   O    doub N N 7   
ALA C   OXT  sing N N 8   
ALA CB  HB1  sing N N 9   
ALA CB  HB2  sing N N 10  
ALA CB  HB3  sing N N 11  
ALA OXT HXT  sing N N 12  
ARG N   CA   sing N N 13  
ARG N   H    sing N N 14  
ARG N   H2   sing N N 15  
ARG CA  C    sing N N 16  
ARG CA  CB   sing N N 17  
ARG CA  HA   sing N N 18  
ARG C   O    doub N N 19  
ARG C   OXT  sing N N 20  
ARG CB  CG   sing N N 21  
ARG CB  HB2  sing N N 22  
ARG CB  HB3  sing N N 23  
ARG CG  CD   sing N N 24  
ARG CG  HG2  sing N N 25  
ARG CG  HG3  sing N N 26  
ARG CD  NE   sing N N 27  
ARG CD  HD2  sing N N 28  
ARG CD  HD3  sing N N 29  
ARG NE  CZ   sing N N 30  
ARG NE  HE   sing N N 31  
ARG CZ  NH1  sing N N 32  
ARG CZ  NH2  doub N N 33  
ARG NH1 HH11 sing N N 34  
ARG NH1 HH12 sing N N 35  
ARG NH2 HH21 sing N N 36  
ARG NH2 HH22 sing N N 37  
ARG OXT HXT  sing N N 38  
ASN N   CA   sing N N 39  
ASN N   H    sing N N 40  
ASN N   H2   sing N N 41  
ASN CA  C    sing N N 42  
ASN CA  CB   sing N N 43  
ASN CA  HA   sing N N 44  
ASN C   O    doub N N 45  
ASN C   OXT  sing N N 46  
ASN CB  CG   sing N N 47  
ASN CB  HB2  sing N N 48  
ASN CB  HB3  sing N N 49  
ASN CG  OD1  doub N N 50  
ASN CG  ND2  sing N N 51  
ASN ND2 HD21 sing N N 52  
ASN ND2 HD22 sing N N 53  
ASN OXT HXT  sing N N 54  
ASP N   CA   sing N N 55  
ASP N   H    sing N N 56  
ASP N   H2   sing N N 57  
ASP CA  C    sing N N 58  
ASP CA  CB   sing N N 59  
ASP CA  HA   sing N N 60  
ASP C   O    doub N N 61  
ASP C   OXT  sing N N 62  
ASP CB  CG   sing N N 63  
ASP CB  HB2  sing N N 64  
ASP CB  HB3  sing N N 65  
ASP CG  OD1  doub N N 66  
ASP CG  OD2  sing N N 67  
ASP OD2 HD2  sing N N 68  
ASP OXT HXT  sing N N 69  
CYS N   CA   sing N N 70  
CYS N   H    sing N N 71  
CYS N   H2   sing N N 72  
CYS CA  C    sing N N 73  
CYS CA  CB   sing N N 74  
CYS CA  HA   sing N N 75  
CYS C   O    doub N N 76  
CYS C   OXT  sing N N 77  
CYS CB  SG   sing N N 78  
CYS CB  HB2  sing N N 79  
CYS CB  HB3  sing N N 80  
CYS SG  HG   sing N N 81  
CYS OXT HXT  sing N N 82  
GLN N   CA   sing N N 83  
GLN N   H    sing N N 84  
GLN N   H2   sing N N 85  
GLN CA  C    sing N N 86  
GLN CA  CB   sing N N 87  
GLN CA  HA   sing N N 88  
GLN C   O    doub N N 89  
GLN C   OXT  sing N N 90  
GLN CB  CG   sing N N 91  
GLN CB  HB2  sing N N 92  
GLN CB  HB3  sing N N 93  
GLN CG  CD   sing N N 94  
GLN CG  HG2  sing N N 95  
GLN CG  HG3  sing N N 96  
GLN CD  OE1  doub N N 97  
GLN CD  NE2  sing N N 98  
GLN NE2 HE21 sing N N 99  
GLN NE2 HE22 sing N N 100 
GLN OXT HXT  sing N N 101 
GLU N   CA   sing N N 102 
GLU N   H    sing N N 103 
GLU N   H2   sing N N 104 
GLU CA  C    sing N N 105 
GLU CA  CB   sing N N 106 
GLU CA  HA   sing N N 107 
GLU C   O    doub N N 108 
GLU C   OXT  sing N N 109 
GLU CB  CG   sing N N 110 
GLU CB  HB2  sing N N 111 
GLU CB  HB3  sing N N 112 
GLU CG  CD   sing N N 113 
GLU CG  HG2  sing N N 114 
GLU CG  HG3  sing N N 115 
GLU CD  OE1  doub N N 116 
GLU CD  OE2  sing N N 117 
GLU OE2 HE2  sing N N 118 
GLU OXT HXT  sing N N 119 
GLY N   CA   sing N N 120 
GLY N   H    sing N N 121 
GLY N   H2   sing N N 122 
GLY CA  C    sing N N 123 
GLY CA  HA2  sing N N 124 
GLY CA  HA3  sing N N 125 
GLY C   O    doub N N 126 
GLY C   OXT  sing N N 127 
GLY OXT HXT  sing N N 128 
HIS N   CA   sing N N 129 
HIS N   H    sing N N 130 
HIS N   H2   sing N N 131 
HIS CA  C    sing N N 132 
HIS CA  CB   sing N N 133 
HIS CA  HA   sing N N 134 
HIS C   O    doub N N 135 
HIS C   OXT  sing N N 136 
HIS CB  CG   sing N N 137 
HIS CB  HB2  sing N N 138 
HIS CB  HB3  sing N N 139 
HIS CG  ND1  sing Y N 140 
HIS CG  CD2  doub Y N 141 
HIS ND1 CE1  doub Y N 142 
HIS ND1 HD1  sing N N 143 
HIS CD2 NE2  sing Y N 144 
HIS CD2 HD2  sing N N 145 
HIS CE1 NE2  sing Y N 146 
HIS CE1 HE1  sing N N 147 
HIS NE2 HE2  sing N N 148 
HIS OXT HXT  sing N N 149 
HOH O   H1   sing N N 150 
HOH O   H2   sing N N 151 
ILE N   CA   sing N N 152 
ILE N   H    sing N N 153 
ILE N   H2   sing N N 154 
ILE CA  C    sing N N 155 
ILE CA  CB   sing N N 156 
ILE CA  HA   sing N N 157 
ILE C   O    doub N N 158 
ILE C   OXT  sing N N 159 
ILE CB  CG1  sing N N 160 
ILE CB  CG2  sing N N 161 
ILE CB  HB   sing N N 162 
ILE CG1 CD1  sing N N 163 
ILE CG1 HG12 sing N N 164 
ILE CG1 HG13 sing N N 165 
ILE CG2 HG21 sing N N 166 
ILE CG2 HG22 sing N N 167 
ILE CG2 HG23 sing N N 168 
ILE CD1 HD11 sing N N 169 
ILE CD1 HD12 sing N N 170 
ILE CD1 HD13 sing N N 171 
ILE OXT HXT  sing N N 172 
K1A N2  O    sing Y N 173 
K1A N2  C4   doub Y N 174 
K1A O   C6   sing Y N 175 
K1A C4  C5   sing N N 176 
K1A C4  C3   sing Y N 177 
K1A C6  C7   sing N N 178 
K1A C6  C3   doub Y N 179 
K1A C3  C2   sing N N 180 
K1A C2  N1   sing N N 181 
K1A N1  C8   sing N N 182 
K1A N1  N    sing N N 183 
K1A O1  C8   doub N N 184 
K1A C8  S    sing N N 185 
K1A N   C1   doub N N 186 
K1A C1  S    sing N N 187 
K1A C1  C    sing N N 188 
K1A C5  H1   sing N N 189 
K1A C5  H2   sing N N 190 
K1A C5  H3   sing N N 191 
K1A C7  H4   sing N N 192 
K1A C7  H5   sing N N 193 
K1A C7  H6   sing N N 194 
K1A C   H7   sing N N 195 
K1A C   H8   sing N N 196 
K1A C   H9   sing N N 197 
K1A C2  H10  sing N N 198 
K1A C2  H11  sing N N 199 
LEU N   CA   sing N N 200 
LEU N   H    sing N N 201 
LEU N   H2   sing N N 202 
LEU CA  C    sing N N 203 
LEU CA  CB   sing N N 204 
LEU CA  HA   sing N N 205 
LEU C   O    doub N N 206 
LEU C   OXT  sing N N 207 
LEU CB  CG   sing N N 208 
LEU CB  HB2  sing N N 209 
LEU CB  HB3  sing N N 210 
LEU CG  CD1  sing N N 211 
LEU CG  CD2  sing N N 212 
LEU CG  HG   sing N N 213 
LEU CD1 HD11 sing N N 214 
LEU CD1 HD12 sing N N 215 
LEU CD1 HD13 sing N N 216 
LEU CD2 HD21 sing N N 217 
LEU CD2 HD22 sing N N 218 
LEU CD2 HD23 sing N N 219 
LEU OXT HXT  sing N N 220 
LYS N   CA   sing N N 221 
LYS N   H    sing N N 222 
LYS N   H2   sing N N 223 
LYS CA  C    sing N N 224 
LYS CA  CB   sing N N 225 
LYS CA  HA   sing N N 226 
LYS C   O    doub N N 227 
LYS C   OXT  sing N N 228 
LYS CB  CG   sing N N 229 
LYS CB  HB2  sing N N 230 
LYS CB  HB3  sing N N 231 
LYS CG  CD   sing N N 232 
LYS CG  HG2  sing N N 233 
LYS CG  HG3  sing N N 234 
LYS CD  CE   sing N N 235 
LYS CD  HD2  sing N N 236 
LYS CD  HD3  sing N N 237 
LYS CE  NZ   sing N N 238 
LYS CE  HE2  sing N N 239 
LYS CE  HE3  sing N N 240 
LYS NZ  HZ1  sing N N 241 
LYS NZ  HZ2  sing N N 242 
LYS NZ  HZ3  sing N N 243 
LYS OXT HXT  sing N N 244 
MET N   CA   sing N N 245 
MET N   H    sing N N 246 
MET N   H2   sing N N 247 
MET CA  C    sing N N 248 
MET CA  CB   sing N N 249 
MET CA  HA   sing N N 250 
MET C   O    doub N N 251 
MET C   OXT  sing N N 252 
MET CB  CG   sing N N 253 
MET CB  HB2  sing N N 254 
MET CB  HB3  sing N N 255 
MET CG  SD   sing N N 256 
MET CG  HG2  sing N N 257 
MET CG  HG3  sing N N 258 
MET SD  CE   sing N N 259 
MET CE  HE1  sing N N 260 
MET CE  HE2  sing N N 261 
MET CE  HE3  sing N N 262 
MET OXT HXT  sing N N 263 
PHE N   CA   sing N N 264 
PHE N   H    sing N N 265 
PHE N   H2   sing N N 266 
PHE CA  C    sing N N 267 
PHE CA  CB   sing N N 268 
PHE CA  HA   sing N N 269 
PHE C   O    doub N N 270 
PHE C   OXT  sing N N 271 
PHE CB  CG   sing N N 272 
PHE CB  HB2  sing N N 273 
PHE CB  HB3  sing N N 274 
PHE CG  CD1  doub Y N 275 
PHE CG  CD2  sing Y N 276 
PHE CD1 CE1  sing Y N 277 
PHE CD1 HD1  sing N N 278 
PHE CD2 CE2  doub Y N 279 
PHE CD2 HD2  sing N N 280 
PHE CE1 CZ   doub Y N 281 
PHE CE1 HE1  sing N N 282 
PHE CE2 CZ   sing Y N 283 
PHE CE2 HE2  sing N N 284 
PHE CZ  HZ   sing N N 285 
PHE OXT HXT  sing N N 286 
PRO N   CA   sing N N 287 
PRO N   CD   sing N N 288 
PRO N   H    sing N N 289 
PRO CA  C    sing N N 290 
PRO CA  CB   sing N N 291 
PRO CA  HA   sing N N 292 
PRO C   O    doub N N 293 
PRO C   OXT  sing N N 294 
PRO CB  CG   sing N N 295 
PRO CB  HB2  sing N N 296 
PRO CB  HB3  sing N N 297 
PRO CG  CD   sing N N 298 
PRO CG  HG2  sing N N 299 
PRO CG  HG3  sing N N 300 
PRO CD  HD2  sing N N 301 
PRO CD  HD3  sing N N 302 
PRO OXT HXT  sing N N 303 
SER N   CA   sing N N 304 
SER N   H    sing N N 305 
SER N   H2   sing N N 306 
SER CA  C    sing N N 307 
SER CA  CB   sing N N 308 
SER CA  HA   sing N N 309 
SER C   O    doub N N 310 
SER C   OXT  sing N N 311 
SER CB  OG   sing N N 312 
SER CB  HB2  sing N N 313 
SER CB  HB3  sing N N 314 
SER OG  HG   sing N N 315 
SER OXT HXT  sing N N 316 
THR N   CA   sing N N 317 
THR N   H    sing N N 318 
THR N   H2   sing N N 319 
THR CA  C    sing N N 320 
THR CA  CB   sing N N 321 
THR CA  HA   sing N N 322 
THR C   O    doub N N 323 
THR C   OXT  sing N N 324 
THR CB  OG1  sing N N 325 
THR CB  CG2  sing N N 326 
THR CB  HB   sing N N 327 
THR OG1 HG1  sing N N 328 
THR CG2 HG21 sing N N 329 
THR CG2 HG22 sing N N 330 
THR CG2 HG23 sing N N 331 
THR OXT HXT  sing N N 332 
TRP N   CA   sing N N 333 
TRP N   H    sing N N 334 
TRP N   H2   sing N N 335 
TRP CA  C    sing N N 336 
TRP CA  CB   sing N N 337 
TRP CA  HA   sing N N 338 
TRP C   O    doub N N 339 
TRP C   OXT  sing N N 340 
TRP CB  CG   sing N N 341 
TRP CB  HB2  sing N N 342 
TRP CB  HB3  sing N N 343 
TRP CG  CD1  doub Y N 344 
TRP CG  CD2  sing Y N 345 
TRP CD1 NE1  sing Y N 346 
TRP CD1 HD1  sing N N 347 
TRP CD2 CE2  doub Y N 348 
TRP CD2 CE3  sing Y N 349 
TRP NE1 CE2  sing Y N 350 
TRP NE1 HE1  sing N N 351 
TRP CE2 CZ2  sing Y N 352 
TRP CE3 CZ3  doub Y N 353 
TRP CE3 HE3  sing N N 354 
TRP CZ2 CH2  doub Y N 355 
TRP CZ2 HZ2  sing N N 356 
TRP CZ3 CH2  sing Y N 357 
TRP CZ3 HZ3  sing N N 358 
TRP CH2 HH2  sing N N 359 
TRP OXT HXT  sing N N 360 
TYR N   CA   sing N N 361 
TYR N   H    sing N N 362 
TYR N   H2   sing N N 363 
TYR CA  C    sing N N 364 
TYR CA  CB   sing N N 365 
TYR CA  HA   sing N N 366 
TYR C   O    doub N N 367 
TYR C   OXT  sing N N 368 
TYR CB  CG   sing N N 369 
TYR CB  HB2  sing N N 370 
TYR CB  HB3  sing N N 371 
TYR CG  CD1  doub Y N 372 
TYR CG  CD2  sing Y N 373 
TYR CD1 CE1  sing Y N 374 
TYR CD1 HD1  sing N N 375 
TYR CD2 CE2  doub Y N 376 
TYR CD2 HD2  sing N N 377 
TYR CE1 CZ   doub Y N 378 
TYR CE1 HE1  sing N N 379 
TYR CE2 CZ   sing Y N 380 
TYR CE2 HE2  sing N N 381 
TYR CZ  OH   sing N N 382 
TYR OH  HH   sing N N 383 
TYR OXT HXT  sing N N 384 
VAL N   CA   sing N N 385 
VAL N   H    sing N N 386 
VAL N   H2   sing N N 387 
VAL CA  C    sing N N 388 
VAL CA  CB   sing N N 389 
VAL CA  HA   sing N N 390 
VAL C   O    doub N N 391 
VAL C   OXT  sing N N 392 
VAL CB  CG1  sing N N 393 
VAL CB  CG2  sing N N 394 
VAL CB  HB   sing N N 395 
VAL CG1 HG11 sing N N 396 
VAL CG1 HG12 sing N N 397 
VAL CG1 HG13 sing N N 398 
VAL CG2 HG21 sing N N 399 
VAL CG2 HG22 sing N N 400 
VAL CG2 HG23 sing N N 401 
VAL OXT HXT  sing N N 402 
# 
_pdbx_deposit_group.group_id            G_1002080 
_pdbx_deposit_group.group_description   
;Human Brachyury screened against the DSI-poised Fragment Library by X-ray Crystallography at the XChem facility of Diamond Light Source beamline I04-1
;
_pdbx_deposit_group.group_title         'PanDDA analysis group deposition' 
_pdbx_deposit_group.group_type          'changed state' 
# 
_pdbx_entity_instance_feature.ordinal        1 
_pdbx_entity_instance_feature.comp_id        K1A 
_pdbx_entity_instance_feature.asym_id        ? 
_pdbx_entity_instance_feature.seq_num        ? 
_pdbx_entity_instance_feature.auth_comp_id   K1A 
_pdbx_entity_instance_feature.auth_asym_id   ? 
_pdbx_entity_instance_feature.auth_seq_num   ? 
_pdbx_entity_instance_feature.feature_type   'SUBJECT OF INVESTIGATION' 
_pdbx_entity_instance_feature.details        ? 
# 
_atom_sites.entry_id                    5QRM 
_atom_sites.fract_transf_matrix[1][1]   -0.01163846 
_atom_sites.fract_transf_matrix[1][2]   -0.00429113 
_atom_sites.fract_transf_matrix[1][3]   -0.01109453 
_atom_sites.fract_transf_matrix[2][1]   0.00985725 
_atom_sites.fract_transf_matrix[2][2]   -0.01216732 
_atom_sites.fract_transf_matrix[2][3]   -0.00563445 
_atom_sites.fract_transf_matrix[3][1]   -0.00363779 
_atom_sites.fract_transf_matrix[3][2]   -0.00574292 
_atom_sites.fract_transf_matrix[3][3]   0.00603737 
_atom_sites.fract_transf_vector[1]      0.343943 
_atom_sites.fract_transf_vector[2]      -0.024910 
_atom_sites.fract_transf_vector[3]      0.060166 
# 
loop_
_atom_type.symbol 
C  
CD 
N  
O  
S  
# 
loop_
_atom_site.group_PDB 
_atom_site.id 
_atom_site.type_symbol 
_atom_site.label_atom_id 
_atom_site.label_alt_id 
_atom_site.label_comp_id 
_atom_site.label_asym_id 
_atom_site.label_entity_id 
_atom_site.label_seq_id 
_atom_site.pdbx_PDB_ins_code 
_atom_site.Cartn_x 
_atom_site.Cartn_y 
_atom_site.Cartn_z 
_atom_site.occupancy 
_atom_site.B_iso_or_equiv 
_atom_site.pdbx_formal_charge 
_atom_site.auth_seq_id 
_atom_site.auth_comp_id 
_atom_site.auth_asym_id 
_atom_site.auth_atom_id 
_atom_site.pdbx_PDB_model_num 
ATOM   1    N  N   . GLU A 1 2   ? -24.480 0.151   -3.011  1.00 68.13  ? 41  GLU A N   1 
ATOM   2    C  CA  . GLU A 1 2   ? -23.138 0.478   -3.582  1.00 64.59  ? 41  GLU A CA  1 
ATOM   3    C  C   . GLU A 1 2   ? -22.131 0.426   -2.405  1.00 63.27  ? 41  GLU A C   1 
ATOM   4    O  O   . GLU A 1 2   ? -22.321 1.157   -1.406  1.00 62.76  ? 41  GLU A O   1 
ATOM   5    C  CB  . GLU A 1 2   ? -23.244 1.797   -4.384  1.00 62.38  ? 41  GLU A CB  1 
ATOM   6    C  CG  . GLU A 1 2   ? -22.787 1.745   -5.858  1.00 58.60  ? 41  GLU A CG  1 
ATOM   7    C  CD  . GLU A 1 2   ? -23.839 1.641   -6.970  1.00 59.06  ? 41  GLU A CD  1 
ATOM   8    O  OE1 . GLU A 1 2   ? -23.824 2.467   -7.926  1.00 45.44  ? 41  GLU A OE1 1 
ATOM   9    O  OE2 . GLU A 1 2   ? -24.649 0.701   -6.921  1.00 59.11  ? 41  GLU A OE2 1 
ATOM   10   N  N   . LEU A 1 3   ? -21.155 -0.489  -2.489  1.00 55.08  ? 42  LEU A N   1 
ATOM   11   C  CA  . LEU A 1 3   ? -20.033 -0.719  -1.530  1.00 49.40  ? 42  LEU A CA  1 
ATOM   12   C  C   . LEU A 1 3   ? -19.063 0.476   -1.540  1.00 43.80  ? 42  LEU A C   1 
ATOM   13   O  O   . LEU A 1 3   ? -18.580 0.808   -2.625  1.00 42.92  ? 42  LEU A O   1 
ATOM   14   C  CB  . LEU A 1 3   ? -19.341 -2.012  -1.976  1.00 49.36  ? 42  LEU A CB  1 
ATOM   15   C  CG  . LEU A 1 3   ? -17.940 -2.292  -1.441  1.00 48.88  ? 42  LEU A CG  1 
ATOM   16   C  CD1 . LEU A 1 3   ? -17.841 -2.036  0.054   1.00 51.58  ? 42  LEU A CD1 1 
ATOM   17   C  CD2 . LEU A 1 3   ? -17.549 -3.728  -1.753  1.00 50.39  ? 42  LEU A CD2 1 
ATOM   18   N  N   . ARG A 1 4   ? -18.776 1.084   -0.382  1.00 37.34  ? 43  ARG A N   1 
ATOM   19   C  CA  . ARG A 1 4   ? -17.974 2.333   -0.271  1.00 34.24  ? 43  ARG A CA  1 
ATOM   20   C  C   . ARG A 1 4   ? -16.627 2.042   0.413   1.00 35.64  ? 43  ARG A C   1 
ATOM   21   O  O   . ARG A 1 4   ? -16.620 1.374   1.467   1.00 33.55  ? 43  ARG A O   1 
ATOM   22   C  CB  . ARG A 1 4   ? -18.765 3.404   0.483   1.00 34.54  ? 43  ARG A CB  1 
ATOM   23   N  N   . VAL A 1 5   ? -15.540 2.572   -0.157  1.00 32.91  ? 44  VAL A N   1 
ATOM   24   C  CA  . VAL A 1 5   ? -14.137 2.450   0.340   1.00 32.72  ? 44  VAL A CA  1 
ATOM   25   C  C   . VAL A 1 5   ? -13.548 3.856   0.506   1.00 33.59  ? 44  VAL A C   1 
ATOM   26   O  O   . VAL A 1 5   ? -13.505 4.584   -0.495  1.00 32.55  ? 44  VAL A O   1 
ATOM   27   C  CB  . VAL A 1 5   ? -13.295 1.619   -0.645  1.00 34.90  ? 44  VAL A CB  1 
ATOM   28   C  CG1 . VAL A 1 5   ? -11.869 1.425   -0.147  1.00 35.78  ? 44  VAL A CG1 1 
ATOM   29   C  CG2 . VAL A 1 5   ? -13.949 0.286   -0.947  1.00 34.70  ? 44  VAL A CG2 1 
ATOM   30   N  N   . GLY A 1 6   ? -13.077 4.189   1.710   1.00 30.78  ? 45  GLY A N   1 
ATOM   31   C  CA  . GLY A 1 6   ? -12.460 5.483   2.064   1.00 32.68  ? 45  GLY A CA  1 
ATOM   32   C  C   . GLY A 1 6   ? -11.085 5.287   2.678   1.00 31.98  ? 45  GLY A C   1 
ATOM   33   O  O   . GLY A 1 6   ? -10.885 4.285   3.397   1.00 32.34  ? 45  GLY A O   1 
ATOM   34   N  N   . LEU A 1 7   ? -10.153 6.202   2.395   1.00 28.92  ? 46  LEU A N   1 
ATOM   35   C  CA  . LEU A 1 7   ? -8.845  6.259   3.089   1.00 27.31  ? 46  LEU A CA  1 
ATOM   36   C  C   . LEU A 1 7   ? -9.039  6.981   4.429   1.00 28.08  ? 46  LEU A C   1 
ATOM   37   O  O   . LEU A 1 7   ? -9.588  8.093   4.411   1.00 28.18  ? 46  LEU A O   1 
ATOM   38   C  CB  . LEU A 1 7   ? -7.849  6.992   2.181   1.00 25.17  ? 46  LEU A CB  1 
ATOM   39   C  CG  . LEU A 1 7   ? -6.445  7.168   2.749   1.00 24.22  ? 46  LEU A CG  1 
ATOM   40   C  CD1 . LEU A 1 7   ? -5.768  5.822   2.947   1.00 22.96  ? 46  LEU A CD1 1 
ATOM   41   C  CD2 . LEU A 1 7   ? -5.608  8.070   1.859   1.00 23.95  ? 46  LEU A CD2 1 
ATOM   42   N  N   . GLU A 1 8   ? -8.626  6.364   5.544   1.00 28.36  ? 47  GLU A N   1 
ATOM   43   C  CA  . GLU A 1 8   ? -8.583  7.002   6.884   1.00 29.93  ? 47  GLU A CA  1 
ATOM   44   C  C   . GLU A 1 8   ? -7.304  7.846   6.932   1.00 30.83  ? 47  GLU A C   1 
ATOM   45   O  O   . GLU A 1 8   ? -6.306  7.437   6.302   1.00 28.14  ? 47  GLU A O   1 
ATOM   46   C  CB  . GLU A 1 8   ? -8.676  5.941   7.990   1.00 34.20  ? 47  GLU A CB  1 
ATOM   47   C  CG  . GLU A 1 8   ? -8.557  6.485   9.420   1.00 37.37  ? 47  GLU A CG  1 
ATOM   48   C  CD  . GLU A 1 8   ? -9.827  7.017   10.078  1.00 39.33  ? 47  GLU A CD  1 
ATOM   49   O  OE1 . GLU A 1 8   ? -10.823 7.154   9.374   1.00 38.24  ? 47  GLU A OE1 1 
ATOM   50   O  OE2 . GLU A 1 8   ? -9.807  7.317   11.301  1.00 44.62  ? 47  GLU A OE2 1 
ATOM   51   N  N   . GLU A 1 9   ? -7.354  9.006   7.588   1.00 30.17  ? 48  GLU A N   1 
ATOM   52   C  CA  . GLU A 1 9   ? -6.190  9.911   7.778   1.00 32.10  ? 48  GLU A CA  1 
ATOM   53   C  C   . GLU A 1 9   ? -5.655  10.375  6.416   1.00 30.17  ? 48  GLU A C   1 
ATOM   54   O  O   . GLU A 1 9   ? -4.420  10.465  6.271   1.00 28.53  ? 48  GLU A O   1 
ATOM   55   C  CB  . GLU A 1 9   ? -5.033  9.225   8.516   1.00 34.77  ? 48  GLU A CB  1 
ATOM   56   C  CG  . GLU A 1 9   ? -5.392  8.539   9.823   1.00 39.81  ? 48  GLU A CG  1 
ATOM   57   C  CD  . GLU A 1 9   ? -4.216  7.813   10.466  1.00 42.73  ? 48  GLU A CD  1 
ATOM   58   O  OE1 . GLU A 1 9   ? -3.058  8.244   10.256  1.00 47.88  ? 48  GLU A OE1 1 
ATOM   59   O  OE2 . GLU A 1 9   ? -4.450  6.804   11.155  1.00 45.94  ? 48  GLU A OE2 1 
ATOM   60   N  N   . SER A 1 10  ? -6.527  10.717  5.463   1.00 27.32  ? 49  SER A N   1 
ATOM   61   C  CA  . SER A 1 10  ? -6.097  11.260  4.148   1.00 28.68  ? 49  SER A CA  1 
ATOM   62   C  C   . SER A 1 10  ? -5.293  12.550  4.366   1.00 27.53  ? 49  SER A C   1 
ATOM   63   O  O   . SER A 1 10  ? -4.299  12.713  3.666   1.00 27.52  ? 49  SER A O   1 
ATOM   64   C  CB  . SER A 1 10  ? -7.260  11.456  3.196   1.00 30.91  ? 49  SER A CB  1 
ATOM   65   O  OG  . SER A 1 10  ? -8.237  12.287  3.786   1.00 35.49  ? 49  SER A OG  1 
ATOM   66   N  N   . GLU A 1 11  ? -5.721  13.425  5.293   1.00 28.81  ? 50  GLU A N   1 
ATOM   67   C  CA  . GLU A 1 11  ? -5.002  14.651  5.758   1.00 32.94  ? 50  GLU A CA  1 
ATOM   68   C  C   . GLU A 1 11  ? -3.495  14.393  5.776   1.00 31.00  ? 50  GLU A C   1 
ATOM   69   O  O   . GLU A 1 11  ? -2.740  15.137  5.101   1.00 31.80  ? 50  GLU A O   1 
ATOM   70   C  CB  . GLU A 1 11  ? -5.455  15.042  7.174   1.00 34.76  ? 50  GLU A CB  1 
ATOM   71   C  CG  . GLU A 1 11  ? -4.374  15.685  8.045   1.00 40.87  ? 50  GLU A CG  1 
ATOM   72   C  CD  . GLU A 1 11  ? -3.988  17.093  7.621   1.00 42.77  ? 50  GLU A CD  1 
ATOM   73   O  OE1 . GLU A 1 11  ? -3.036  17.659  8.196   1.00 44.76  ? 50  GLU A OE1 1 
ATOM   74   O  OE2 . GLU A 1 11  ? -4.654  17.624  6.712   1.00 53.61  ? 50  GLU A OE2 1 
ATOM   75   N  N   . LEU A 1 12  ? -3.090  13.375  6.532   1.00 28.90  ? 51  LEU A N   1 
ATOM   76   C  CA  . LEU A 1 12  ? -1.668  13.081  6.835   1.00 30.83  ? 51  LEU A CA  1 
ATOM   77   C  C   . LEU A 1 12  ? -0.976  12.533  5.586   1.00 27.44  ? 51  LEU A C   1 
ATOM   78   O  O   . LEU A 1 12  ? 0.148   12.971  5.266   1.00 27.94  ? 51  LEU A O   1 
ATOM   79   C  CB  . LEU A 1 12  ? -1.590  12.047  7.957   1.00 31.62  ? 51  LEU A CB  1 
ATOM   80   C  CG  . LEU A 1 12  ? -0.157  11.687  8.363   1.00 34.98  ? 51  LEU A CG  1 
ATOM   81   C  CD1 . LEU A 1 12  ? 0.629   12.938  8.734   1.00 35.24  ? 51  LEU A CD1 1 
ATOM   82   C  CD2 . LEU A 1 12  ? -0.147  10.675  9.491   1.00 34.30  ? 51  LEU A CD2 1 
ATOM   83   N  N   . TRP A 1 13  ? -1.589  11.546  4.943   1.00 23.05  ? 52  TRP A N   1 
ATOM   84   C  CA  . TRP A 1 13  ? -1.025  10.971  3.698   1.00 21.56  ? 52  TRP A CA  1 
ATOM   85   C  C   . TRP A 1 13  ? -0.729  12.104  2.715   1.00 24.70  ? 52  TRP A C   1 
ATOM   86   O  O   . TRP A 1 13  ? 0.341   12.064  2.103   1.00 25.27  ? 52  TRP A O   1 
ATOM   87   C  CB  . TRP A 1 13  ? -1.980  9.963   3.084   1.00 18.64  ? 52  TRP A CB  1 
ATOM   88   C  CG  . TRP A 1 13  ? -1.924  8.602   3.687   1.00 18.65  ? 52  TRP A CG  1 
ATOM   89   C  CD1 . TRP A 1 13  ? -2.841  8.019   4.509   1.00 18.96  ? 52  TRP A CD1 1 
ATOM   90   C  CD2 . TRP A 1 13  ? -0.908  7.615   3.462   1.00 18.38  ? 52  TRP A CD2 1 
ATOM   91   N  NE1 . TRP A 1 13  ? -2.466  6.741   4.811   1.00 18.79  ? 52  TRP A NE1 1 
ATOM   92   C  CE2 . TRP A 1 13  ? -1.283  6.461   4.186   1.00 17.51  ? 52  TRP A CE2 1 
ATOM   93   C  CE3 . TRP A 1 13  ? 0.288   7.599   2.741   1.00 17.24  ? 52  TRP A CE3 1 
ATOM   94   C  CZ2 . TRP A 1 13  ? -0.527  5.293   4.176   1.00 16.61  ? 52  TRP A CZ2 1 
ATOM   95   C  CZ3 . TRP A 1 13  ? 1.031   6.441   2.723   1.00 16.98  ? 52  TRP A CZ3 1 
ATOM   96   C  CH2 . TRP A 1 13  ? 0.646   5.314   3.455   1.00 17.79  ? 52  TRP A CH2 1 
ATOM   97   N  N   . LEU A 1 14  ? -1.631  13.086  2.584   1.00 25.96  ? 53  LEU A N   1 
ATOM   98   C  CA  . LEU A 1 14  ? -1.457  14.197  1.604   1.00 29.10  ? 53  LEU A CA  1 
ATOM   99   C  C   . LEU A 1 14  ? -0.229  15.055  1.963   1.00 29.27  ? 53  LEU A C   1 
ATOM   100  O  O   . LEU A 1 14  ? 0.435   15.546  1.024   1.00 30.61  ? 53  LEU A O   1 
ATOM   101  C  CB  . LEU A 1 14  ? -2.738  15.035  1.535   1.00 30.58  ? 53  LEU A CB  1 
ATOM   102  C  CG  . LEU A 1 14  ? -3.831  14.514  0.597   1.00 31.34  ? 53  LEU A CG  1 
ATOM   103  C  CD1 . LEU A 1 14  ? -3.957  13.000  0.638   1.00 34.40  ? 53  LEU A CD1 1 
ATOM   104  C  CD2 . LEU A 1 14  ? -5.170  15.158  0.926   1.00 33.45  ? 53  LEU A CD2 1 
ATOM   105  N  N   . ARG A 1 15  ? 0.086   15.225  3.248   1.00 28.68  ? 54  ARG A N   1 
ATOM   106  C  CA  . ARG A 1 15  ? 1.321   15.940  3.685   1.00 31.34  ? 54  ARG A CA  1 
ATOM   107  C  C   . ARG A 1 15  ? 2.534   15.191  3.124   1.00 26.23  ? 54  ARG A C   1 
ATOM   108  O  O   . ARG A 1 15  ? 3.463   15.857  2.611   1.00 27.88  ? 54  ARG A O   1 
ATOM   109  C  CB  . ARG A 1 15  ? 1.434   16.029  5.209   1.00 36.89  ? 54  ARG A CB  1 
ATOM   110  C  CG  . ARG A 1 15  ? 0.161   16.474  5.920   1.00 44.28  ? 54  ARG A CG  1 
ATOM   111  C  CD  . ARG A 1 15  ? 0.159   17.927  6.344   1.00 47.79  ? 54  ARG A CD  1 
ATOM   112  N  NE  . ARG A 1 15  ? 1.196   18.227  7.323   1.00 52.70  ? 54  ARG A NE  1 
ATOM   113  C  CZ  . ARG A 1 15  ? 1.100   18.031  8.638   1.00 53.83  ? 54  ARG A CZ  1 
ATOM   114  N  NH1 . ARG A 1 15  ? 0.012   17.502  9.177   1.00 53.34  ? 54  ARG A NH1 1 
ATOM   115  N  NH2 . ARG A 1 15  ? 2.117   18.359  9.409   1.00 53.95  ? 54  ARG A NH2 1 
ATOM   116  N  N   . PHE A 1 16  ? 2.529   13.859  3.192   1.00 21.64  ? 55  PHE A N   1 
ATOM   117  C  CA  . PHE A 1 16  ? 3.648   13.020  2.682   1.00 21.68  ? 55  PHE A CA  1 
ATOM   118  C  C   . PHE A 1 16  ? 3.671   13.109  1.161   1.00 23.33  ? 55  PHE A C   1 
ATOM   119  O  O   . PHE A 1 16  ? 4.725   13.359  0.578   1.00 22.12  ? 55  PHE A O   1 
ATOM   120  C  CB  . PHE A 1 16  ? 3.550   11.560  3.117   1.00 21.99  ? 55  PHE A CB  1 
ATOM   121  C  CG  . PHE A 1 16  ? 3.952   11.321  4.547   1.00 22.16  ? 55  PHE A CG  1 
ATOM   122  C  CD1 . PHE A 1 16  ? 5.269   11.046  4.871   1.00 22.32  ? 55  PHE A CD1 1 
ATOM   123  C  CD2 . PHE A 1 16  ? 3.021   11.405  5.565   1.00 21.40  ? 55  PHE A CD2 1 
ATOM   124  C  CE1 . PHE A 1 16  ? 5.639   10.848  6.196   1.00 22.08  ? 55  PHE A CE1 1 
ATOM   125  C  CE2 . PHE A 1 16  ? 3.386   11.189  6.883   1.00 22.24  ? 55  PHE A CE2 1 
ATOM   126  C  CZ  . PHE A 1 16  ? 4.693   10.909  7.193   1.00 22.42  ? 55  PHE A CZ  1 
ATOM   127  N  N   . LYS A 1 17  ? 2.504   12.946  0.528   1.00 22.29  ? 56  LYS A N   1 
ATOM   128  C  CA  . LYS A 1 17  ? 2.425   12.968  -0.952  1.00 23.80  ? 56  LYS A CA  1 
ATOM   129  C  C   . LYS A 1 17  ? 2.925   14.310  -1.482  1.00 23.31  ? 56  LYS A C   1 
ATOM   130  O  O   . LYS A 1 17  ? 3.598   14.289  -2.528  1.00 23.22  ? 56  LYS A O   1 
ATOM   131  C  CB  . LYS A 1 17  ? 1.020   12.656  -1.475  1.00 25.52  ? 56  LYS A CB  1 
ATOM   132  C  CG  . LYS A 1 17  ? 0.945   12.730  -2.998  1.00 28.42  ? 56  LYS A CG  1 
ATOM   133  C  CD  . LYS A 1 17  ? -0.001  11.791  -3.654  1.00 31.27  ? 56  LYS A CD  1 
ATOM   134  C  CE  . LYS A 1 17  ? -0.022  12.002  -5.153  1.00 29.03  ? 56  LYS A CE  1 
ATOM   135  N  NZ  . LYS A 1 17  ? -1.196  11.336  -5.752  1.00 29.54  ? 56  LYS A NZ  1 
ATOM   136  N  N   . GLU A 1 18  ? 2.648   15.436  -0.824  1.00 24.79  ? 57  GLU A N   1 
ATOM   137  C  CA  . GLU A 1 18  ? 3.059   16.745  -1.395  1.00 27.52  ? 57  GLU A CA  1 
ATOM   138  C  C   . GLU A 1 18  ? 4.593   16.842  -1.405  1.00 26.89  ? 57  GLU A C   1 
ATOM   139  O  O   . GLU A 1 18  ? 5.099   17.592  -2.249  1.00 28.39  ? 57  GLU A O   1 
ATOM   140  C  CB  . GLU A 1 18  ? 2.324   17.916  -0.751  1.00 34.77  ? 57  GLU A CB  1 
ATOM   141  C  CG  . GLU A 1 18  ? 2.643   18.211  0.697   1.00 41.81  ? 57  GLU A CG  1 
ATOM   142  C  CD  . GLU A 1 18  ? 1.609   19.126  1.351   1.00 48.70  ? 57  GLU A CD  1 
ATOM   143  O  OE1 . GLU A 1 18  ? 0.688   19.581  0.630   1.00 55.63  ? 57  GLU A OE1 1 
ATOM   144  O  OE2 . GLU A 1 18  ? 1.705   19.379  2.577   1.00 47.43  ? 57  GLU A OE2 1 
ATOM   145  N  N   . LEU A 1 19  ? 5.311   16.046  -0.605  1.00 26.64  ? 58  LEU A N   1 
ATOM   146  C  CA  . LEU A 1 19  ? 6.810   16.040  -0.562  1.00 28.22  ? 58  LEU A CA  1 
ATOM   147  C  C   . LEU A 1 19  ? 7.397   14.962  -1.472  1.00 25.22  ? 58  LEU A C   1 
ATOM   148  O  O   . LEU A 1 19  ? 8.639   14.909  -1.573  1.00 26.50  ? 58  LEU A O   1 
ATOM   149  C  CB  . LEU A 1 19  ? 7.287   15.765  0.866   1.00 27.66  ? 58  LEU A CB  1 
ATOM   150  C  CG  . LEU A 1 19  ? 6.784   16.719  1.939   1.00 30.10  ? 58  LEU A CG  1 
ATOM   151  C  CD1 . LEU A 1 19  ? 7.238   16.236  3.314   1.00 31.35  ? 58  LEU A CD1 1 
ATOM   152  C  CD2 . LEU A 1 19  ? 7.266   18.133  1.682   1.00 30.24  ? 58  LEU A CD2 1 
ATOM   153  N  N   . THR A 1 20  ? 6.558   14.090  -2.046  1.00 22.91  ? 59  THR A N   1 
ATOM   154  C  CA  . THR A 1 20  ? 6.915   12.769  -2.622  1.00 21.99  ? 59  THR A CA  1 
ATOM   155  C  C   . THR A 1 20  ? 7.221   11.787  -1.493  1.00 21.57  ? 59  THR A C   1 
ATOM   156  O  O   . THR A 1 20  ? 8.312   11.860  -0.891  1.00 21.44  ? 59  THR A O   1 
ATOM   157  C  CB  . THR A 1 20  ? 8.070   12.831  -3.626  1.00 24.21  ? 59  THR A CB  1 
ATOM   158  O  OG1 . THR A 1 20  ? 7.774   13.849  -4.577  1.00 25.34  ? 59  THR A OG1 1 
ATOM   159  C  CG2 . THR A 1 20  ? 8.310   11.520  -4.333  1.00 24.97  ? 59  THR A CG2 1 
ATOM   160  N  N   . ASN A 1 21  ? 6.295   10.875  -1.223  1.00 21.36  ? 60  ASN A N   1 
ATOM   161  C  CA  . ASN A 1 21  ? 6.439   9.919   -0.106  1.00 20.33  ? 60  ASN A CA  1 
ATOM   162  C  C   . ASN A 1 21  ? 7.530   8.905   -0.455  1.00 20.54  ? 60  ASN A C   1 
ATOM   163  O  O   . ASN A 1 21  ? 7.746   8.574   -1.642  1.00 20.53  ? 60  ASN A O   1 
ATOM   164  C  CB  . ASN A 1 21  ? 5.098   9.249   0.199   1.00 19.96  ? 60  ASN A CB  1 
ATOM   165  C  CG  . ASN A 1 21  ? 4.988   8.699   1.606   1.00 21.70  ? 60  ASN A CG  1 
ATOM   166  O  OD1 . ASN A 1 21  ? 5.982   8.655   2.350   1.00 22.45  ? 60  ASN A OD1 1 
ATOM   167  N  ND2 . ASN A 1 21  ? 3.779   8.310   1.992   1.00 18.97  ? 60  ASN A ND2 1 
ATOM   168  N  N   . GLU A 1 22  ? 8.175   8.366   0.569   1.00 20.34  ? 61  GLU A N   1 
ATOM   169  C  CA  . GLU A 1 22  ? 9.204   7.314   0.436   1.00 20.07  ? 61  GLU A CA  1 
ATOM   170  C  C   . GLU A 1 22  ? 8.878   6.251   1.473   1.00 20.01  ? 61  GLU A C   1 
ATOM   171  O  O   . GLU A 1 22  ? 8.472   6.657   2.595   1.00 21.96  ? 61  GLU A O   1 
ATOM   172  C  CB  . GLU A 1 22  ? 10.602  7.886   0.706   1.00 20.41  ? 61  GLU A CB  1 
ATOM   173  C  CG  . GLU A 1 22  ? 10.962  9.094   -0.121  1.00 20.58  ? 61  GLU A CG  1 
ATOM   174  C  CD  . GLU A 1 22  ? 12.358  9.627   0.158   1.00 21.96  ? 61  GLU A CD  1 
ATOM   175  O  OE1 . GLU A 1 22  ? 12.582  10.790  -0.102  1.00 21.03  ? 61  GLU A OE1 1 
ATOM   176  O  OE2 . GLU A 1 22  ? 13.186  8.834   0.610   1.00 25.85  ? 61  GLU A OE2 1 
ATOM   177  N  N   . MET A 1 23  ? 9.022   4.977   1.121   1.00 19.97  ? 62  MET A N   1 
ATOM   178  C  CA  . MET A 1 23  ? 8.874   3.829   2.046   1.00 21.57  ? 62  MET A CA  1 
ATOM   179  C  C   . MET A 1 23  ? 10.152  3.002   2.012   1.00 23.47  ? 62  MET A C   1 
ATOM   180  O  O   . MET A 1 23  ? 10.640  2.681   0.920   1.00 22.38  ? 62  MET A O   1 
ATOM   181  C  CB  . MET A 1 23  ? 7.695   2.922   1.673   1.00 21.38  ? 62  MET A CB  1 
ATOM   182  C  CG  . MET A 1 23  ? 6.382   3.586   1.880   1.00 22.03  ? 62  MET A CG  1 
ATOM   183  S  SD  . MET A 1 23  ? 5.853   3.761   3.626   1.00 21.51  ? 62  MET A SD  1 
ATOM   184  C  CE  . MET A 1 23  ? 4.362   4.703   3.296   1.00 23.23  ? 62  MET A CE  1 
ATOM   185  N  N   . ILE A 1 24  ? 10.683  2.685   3.190   1.00 25.43  ? 63  ILE A N   1 
ATOM   186  C  CA  . ILE A 1 24  ? 11.923  1.876   3.298   1.00 26.67  ? 63  ILE A CA  1 
ATOM   187  C  C   . ILE A 1 24  ? 11.599  0.431   2.958   1.00 27.95  ? 63  ILE A C   1 
ATOM   188  O  O   . ILE A 1 24  ? 10.595  -0.101  3.490   1.00 27.78  ? 63  ILE A O   1 
ATOM   189  C  CB  . ILE A 1 24  ? 12.525  1.958   4.710   1.00 30.64  ? 63  ILE A CB  1 
ATOM   190  C  CG1 . ILE A 1 24  ? 12.787  3.405   5.127   1.00 34.17  ? 63  ILE A CG1 1 
ATOM   191  C  CG2 . ILE A 1 24  ? 13.775  1.089   4.770   1.00 31.80  ? 63  ILE A CG2 1 
ATOM   192  C  CD1 . ILE A 1 24  ? 13.947  4.035   4.427   1.00 34.19  ? 63  ILE A CD1 1 
ATOM   193  N  N   . VAL A 1 25  ? 12.463  -0.174  2.152   1.00 27.99  ? 64  VAL A N   1 
ATOM   194  C  CA  . VAL A 1 25  ? 12.516  -1.640  1.919   1.00 30.82  ? 64  VAL A CA  1 
ATOM   195  C  C   . VAL A 1 25  ? 13.829  -2.156  2.522   1.00 32.42  ? 64  VAL A C   1 
ATOM   196  O  O   . VAL A 1 25  ? 14.814  -1.416  2.504   1.00 32.71  ? 64  VAL A O   1 
ATOM   197  C  CB  . VAL A 1 25  ? 12.351  -1.948  0.424   1.00 30.46  ? 64  VAL A CB  1 
ATOM   198  C  CG1 . VAL A 1 25  ? 10.976  -1.506  -0.044  1.00 31.48  ? 64  VAL A CG1 1 
ATOM   199  C  CG2 . VAL A 1 25  ? 13.426  -1.291  -0.427  1.00 31.24  ? 64  VAL A CG2 1 
ATOM   200  N  N   . THR A 1 26  ? 13.796  -3.345  3.117   1.00 34.43  ? 65  THR A N   1 
ATOM   201  C  CA  . THR A 1 26  ? 14.980  -4.044  3.692   1.00 36.35  ? 65  THR A CA  1 
ATOM   202  C  C   . THR A 1 26  ? 14.935  -5.495  3.214   1.00 41.08  ? 65  THR A C   1 
ATOM   203  O  O   . THR A 1 26  ? 13.891  -5.888  2.669   1.00 38.26  ? 65  THR A O   1 
ATOM   204  C  CB  . THR A 1 26  ? 14.990  -3.952  5.222   1.00 33.24  ? 65  THR A CB  1 
ATOM   205  O  OG1 . THR A 1 26  ? 13.924  -4.770  5.706   1.00 36.54  ? 65  THR A OG1 1 
ATOM   206  C  CG2 . THR A 1 26  ? 14.828  -2.542  5.736   1.00 33.07  ? 65  THR A CG2 1 
ATOM   207  N  N   . LYS A 1 27  ? 16.006  -6.272  3.411   1.00 41.45  ? 66  LYS A N   1 
ATOM   208  C  CA  . LYS A 1 27  ? 16.040  -7.707  3.017   1.00 44.62  ? 66  LYS A CA  1 
ATOM   209  C  C   . LYS A 1 27  ? 14.965  -8.478  3.798   1.00 44.18  ? 66  LYS A C   1 
ATOM   210  O  O   . LYS A 1 27  ? 14.345  -9.377  3.192   1.00 47.40  ? 66  LYS A O   1 
ATOM   211  C  CB  . LYS A 1 27  ? 17.436  -8.303  3.236   1.00 47.88  ? 66  LYS A CB  1 
ATOM   212  C  CG  . LYS A 1 27  ? 17.523  -9.829  3.258   1.00 50.33  ? 66  LYS A CG  1 
ATOM   213  C  CD  . LYS A 1 27  ? 18.945  -10.346 3.477   1.00 54.35  ? 66  LYS A CD  1 
ATOM   214  C  CE  . LYS A 1 27  ? 19.051  -11.413 4.548   1.00 56.24  ? 66  LYS A CE  1 
ATOM   215  N  NZ  . LYS A 1 27  ? 18.844  -10.858 5.909   1.00 58.36  ? 66  LYS A NZ  1 
ATOM   216  N  N   . ASN A 1 28  ? 14.753  -8.142  5.078   1.00 45.50  ? 67  ASN A N   1 
ATOM   217  C  CA  . ASN A 1 28  ? 13.856  -8.878  6.016   1.00 48.29  ? 67  ASN A CA  1 
ATOM   218  C  C   . ASN A 1 28  ? 12.435  -8.303  5.964   1.00 44.96  ? 67  ASN A C   1 
ATOM   219  O  O   . ASN A 1 28  ? 11.492  -8.989  6.418   1.00 41.51  ? 67  ASN A O   1 
ATOM   220  C  CB  . ASN A 1 28  ? 14.381  -8.842  7.455   1.00 52.62  ? 67  ASN A CB  1 
ATOM   221  C  CG  . ASN A 1 28  ? 15.135  -10.097 7.848   1.00 57.16  ? 67  ASN A CG  1 
ATOM   222  O  OD1 . ASN A 1 28  ? 15.893  -10.657 7.054   1.00 56.71  ? 67  ASN A OD1 1 
ATOM   223  N  ND2 . ASN A 1 28  ? 14.934  -10.544 9.078   1.00 59.51  ? 67  ASN A ND2 1 
ATOM   224  N  N   . GLY A 1 29  ? 12.287  -7.082  5.448   1.00 41.23  ? 68  GLY A N   1 
ATOM   225  C  CA  . GLY A 1 29  ? 10.978  -6.422  5.303   1.00 38.19  ? 68  GLY A CA  1 
ATOM   226  C  C   . GLY A 1 29  ? 10.766  -5.373  6.372   1.00 36.48  ? 68  GLY A C   1 
ATOM   227  O  O   . GLY A 1 29  ? 11.079  -5.648  7.553   1.00 39.49  ? 68  GLY A O   1 
ATOM   228  N  N   . ARG A 1 30  ? 10.253  -4.211  5.972   1.00 31.43  ? 69  ARG A N   1 
ATOM   229  C  CA  . ARG A 1 30  ? 10.021  -3.032  6.835   1.00 30.94  ? 69  ARG A CA  1 
ATOM   230  C  C   . ARG A 1 30  ? 8.532   -2.696  6.799   1.00 30.34  ? 69  ARG A C   1 
ATOM   231  O  O   . ARG A 1 30  ? 7.943   -2.653  5.691   1.00 26.79  ? 69  ARG A O   1 
ATOM   232  C  CB  . ARG A 1 30  ? 10.896  -1.861  6.372   1.00 32.39  ? 69  ARG A CB  1 
ATOM   233  C  CG  . ARG A 1 30  ? 10.716  -0.580  7.169   1.00 33.44  ? 69  ARG A CG  1 
ATOM   234  C  CD  . ARG A 1 30  ? 11.168  -0.734  8.615   1.00 36.51  ? 69  ARG A CD  1 
ATOM   235  N  NE  . ARG A 1 30  ? 12.553  -1.174  8.685   1.00 39.83  ? 69  ARG A NE  1 
ATOM   236  C  CZ  . ARG A 1 30  ? 13.614  -0.373  8.602   1.00 43.44  ? 69  ARG A CZ  1 
ATOM   237  N  NH1 . ARG A 1 30  ? 14.834  -0.882  8.673   1.00 44.53  ? 69  ARG A NH1 1 
ATOM   238  N  NH2 . ARG A 1 30  ? 13.461  0.931   8.452   1.00 44.19  ? 69  ARG A NH2 1 
ATOM   239  N  N   . ARG A 1 31  ? 7.935   -2.474  7.963   1.00 30.32  ? 70  ARG A N   1 
ATOM   240  C  CA  . ARG A 1 31  ? 6.516   -2.057  8.066   1.00 30.50  ? 70  ARG A CA  1 
ATOM   241  C  C   . ARG A 1 31  ? 6.399   -0.607  7.589   1.00 26.39  ? 70  ARG A C   1 
ATOM   242  O  O   . ARG A 1 31  ? 7.401   0.134   7.581   1.00 27.95  ? 70  ARG A O   1 
ATOM   243  C  CB  . ARG A 1 31  ? 5.978   -2.302  9.477   1.00 33.29  ? 70  ARG A CB  1 
ATOM   244  C  CG  . ARG A 1 31  ? 5.655   -3.768  9.725   1.00 39.71  ? 70  ARG A CG  1 
ATOM   245  C  CD  . ARG A 1 31  ? 6.191   -4.303  11.035  1.00 49.75  ? 70  ARG A CD  1 
ATOM   246  N  NE  . ARG A 1 31  ? 5.343   -3.999  12.180  1.00 55.31  ? 70  ARG A NE  1 
ATOM   247  C  CZ  . ARG A 1 31  ? 5.703   -4.174  13.451  1.00 61.59  ? 70  ARG A CZ  1 
ATOM   248  N  NH1 . ARG A 1 31  ? 6.906   -4.647  13.750  1.00 62.19  ? 70  ARG A NH1 1 
ATOM   249  N  NH2 . ARG A 1 31  ? 4.851   -3.876  14.420  1.00 64.75  ? 70  ARG A NH2 1 
ATOM   250  N  N   . MET A 1 32  ? 5.214   -0.264  7.097   1.00 25.95  ? 71  MET A N   1 
ATOM   251  C  CA  . MET A 1 32  ? 4.897   1.047   6.497   1.00 23.10  ? 71  MET A CA  1 
ATOM   252  C  C   . MET A 1 32  ? 4.561   2.065   7.584   1.00 22.64  ? 71  MET A C   1 
ATOM   253  O  O   . MET A 1 32  ? 3.894   1.693   8.569   1.00 24.63  ? 71  MET A O   1 
ATOM   254  C  CB  . MET A 1 32  ? 3.676   0.915   5.574   1.00 22.28  ? 71  MET A CB  1 
ATOM   255  C  CG  . MET A 1 32  ? 3.971   0.065   4.364   1.00 22.69  ? 71  MET A CG  1 
ATOM   256  S  SD  . MET A 1 32  ? 2.527   -0.133  3.293   1.00 21.66  ? 71  MET A SD  1 
ATOM   257  C  CE  . MET A 1 32  ? 2.234   1.562   2.812   1.00 23.11  ? 71  MET A CE  1 
ATOM   258  N  N   . PHE A 1 33  ? 4.944   3.318   7.345   1.00 22.11  ? 72  PHE A N   1 
ATOM   259  C  CA  . PHE A 1 33  ? 4.402   4.516   8.023   1.00 22.58  ? 72  PHE A CA  1 
ATOM   260  C  C   . PHE A 1 33  ? 4.260   5.631   6.999   1.00 23.31  ? 72  PHE A C   1 
ATOM   261  O  O   . PHE A 1 33  ? 5.232   5.936   6.303   1.00 27.16  ? 72  PHE A O   1 
ATOM   262  C  CB  . PHE A 1 33  ? 5.290   5.027   9.169   1.00 24.72  ? 72  PHE A CB  1 
ATOM   263  C  CG  . PHE A 1 33  ? 4.582   6.107   9.948   1.00 24.99  ? 72  PHE A CG  1 
ATOM   264  C  CD1 . PHE A 1 33  ? 3.657   5.773   10.924  1.00 25.76  ? 72  PHE A CD1 1 
ATOM   265  C  CD2 . PHE A 1 33  ? 4.716   7.442   9.604   1.00 26.68  ? 72  PHE A CD2 1 
ATOM   266  C  CE1 . PHE A 1 33  ? 2.919   6.755   11.566  1.00 26.75  ? 72  PHE A CE1 1 
ATOM   267  C  CE2 . PHE A 1 33  ? 3.990   8.426   10.256  1.00 27.84  ? 72  PHE A CE2 1 
ATOM   268  C  CZ  . PHE A 1 33  ? 3.097   8.079   11.244  1.00 27.55  ? 72  PHE A CZ  1 
ATOM   269  N  N   . PRO A 1 34  ? 3.080   6.277   6.882   1.00 23.19  ? 73  PRO A N   1 
ATOM   270  C  CA  . PRO A 1 34  ? 1.874   5.864   7.603   1.00 22.92  ? 73  PRO A CA  1 
ATOM   271  C  C   . PRO A 1 34  ? 1.393   4.461   7.197   1.00 21.81  ? 73  PRO A C   1 
ATOM   272  O  O   . PRO A 1 34  ? 1.795   3.922   6.194   1.00 21.35  ? 73  PRO A O   1 
ATOM   273  C  CB  . PRO A 1 34  ? 0.827   6.936   7.271   1.00 25.65  ? 73  PRO A CB  1 
ATOM   274  C  CG  . PRO A 1 34  ? 1.624   8.097   6.707   1.00 24.02  ? 73  PRO A CG  1 
ATOM   275  C  CD  . PRO A 1 34  ? 2.843   7.473   6.066   1.00 24.36  ? 73  PRO A CD  1 
ATOM   276  N  N   . VAL A 1 35  ? 0.550   3.896   8.039   1.00 23.36  ? 74  VAL A N   1 
ATOM   277  C  CA  . VAL A 1 35  ? -0.154  2.615   7.798   1.00 22.67  ? 74  VAL A CA  1 
ATOM   278  C  C   . VAL A 1 35  ? -1.382  2.914   6.941   1.00 21.32  ? 74  VAL A C   1 
ATOM   279  O  O   . VAL A 1 35  ? -2.114  3.877   7.250   1.00 22.99  ? 74  VAL A O   1 
ATOM   280  C  CB  . VAL A 1 35  ? -0.561  1.973   9.128   1.00 24.06  ? 74  VAL A CB  1 
ATOM   281  C  CG1 . VAL A 1 35  ? -1.413  0.744   8.887   1.00 24.60  ? 74  VAL A CG1 1 
ATOM   282  C  CG2 . VAL A 1 35  ? 0.660   1.659   9.991   1.00 25.04  ? 74  VAL A CG2 1 
ATOM   283  N  N   . LEU A 1 36  ? -1.619  2.085   5.942   1.00 22.00  ? 75  LEU A N   1 
ATOM   284  C  CA  . LEU A 1 36  ? -2.854  2.172   5.129   1.00 22.62  ? 75  LEU A CA  1 
ATOM   285  C  C   . LEU A 1 36  ? -4.022  1.672   5.985   1.00 20.91  ? 75  LEU A C   1 
ATOM   286  O  O   . LEU A 1 36  ? -4.036  0.466   6.379   1.00 20.93  ? 75  LEU A O   1 
ATOM   287  C  CB  . LEU A 1 36  ? -2.709  1.354   3.852   1.00 23.75  ? 75  LEU A CB  1 
ATOM   288  C  CG  . LEU A 1 36  ? -3.927  1.398   2.930   1.00 26.29  ? 75  LEU A CG  1 
ATOM   289  C  CD1 . LEU A 1 36  ? -4.103  2.790   2.349   1.00 28.67  ? 75  LEU A CD1 1 
ATOM   290  C  CD2 . LEU A 1 36  ? -3.798  0.385   1.811   1.00 27.50  ? 75  LEU A CD2 1 
ATOM   291  N  N   . LYS A 1 37  ? -4.975  2.562   6.244   1.00 22.13  ? 76  LYS A N   1 
ATOM   292  C  CA  . LYS A 1 37  ? -6.200  2.264   7.033   1.00 23.80  ? 76  LYS A CA  1 
ATOM   293  C  C   . LYS A 1 37  ? -7.397  2.652   6.172   1.00 24.16  ? 76  LYS A C   1 
ATOM   294  O  O   . LYS A 1 37  ? -7.409  3.800   5.681   1.00 24.15  ? 76  LYS A O   1 
ATOM   295  C  CB  . LYS A 1 37  ? -6.169  3.036   8.352   1.00 27.06  ? 76  LYS A CB  1 
ATOM   296  C  CG  . LYS A 1 37  ? -5.000  2.664   9.252   1.00 29.25  ? 76  LYS A CG  1 
ATOM   297  C  CD  . LYS A 1 37  ? -4.952  3.470   10.519  1.00 33.50  ? 76  LYS A CD  1 
ATOM   298  C  CE  . LYS A 1 37  ? -3.721  3.159   11.341  1.00 36.10  ? 76  LYS A CE  1 
ATOM   299  N  NZ  . LYS A 1 37  ? -3.960  3.452   12.773  1.00 40.35  ? 76  LYS A NZ  1 
ATOM   300  N  N   . VAL A 1 38  ? -8.320  1.718   5.953   1.00 25.40  ? 77  VAL A N   1 
ATOM   301  C  CA  . VAL A 1 38  ? -9.422  1.886   4.968   1.00 28.35  ? 77  VAL A CA  1 
ATOM   302  C  C   . VAL A 1 38  ? -10.756 1.793   5.716   1.00 28.77  ? 77  VAL A C   1 
ATOM   303  O  O   . VAL A 1 38  ? -10.944 0.846   6.475   1.00 25.61  ? 77  VAL A O   1 
ATOM   304  C  CB  . VAL A 1 38  ? -9.292  0.854   3.837   1.00 31.46  ? 77  VAL A CB  1 
ATOM   305  C  CG1 . VAL A 1 38  ? -7.851  0.741   3.361   1.00 31.97  ? 77  VAL A CG1 1 
ATOM   306  C  CG2 . VAL A 1 38  ? -9.800  -0.509  4.239   1.00 35.47  ? 77  VAL A CG2 1 
ATOM   307  N  N   . ASN A 1 39  ? -11.640 2.760   5.497   1.00 29.05  ? 78  ASN A N   1 
ATOM   308  C  CA  . ASN A 1 39  ? -13.024 2.715   6.013   1.00 31.71  ? 78  ASN A CA  1 
ATOM   309  C  C   . ASN A 1 39  ? -13.862 2.004   4.954   1.00 30.32  ? 78  ASN A C   1 
ATOM   310  O  O   . ASN A 1 39  ? -13.757 2.365   3.762   1.00 28.69  ? 78  ASN A O   1 
ATOM   311  C  CB  . ASN A 1 39  ? -13.504 4.113   6.395   1.00 34.54  ? 78  ASN A CB  1 
ATOM   312  C  CG  . ASN A 1 39  ? -12.680 4.680   7.529   1.00 39.13  ? 78  ASN A CG  1 
ATOM   313  O  OD1 . ASN A 1 39  ? -12.479 4.013   8.544   1.00 40.38  ? 78  ASN A OD1 1 
ATOM   314  N  ND2 . ASN A 1 39  ? -12.174 5.890   7.349   1.00 40.84  ? 78  ASN A ND2 1 
ATOM   315  N  N   . VAL A 1 40  ? -14.618 0.981   5.347   1.00 29.46  ? 79  VAL A N   1 
ATOM   316  C  CA  . VAL A 1 40  ? -15.498 0.272   4.377   1.00 29.61  ? 79  VAL A CA  1 
ATOM   317  C  C   . VAL A 1 40  ? -16.922 0.250   4.932   1.00 30.01  ? 79  VAL A C   1 
ATOM   318  O  O   . VAL A 1 40  ? -17.104 -0.031  6.124   1.00 32.22  ? 79  VAL A O   1 
ATOM   319  C  CB  . VAL A 1 40  ? -14.967 -1.134  4.060   1.00 31.22  ? 79  VAL A CB  1 
ATOM   320  C  CG1 . VAL A 1 40  ? -15.935 -1.918  3.200   1.00 30.69  ? 79  VAL A CG1 1 
ATOM   321  C  CG2 . VAL A 1 40  ? -13.603 -1.072  3.391   1.00 32.42  ? 79  VAL A CG2 1 
ATOM   322  N  N   . SER A 1 41  ? -17.884 0.566   4.074   1.00 31.09  ? 80  SER A N   1 
ATOM   323  C  CA  . SER A 1 41  ? -19.334 0.441   4.348   1.00 32.50  ? 80  SER A CA  1 
ATOM   324  C  C   . SER A 1 41  ? -19.993 -0.259  3.164   1.00 31.40  ? 80  SER A C   1 
ATOM   325  O  O   . SER A 1 41  ? -19.373 -0.349  2.083   1.00 32.64  ? 80  SER A O   1 
ATOM   326  C  CB  . SER A 1 41  ? -19.944 1.793   4.619   1.00 34.42  ? 80  SER A CB  1 
ATOM   327  O  OG  . SER A 1 41  ? -19.828 2.635   3.486   1.00 36.49  ? 80  SER A OG  1 
ATOM   328  N  N   . GLY A 1 42  ? -21.213 -0.758  3.358   1.00 33.48  ? 81  GLY A N   1 
ATOM   329  C  CA  . GLY A 1 42  ? -21.998 -1.365  2.273   1.00 31.35  ? 81  GLY A CA  1 
ATOM   330  C  C   . GLY A 1 42  ? -21.719 -2.846  2.101   1.00 31.28  ? 81  GLY A C   1 
ATOM   331  O  O   . GLY A 1 42  ? -22.294 -3.434  1.177   1.00 31.47  ? 81  GLY A O   1 
ATOM   332  N  N   . LEU A 1 43  ? -20.881 -3.458  2.947   1.00 31.44  ? 82  LEU A N   1 
ATOM   333  C  CA  . LEU A 1 43  ? -20.718 -4.933  2.934   1.00 30.67  ? 82  LEU A CA  1 
ATOM   334  C  C   . LEU A 1 43  ? -21.983 -5.544  3.547   1.00 30.41  ? 82  LEU A C   1 
ATOM   335  O  O   . LEU A 1 43  ? -22.652 -4.852  4.321   1.00 29.65  ? 82  LEU A O   1 
ATOM   336  C  CB  . LEU A 1 43  ? -19.477 -5.361  3.726   1.00 31.75  ? 82  LEU A CB  1 
ATOM   337  C  CG  . LEU A 1 43  ? -18.128 -4.935  3.145   1.00 32.63  ? 82  LEU A CG  1 
ATOM   338  C  CD1 . LEU A 1 43  ? -16.989 -5.528  3.966   1.00 33.48  ? 82  LEU A CD1 1 
ATOM   339  C  CD2 . LEU A 1 43  ? -18.001 -5.336  1.685   1.00 34.49  ? 82  LEU A CD2 1 
ATOM   340  N  N   . ASP A 1 44  ? -22.287 -6.784  3.175   1.00 32.41  ? 83  ASP A N   1 
ATOM   341  C  CA  . ASP A 1 44  ? -23.302 -7.637  3.840   1.00 32.04  ? 83  ASP A CA  1 
ATOM   342  C  C   . ASP A 1 44  ? -22.701 -8.078  5.167   1.00 31.98  ? 83  ASP A C   1 
ATOM   343  O  O   . ASP A 1 44  ? -21.710 -8.801  5.171   1.00 30.46  ? 83  ASP A O   1 
ATOM   344  C  CB  . ASP A 1 44  ? -23.649 -8.834  2.954   1.00 35.19  ? 83  ASP A CB  1 
ATOM   345  C  CG  . ASP A 1 44  ? -24.776 -9.714  3.469   1.00 38.64  ? 83  ASP A CG  1 
ATOM   346  O  OD1 . ASP A 1 44  ? -24.790 -10.021 4.676   1.00 41.36  ? 83  ASP A OD1 1 
ATOM   347  O  OD2 . ASP A 1 44  ? -25.620 -10.094 2.647   1.00 42.52  ? 83  ASP A OD2 1 
ATOM   348  N  N   . PRO A 1 45  ? -23.250 -7.656  6.325   1.00 31.48  ? 84  PRO A N   1 
ATOM   349  C  CA  . PRO A 1 45  ? -22.618 -7.953  7.611   1.00 32.81  ? 84  PRO A CA  1 
ATOM   350  C  C   . PRO A 1 45  ? -22.345 -9.455  7.781   1.00 33.09  ? 84  PRO A C   1 
ATOM   351  O  O   . PRO A 1 45  ? -21.415 -9.820  8.467   1.00 34.56  ? 84  PRO A O   1 
ATOM   352  C  CB  . PRO A 1 45  ? -23.655 -7.452  8.633   1.00 33.52  ? 84  PRO A CB  1 
ATOM   353  C  CG  . PRO A 1 45  ? -24.429 -6.387  7.896   1.00 33.12  ? 84  PRO A CG  1 
ATOM   354  C  CD  . PRO A 1 45  ? -24.496 -6.885  6.470   1.00 32.98  ? 84  PRO A CD  1 
ATOM   355  N  N   . ASN A 1 46  ? -23.160 -10.282 7.121   1.00 36.82  ? 85  ASN A N   1 
ATOM   356  C  CA  . ASN A 1 46  ? -23.227 -11.751 7.315   1.00 36.45  ? 85  ASN A CA  1 
ATOM   357  C  C   . ASN A 1 46  ? -22.391 -12.490 6.268   1.00 33.85  ? 85  ASN A C   1 
ATOM   358  O  O   . ASN A 1 46  ? -22.150 -13.687 6.480   1.00 34.64  ? 85  ASN A O   1 
ATOM   359  C  CB  . ASN A 1 46  ? -24.686 -12.200 7.312   1.00 39.48  ? 85  ASN A CB  1 
ATOM   360  C  CG  . ASN A 1 46  ? -25.391 -11.675 8.539   1.00 42.89  ? 85  ASN A CG  1 
ATOM   361  O  OD1 . ASN A 1 46  ? -24.968 -11.971 9.651   1.00 48.03  ? 85  ASN A OD1 1 
ATOM   362  N  ND2 . ASN A 1 46  ? -26.418 -10.863 8.347   1.00 47.97  ? 85  ASN A ND2 1 
ATOM   363  N  N   . ALA A 1 47  ? -21.974 -11.821 5.188   1.00 33.04  ? 86  ALA A N   1 
ATOM   364  C  CA  . ALA A 1 47  ? -21.151 -12.421 4.113   1.00 31.18  ? 86  ALA A CA  1 
ATOM   365  C  C   . ALA A 1 47  ? -19.691 -12.470 4.573   1.00 29.24  ? 86  ALA A C   1 
ATOM   366  O  O   . ALA A 1 47  ? -19.333 -11.760 5.539   1.00 29.99  ? 86  ALA A O   1 
ATOM   367  C  CB  . ALA A 1 47  ? -21.317 -11.675 2.807   1.00 31.11  ? 86  ALA A CB  1 
ATOM   368  N  N   . MET A 1 48  ? -18.915 -13.340 3.930   1.00 30.84  ? 87  MET A N   1 
ATOM   369  C  CA  . MET A 1 48  ? -17.486 -13.619 4.215   1.00 30.75  ? 87  MET A CA  1 
ATOM   370  C  C   . MET A 1 48  ? -16.643 -12.860 3.186   1.00 28.39  ? 87  MET A C   1 
ATOM   371  O  O   . MET A 1 48  ? -16.976 -12.930 2.010   1.00 26.70  ? 87  MET A O   1 
ATOM   372  C  CB  . MET A 1 48  ? -17.188 -15.118 4.093   1.00 34.59  ? 87  MET A CB  1 
ATOM   373  C  CG  . MET A 1 48  ? -18.201 -16.027 4.793   1.00 40.46  ? 87  MET A CG  1 
ATOM   374  S  SD  . MET A 1 48  ? -17.569 -16.768 6.316   1.00 44.82  ? 87  MET A SD  1 
ATOM   375  C  CE  . MET A 1 48  ? -16.554 -15.398 6.866   1.00 34.96  ? 87  MET A CE  1 
ATOM   376  N  N   . TYR A 1 49  ? -15.612 -12.143 3.629   1.00 26.68  ? 88  TYR A N   1 
ATOM   377  C  CA  . TYR A 1 49  ? -14.706 -11.362 2.750   1.00 26.69  ? 88  TYR A CA  1 
ATOM   378  C  C   . TYR A 1 49  ? -13.255 -11.585 3.190   1.00 26.01  ? 88  TYR A C   1 
ATOM   379  O  O   . TYR A 1 49  ? -13.009 -11.801 4.391   1.00 24.83  ? 88  TYR A O   1 
ATOM   380  C  CB  . TYR A 1 49  ? -15.040 -9.869  2.816   1.00 25.20  ? 88  TYR A CB  1 
ATOM   381  C  CG  . TYR A 1 49  ? -16.461 -9.496  2.467   1.00 27.56  ? 88  TYR A CG  1 
ATOM   382  C  CD1 . TYR A 1 49  ? -16.816 -9.145  1.172   1.00 27.74  ? 88  TYR A CD1 1 
ATOM   383  C  CD2 . TYR A 1 49  ? -17.453 -9.473  3.433   1.00 27.81  ? 88  TYR A CD2 1 
ATOM   384  C  CE1 . TYR A 1 49  ? -18.119 -8.809  0.845   1.00 29.46  ? 88  TYR A CE1 1 
ATOM   385  C  CE2 . TYR A 1 49  ? -18.765 -9.141  3.120   1.00 28.42  ? 88  TYR A CE2 1 
ATOM   386  C  CZ  . TYR A 1 49  ? -19.102 -8.817  1.818   1.00 28.52  ? 88  TYR A CZ  1 
ATOM   387  O  OH  . TYR A 1 49  ? -20.378 -8.454  1.511   1.00 30.12  ? 88  TYR A OH  1 
ATOM   388  N  N   . SER A 1 50  ? -12.312 -11.503 2.247   1.00 24.03  ? 89  SER A N   1 
ATOM   389  C  CA  . SER A 1 50  ? -10.866 -11.354 2.523   1.00 23.32  ? 89  SER A CA  1 
ATOM   390  C  C   . SER A 1 50  ? -10.434 -9.995  1.966   1.00 23.76  ? 89  SER A C   1 
ATOM   391  O  O   . SER A 1 50  ? -11.031 -9.545  0.954   1.00 21.76  ? 89  SER A O   1 
ATOM   392  C  CB  . SER A 1 50  ? -10.063 -12.480 1.964   1.00 24.69  ? 89  SER A CB  1 
ATOM   393  O  OG  . SER A 1 50  ? -10.443 -13.703 2.575   1.00 25.98  ? 89  SER A OG  1 
ATOM   394  N  N   . PHE A 1 51  ? -9.542  -9.323  2.675   1.00 21.72  ? 90  PHE A N   1 
ATOM   395  C  CA  . PHE A 1 51  ? -8.969  -8.022  2.266   1.00 21.09  ? 90  PHE A CA  1 
ATOM   396  C  C   . PHE A 1 51  ? -7.539  -8.275  1.820   1.00 22.38  ? 90  PHE A C   1 
ATOM   397  O  O   . PHE A 1 51  ? -6.701  -8.811  2.618   1.00 21.43  ? 90  PHE A O   1 
ATOM   398  C  CB  . PHE A 1 51  ? -9.054  -6.993  3.384   1.00 22.49  ? 90  PHE A CB  1 
ATOM   399  C  CG  . PHE A 1 51  ? -10.355 -6.237  3.437   1.00 22.15  ? 90  PHE A CG  1 
ATOM   400  C  CD1 . PHE A 1 51  ? -10.388 -4.862  3.265   1.00 23.11  ? 90  PHE A CD1 1 
ATOM   401  C  CD2 . PHE A 1 51  ? -11.553 -6.905  3.645   1.00 22.22  ? 90  PHE A CD2 1 
ATOM   402  C  CE1 . PHE A 1 51  ? -11.585 -4.168  3.359   1.00 24.64  ? 90  PHE A CE1 1 
ATOM   403  C  CE2 . PHE A 1 51  ? -12.749 -6.209  3.717   1.00 23.58  ? 90  PHE A CE2 1 
ATOM   404  C  CZ  . PHE A 1 51  ? -12.763 -4.845  3.565   1.00 23.83  ? 90  PHE A CZ  1 
ATOM   405  N  N   . LEU A 1 52  ? -7.266  -7.902  0.567   1.00 21.30  ? 91  LEU A N   1 
ATOM   406  C  CA  . LEU A 1 52  ? -5.972  -8.113  -0.098  1.00 20.48  ? 91  LEU A CA  1 
ATOM   407  C  C   . LEU A 1 52  ? -5.375  -6.747  -0.395  1.00 19.91  ? 91  LEU A C   1 
ATOM   408  O  O   . LEU A 1 52  ? -6.151  -5.813  -0.701  1.00 19.48  ? 91  LEU A O   1 
ATOM   409  C  CB  . LEU A 1 52  ? -6.176  -8.862  -1.413  1.00 21.91  ? 91  LEU A CB  1 
ATOM   410  C  CG  . LEU A 1 52  ? -6.284  -10.379 -1.334  1.00 25.10  ? 91  LEU A CG  1 
ATOM   411  C  CD1 . LEU A 1 52  ? -7.261  -10.810 -0.277  1.00 26.05  ? 91  LEU A CD1 1 
ATOM   412  C  CD2 . LEU A 1 52  ? -6.661  -10.950 -2.691  1.00 25.12  ? 91  LEU A CD2 1 
ATOM   413  N  N   . LEU A 1 53  ? -4.050  -6.664  -0.326  1.00 18.04  ? 92  LEU A N   1 
ATOM   414  C  CA  . LEU A 1 53  ? -3.288  -5.424  -0.603  1.00 18.35  ? 92  LEU A CA  1 
ATOM   415  C  C   . LEU A 1 53  ? -2.197  -5.754  -1.626  1.00 17.78  ? 92  LEU A C   1 
ATOM   416  O  O   . LEU A 1 53  ? -1.453  -6.726  -1.448  1.00 18.93  ? 92  LEU A O   1 
ATOM   417  C  CB  . LEU A 1 53  ? -2.674  -4.896  0.697   1.00 18.94  ? 92  LEU A CB  1 
ATOM   418  C  CG  . LEU A 1 53  ? -1.630  -3.798  0.530   1.00 18.30  ? 92  LEU A CG  1 
ATOM   419  C  CD1 . LEU A 1 53  ? -2.223  -2.521  -0.024  1.00 19.24  ? 92  LEU A CD1 1 
ATOM   420  C  CD2 . LEU A 1 53  ? -0.949  -3.519  1.868   1.00 19.00  ? 92  LEU A CD2 1 
ATOM   421  N  N   . ASP A 1 54  ? -2.089  -4.947  -2.677  1.00 17.76  ? 93  ASP A N   1 
ATOM   422  C  CA  . ASP A 1 54  ? -0.936  -5.039  -3.597  1.00 17.28  ? 93  ASP A CA  1 
ATOM   423  C  C   . ASP A 1 54  ? -0.482  -3.625  -3.935  1.00 15.30  ? 93  ASP A C   1 
ATOM   424  O  O   . ASP A 1 54  ? -1.038  -2.648  -3.429  1.00 16.49  ? 93  ASP A O   1 
ATOM   425  C  CB  . ASP A 1 54  ? -1.193  -5.948  -4.799  1.00 18.72  ? 93  ASP A CB  1 
ATOM   426  C  CG  . ASP A 1 54  ? -2.355  -5.534  -5.676  1.00 18.70  ? 93  ASP A CG  1 
ATOM   427  O  OD1 . ASP A 1 54  ? -2.794  -4.372  -5.559  1.00 19.41  ? 93  ASP A OD1 1 
ATOM   428  O  OD2 . ASP A 1 54  ? -2.835  -6.400  -6.437  1.00 20.38  ? 93  ASP A OD2 1 
ATOM   429  N  N   . PHE A 1 55  ? 0.599   -3.555  -4.687  1.00 16.81  ? 94  PHE A N   1 
ATOM   430  C  CA  . PHE A 1 55  ? 1.297   -2.302  -5.028  1.00 17.23  ? 94  PHE A CA  1 
ATOM   431  C  C   . PHE A 1 55  ? 1.463   -2.274  -6.531  1.00 18.11  ? 94  PHE A C   1 
ATOM   432  O  O   . PHE A 1 55  ? 2.225   -3.073  -7.057  1.00 18.46  ? 94  PHE A O   1 
ATOM   433  C  CB  . PHE A 1 55  ? 2.625   -2.217  -4.288  1.00 16.40  ? 94  PHE A CB  1 
ATOM   434  C  CG  . PHE A 1 55  ? 2.452   -2.260  -2.797  1.00 17.41  ? 94  PHE A CG  1 
ATOM   435  C  CD1 . PHE A 1 55  ? 2.205   -1.094  -2.101  1.00 17.54  ? 94  PHE A CD1 1 
ATOM   436  C  CD2 . PHE A 1 55  ? 2.403   -3.471  -2.124  1.00 19.11  ? 94  PHE A CD2 1 
ATOM   437  C  CE1 . PHE A 1 55  ? 2.043   -1.121  -0.725  1.00 18.46  ? 94  PHE A CE1 1 
ATOM   438  C  CE2 . PHE A 1 55  ? 2.209   -3.500  -0.752  1.00 19.41  ? 94  PHE A CE2 1 
ATOM   439  C  CZ  . PHE A 1 55  ? 2.019   -2.322  -0.060  1.00 18.63  ? 94  PHE A CZ  1 
ATOM   440  N  N   . VAL A 1 56  ? 0.757   -1.365  -7.181  1.00 17.90  ? 95  VAL A N   1 
ATOM   441  C  CA  . VAL A 1 56  ? 0.884   -1.193  -8.652  1.00 19.64  ? 95  VAL A CA  1 
ATOM   442  C  C   . VAL A 1 56  ? 2.113   -0.330  -8.928  1.00 18.01  ? 95  VAL A C   1 
ATOM   443  O  O   . VAL A 1 56  ? 2.159   0.765   -8.383  1.00 17.64  ? 95  VAL A O   1 
ATOM   444  C  CB  . VAL A 1 56  ? -0.371  -0.504  -9.199  1.00 19.79  ? 95  VAL A CB  1 
ATOM   445  C  CG1 . VAL A 1 56  ? -0.247  -0.336  -10.711 1.00 18.98  ? 95  VAL A CG1 1 
ATOM   446  C  CG2 . VAL A 1 56  ? -1.644  -1.266  -8.837  1.00 21.79  ? 95  VAL A CG2 1 
ATOM   447  N  N   . ALA A 1 57  ? 2.973   -0.726  -9.857  1.00 19.50  ? 96  ALA A N   1 
ATOM   448  C  CA  . ALA A 1 57  ? 4.063   0.148   -10.336 1.00 19.41  ? 96  ALA A CA  1 
ATOM   449  C  C   . ALA A 1 57  ? 3.409   1.277   -11.120 1.00 19.66  ? 96  ALA A C   1 
ATOM   450  O  O   . ALA A 1 57  ? 2.782   0.963   -12.151 1.00 18.48  ? 96  ALA A O   1 
ATOM   451  C  CB  . ALA A 1 57  ? 5.039   -0.638  -11.179 1.00 20.72  ? 96  ALA A CB  1 
ATOM   452  N  N   . ALA A 1 58  ? 3.481   2.507   -10.611 1.00 19.22  ? 97  ALA A N   1 
ATOM   453  C  CA  . ALA A 1 58  ? 2.719   3.676   -11.115 1.00 18.98  ? 97  ALA A CA  1 
ATOM   454  C  C   . ALA A 1 58  ? 3.256   4.082   -12.494 1.00 20.23  ? 97  ALA A C   1 
ATOM   455  O  O   . ALA A 1 58  ? 2.507   4.713   -13.289 1.00 20.73  ? 97  ALA A O   1 
ATOM   456  C  CB  . ALA A 1 58  ? 2.783   4.812   -10.139 1.00 20.46  ? 97  ALA A CB  1 
ATOM   457  N  N   . ASP A 1 59  ? 4.503   3.739   -12.766 1.00 20.81  ? 98  ASP A N   1 
ATOM   458  C  CA  . ASP A 1 59  ? 5.149   3.971   -14.080 1.00 21.08  ? 98  ASP A CA  1 
ATOM   459  C  C   . ASP A 1 59  ? 6.247   2.925   -14.269 1.00 24.19  ? 98  ASP A C   1 
ATOM   460  O  O   . ASP A 1 59  ? 6.485   2.109   -13.356 1.00 24.25  ? 98  ASP A O   1 
ATOM   461  C  CB  . ASP A 1 59  ? 5.624   5.420   -14.164 1.00 20.61  ? 98  ASP A CB  1 
ATOM   462  C  CG  . ASP A 1 59  ? 6.676   5.728   -13.105 1.00 21.61  ? 98  ASP A CG  1 
ATOM   463  O  OD1 . ASP A 1 59  ? 7.729   5.068   -13.155 1.00 22.44  ? 98  ASP A OD1 1 
ATOM   464  O  OD2 . ASP A 1 59  ? 6.399   6.586   -12.247 1.00 23.24  ? 98  ASP A OD2 1 
ATOM   465  N  N   . ASN A 1 60  ? 6.893   2.942   -15.430 1.00 24.19  ? 99  ASN A N   1 
ATOM   466  C  CA  . ASN A 1 60  ? 7.864   1.898   -15.819 1.00 25.52  ? 99  ASN A CA  1 
ATOM   467  C  C   . ASN A 1 60  ? 9.294   2.396   -15.619 1.00 26.48  ? 99  ASN A C   1 
ATOM   468  O  O   . ASN A 1 60  ? 10.195  1.808   -16.229 1.00 28.49  ? 99  ASN A O   1 
ATOM   469  C  CB  . ASN A 1 60  ? 7.637   1.506   -17.271 1.00 27.57  ? 99  ASN A CB  1 
ATOM   470  C  CG  . ASN A 1 60  ? 6.264   0.911   -17.452 1.00 29.25  ? 99  ASN A CG  1 
ATOM   471  O  OD1 . ASN A 1 60  ? 5.607   1.198   -18.449 1.00 36.19  ? 99  ASN A OD1 1 
ATOM   472  N  ND2 . ASN A 1 60  ? 5.826   0.118   -16.492 1.00 25.83  ? 99  ASN A ND2 1 
ATOM   473  N  N   . HIS A 1 61  ? 9.499   3.433   -14.808 1.00 25.90  ? 100 HIS A N   1 
ATOM   474  C  CA  . HIS A 1 61  ? 10.809  4.122   -14.713 1.00 25.23  ? 100 HIS A CA  1 
ATOM   475  C  C   . HIS A 1 61  ? 11.483  3.897   -13.351 1.00 27.68  ? 100 HIS A C   1 
ATOM   476  O  O   . HIS A 1 61  ? 10.798  3.636   -12.325 1.00 26.04  ? 100 HIS A O   1 
ATOM   477  C  CB  . HIS A 1 61  ? 10.644  5.607   -15.028 1.00 26.21  ? 100 HIS A CB  1 
ATOM   478  C  CG  . HIS A 1 61  ? 10.194  5.875   -16.427 1.00 27.99  ? 100 HIS A CG  1 
ATOM   479  N  ND1 . HIS A 1 61  ? 11.066  6.353   -17.401 1.00 29.12  ? 100 HIS A ND1 1 
ATOM   480  C  CD2 . HIS A 1 61  ? 8.990   5.723   -17.024 1.00 26.62  ? 100 HIS A CD2 1 
ATOM   481  C  CE1 . HIS A 1 61  ? 10.405  6.509   -18.529 1.00 30.15  ? 100 HIS A CE1 1 
ATOM   482  N  NE2 . HIS A 1 61  ? 9.124   6.135   -18.328 1.00 25.41  ? 100 HIS A NE2 1 
ATOM   483  N  N   . ARG A 1 62  ? 12.806  4.014   -13.378 1.00 29.42  ? 101 ARG A N   1 
ATOM   484  C  CA  . ARG A 1 62  ? 13.697  4.081   -12.194 1.00 30.58  ? 101 ARG A CA  1 
ATOM   485  C  C   . ARG A 1 62  ? 13.790  5.560   -11.826 1.00 27.21  ? 101 ARG A C   1 
ATOM   486  O  O   . ARG A 1 62  ? 13.971  6.393   -12.750 1.00 28.51  ? 101 ARG A O   1 
ATOM   487  C  CB  . ARG A 1 62  ? 15.035  3.432   -12.569 1.00 35.47  ? 101 ARG A CB  1 
ATOM   488  C  CG  . ARG A 1 62  ? 16.202  3.705   -11.625 1.00 42.40  ? 101 ARG A CG  1 
ATOM   489  C  CD  . ARG A 1 62  ? 17.311  2.677   -11.810 1.00 46.18  ? 101 ARG A CD  1 
ATOM   490  N  NE  . ARG A 1 62  ? 16.847  1.364   -11.369 1.00 53.55  ? 101 ARG A NE  1 
ATOM   491  C  CZ  . ARG A 1 62  ? 16.919  0.896   -10.122 1.00 58.11  ? 101 ARG A CZ  1 
ATOM   492  N  NH1 . ARG A 1 62  ? 17.479  1.611   -9.161  1.00 59.26  ? 101 ARG A NH1 1 
ATOM   493  N  NH2 . ARG A 1 62  ? 16.440  -0.305  -9.841  1.00 61.71  ? 101 ARG A NH2 1 
ATOM   494  N  N   . TRP A 1 63  ? 13.593  5.896   -10.548 1.00 25.15  ? 102 TRP A N   1 
ATOM   495  C  CA  . TRP A 1 63  ? 13.614  7.292   -10.057 1.00 23.41  ? 102 TRP A CA  1 
ATOM   496  C  C   . TRP A 1 63  ? 14.905  7.511   -9.265  1.00 26.57  ? 102 TRP A C   1 
ATOM   497  O  O   . TRP A 1 63  ? 15.385  6.554   -8.636  1.00 28.16  ? 102 TRP A O   1 
ATOM   498  C  CB  . TRP A 1 63  ? 12.370  7.593   -9.209  1.00 22.54  ? 102 TRP A CB  1 
ATOM   499  C  CG  . TRP A 1 63  ? 11.100  7.634   -10.003 1.00 22.28  ? 102 TRP A CG  1 
ATOM   500  C  CD1 . TRP A 1 63  ? 10.395  6.563   -10.467 1.00 22.99  ? 102 TRP A CD1 1 
ATOM   501  C  CD2 . TRP A 1 63  ? 10.347  8.802   -10.359 1.00 21.53  ? 102 TRP A CD2 1 
ATOM   502  N  NE1 . TRP A 1 63  ? 9.271   6.992   -11.115 1.00 21.09  ? 102 TRP A NE1 1 
ATOM   503  C  CE2 . TRP A 1 63  ? 9.218   8.358   -11.086 1.00 22.10  ? 102 TRP A CE2 1 
ATOM   504  C  CE3 . TRP A 1 63  ? 10.535  10.178  -10.178 1.00 23.20  ? 102 TRP A CE3 1 
ATOM   505  C  CZ2 . TRP A 1 63  ? 8.275   9.248   -11.595 1.00 23.18  ? 102 TRP A CZ2 1 
ATOM   506  C  CZ3 . TRP A 1 63  ? 9.605   11.058  -10.676 1.00 24.15  ? 102 TRP A CZ3 1 
ATOM   507  C  CH2 . TRP A 1 63  ? 8.479   10.591  -11.371 1.00 24.44  ? 102 TRP A CH2 1 
ATOM   508  N  N   . LYS A 1 64  ? 15.435  8.726   -9.331  1.00 27.76  ? 103 LYS A N   1 
ATOM   509  C  CA  . LYS A 1 64  ? 16.692  9.130   -8.650  1.00 30.86  ? 103 LYS A CA  1 
ATOM   510  C  C   . LYS A 1 64  ? 16.467  10.503  -8.004  1.00 28.60  ? 103 LYS A C   1 
ATOM   511  O  O   . LYS A 1 64  ? 15.827  11.369  -8.616  1.00 25.98  ? 103 LYS A O   1 
ATOM   512  C  CB  . LYS A 1 64  ? 17.861  9.107   -9.642  1.00 36.02  ? 103 LYS A CB  1 
ATOM   513  C  CG  . LYS A 1 64  ? 17.497  8.837   -11.100 1.00 44.55  ? 103 LYS A CG  1 
ATOM   514  C  CD  . LYS A 1 64  ? 18.520  9.365   -12.102 1.00 48.99  ? 103 LYS A CD  1 
ATOM   515  C  CE  . LYS A 1 64  ? 17.889  10.007  -13.322 1.00 52.33  ? 103 LYS A CE  1 
ATOM   516  N  NZ  . LYS A 1 64  ? 18.837  10.919  -14.007 1.00 54.51  ? 103 LYS A NZ  1 
ATOM   517  N  N   . TYR A 1 65  ? 16.993  10.700  -6.796  1.00 28.31  ? 104 TYR A N   1 
ATOM   518  C  CA  . TYR A 1 65  ? 16.890  11.975  -6.051  1.00 29.38  ? 104 TYR A CA  1 
ATOM   519  C  C   . TYR A 1 65  ? 18.123  12.794  -6.441  1.00 31.31  ? 104 TYR A C   1 
ATOM   520  O  O   . TYR A 1 65  ? 19.209  12.443  -6.000  1.00 32.40  ? 104 TYR A O   1 
ATOM   521  C  CB  . TYR A 1 65  ? 16.742  11.701  -4.553  1.00 28.39  ? 104 TYR A CB  1 
ATOM   522  C  CG  . TYR A 1 65  ? 16.280  12.883  -3.743  1.00 28.37  ? 104 TYR A CG  1 
ATOM   523  C  CD1 . TYR A 1 65  ? 14.984  13.359  -3.823  1.00 28.39  ? 104 TYR A CD1 1 
ATOM   524  C  CD2 . TYR A 1 65  ? 17.140  13.530  -2.867  1.00 29.85  ? 104 TYR A CD2 1 
ATOM   525  C  CE1 . TYR A 1 65  ? 14.546  14.434  -3.066  1.00 29.97  ? 104 TYR A CE1 1 
ATOM   526  C  CE2 . TYR A 1 65  ? 16.720  14.609  -2.107  1.00 29.12  ? 104 TYR A CE2 1 
ATOM   527  C  CZ  . TYR A 1 65  ? 15.420  15.063  -2.196  1.00 30.42  ? 104 TYR A CZ  1 
ATOM   528  O  OH  . TYR A 1 65  ? 15.022  16.132  -1.448  1.00 30.53  ? 104 TYR A OH  1 
ATOM   529  N  N   . VAL A 1 66  ? 17.930  13.795  -7.299  1.00 32.20  ? 105 VAL A N   1 
ATOM   530  C  CA  . VAL A 1 66  ? 19.006  14.574  -7.980  1.00 36.21  ? 105 VAL A CA  1 
ATOM   531  C  C   . VAL A 1 66  ? 18.839  16.031  -7.557  1.00 36.99  ? 105 VAL A C   1 
ATOM   532  O  O   . VAL A 1 66  ? 17.803  16.638  -7.911  1.00 34.70  ? 105 VAL A O   1 
ATOM   533  C  CB  . VAL A 1 66  ? 18.932  14.418  -9.514  1.00 36.83  ? 105 VAL A CB  1 
ATOM   534  C  CG1 . VAL A 1 66  ? 19.847  15.406  -10.228 1.00 39.35  ? 105 VAL A CG1 1 
ATOM   535  C  CG2 . VAL A 1 66  ? 19.227  12.994  -9.961  1.00 37.26  ? 105 VAL A CG2 1 
ATOM   536  N  N   . ASN A 1 67  ? 19.814  16.561  -6.818  1.00 41.07  ? 106 ASN A N   1 
ATOM   537  C  CA  . ASN A 1 67  ? 19.820  17.970  -6.353  1.00 43.25  ? 106 ASN A CA  1 
ATOM   538  C  C   . ASN A 1 67  ? 18.458  18.294  -5.745  1.00 40.60  ? 106 ASN A C   1 
ATOM   539  O  O   . ASN A 1 67  ? 17.828  19.265  -6.189  1.00 41.03  ? 106 ASN A O   1 
ATOM   540  C  CB  . ASN A 1 67  ? 20.195  18.930  -7.483  1.00 49.54  ? 106 ASN A CB  1 
ATOM   541  C  CG  . ASN A 1 67  ? 21.679  19.218  -7.488  1.00 52.60  ? 106 ASN A CG  1 
ATOM   542  O  OD1 . ASN A 1 67  ? 22.179  19.880  -6.579  1.00 57.77  ? 106 ASN A OD1 1 
ATOM   543  N  ND2 . ASN A 1 67  ? 22.385  18.700  -8.480  1.00 54.61  ? 106 ASN A ND2 1 
ATOM   544  N  N   . GLY A 1 68  ? 18.030  17.480  -4.777  1.00 39.75  ? 107 GLY A N   1 
ATOM   545  C  CA  . GLY A 1 68  ? 16.871  17.759  -3.913  1.00 38.04  ? 107 GLY A CA  1 
ATOM   546  C  C   . GLY A 1 68  ? 15.542  17.547  -4.615  1.00 36.53  ? 107 GLY A C   1 
ATOM   547  O  O   . GLY A 1 68  ? 14.537  18.091  -4.137  1.00 35.75  ? 107 GLY A O   1 
ATOM   548  N  N   . GLU A 1 69  ? 15.509  16.800  -5.716  1.00 35.35  ? 108 GLU A N   1 
ATOM   549  C  CA  . GLU A 1 69  ? 14.220  16.507  -6.397  1.00 36.94  ? 108 GLU A CA  1 
ATOM   550  C  C   . GLU A 1 69  ? 14.274  15.115  -7.028  1.00 31.39  ? 108 GLU A C   1 
ATOM   551  O  O   . GLU A 1 69  ? 15.327  14.726  -7.549  1.00 29.51  ? 108 GLU A O   1 
ATOM   552  C  CB  . GLU A 1 69  ? 13.855  17.627  -7.376  1.00 41.93  ? 108 GLU A CB  1 
ATOM   553  C  CG  . GLU A 1 69  ? 14.640  17.651  -8.680  1.00 49.66  ? 108 GLU A CG  1 
ATOM   554  C  CD  . GLU A 1 69  ? 13.990  18.495  -9.772  1.00 53.70  ? 108 GLU A CD  1 
ATOM   555  O  OE1 . GLU A 1 69  ? 12.765  18.342  -9.992  1.00 56.37  ? 108 GLU A OE1 1 
ATOM   556  O  OE2 . GLU A 1 69  ? 14.703  19.306  -10.400 1.00 58.40  ? 108 GLU A OE2 1 
ATOM   557  N  N   . TRP A 1 70  ? 13.160  14.385  -6.951  1.00 29.00  ? 109 TRP A N   1 
ATOM   558  C  CA  . TRP A 1 70  ? 12.999  13.064  -7.607  1.00 27.35  ? 109 TRP A CA  1 
ATOM   559  C  C   . TRP A 1 70  ? 12.780  13.268  -9.109  1.00 28.28  ? 109 TRP A C   1 
ATOM   560  O  O   . TRP A 1 70  ? 11.899  14.064  -9.482  1.00 32.34  ? 109 TRP A O   1 
ATOM   561  C  CB  . TRP A 1 70  ? 11.832  12.301  -6.982  1.00 25.92  ? 109 TRP A CB  1 
ATOM   562  C  CG  . TRP A 1 70  ? 12.147  11.726  -5.641  1.00 24.07  ? 109 TRP A CG  1 
ATOM   563  C  CD1 . TRP A 1 70  ? 11.734  12.183  -4.421  1.00 24.85  ? 109 TRP A CD1 1 
ATOM   564  C  CD2 . TRP A 1 70  ? 12.941  10.559  -5.387  1.00 22.94  ? 109 TRP A CD2 1 
ATOM   565  N  NE1 . TRP A 1 70  ? 12.227  11.384  -3.431  1.00 25.60  ? 109 TRP A NE1 1 
ATOM   566  C  CE2 . TRP A 1 70  ? 12.979  10.384  -3.986  1.00 24.95  ? 109 TRP A CE2 1 
ATOM   567  C  CE3 . TRP A 1 70  ? 13.622  9.650   -6.197  1.00 22.72  ? 109 TRP A CE3 1 
ATOM   568  C  CZ2 . TRP A 1 70  ? 13.647  9.318   -3.400  1.00 25.51  ? 109 TRP A CZ2 1 
ATOM   569  C  CZ3 . TRP A 1 70  ? 14.288  8.598   -5.615  1.00 25.73  ? 109 TRP A CZ3 1 
ATOM   570  C  CH2 . TRP A 1 70  ? 14.305  8.438   -4.226  1.00 26.30  ? 109 TRP A CH2 1 
ATOM   571  N  N   . VAL A 1 71  ? 13.552  12.568  -9.930  1.00 26.81  ? 110 VAL A N   1 
ATOM   572  C  CA  . VAL A 1 71  ? 13.459  12.665  -11.415 1.00 30.03  ? 110 VAL A CA  1 
ATOM   573  C  C   . VAL A 1 71  ? 13.497  11.261  -11.986 1.00 27.34  ? 110 VAL A C   1 
ATOM   574  O  O   . VAL A 1 71  ? 14.251  10.396  -11.545 1.00 27.04  ? 110 VAL A O   1 
ATOM   575  C  CB  . VAL A 1 71  ? 14.556  13.575  -11.994 1.00 32.37  ? 110 VAL A CB  1 
ATOM   576  C  CG1 . VAL A 1 71  ? 14.299  15.027  -11.632 1.00 34.52  ? 110 VAL A CG1 1 
ATOM   577  C  CG2 . VAL A 1 71  ? 15.931  13.149  -11.553 1.00 33.73  ? 110 VAL A CG2 1 
ATOM   578  N  N   . PRO A 1 72  ? 12.626  10.961  -12.965 1.00 27.15  ? 111 PRO A N   1 
ATOM   579  C  CA  . PRO A 1 72  ? 12.609  9.638   -13.560 1.00 27.45  ? 111 PRO A CA  1 
ATOM   580  C  C   . PRO A 1 72  ? 13.727  9.462   -14.588 1.00 30.66  ? 111 PRO A C   1 
ATOM   581  O  O   . PRO A 1 72  ? 14.074  10.443  -15.227 1.00 32.88  ? 111 PRO A O   1 
ATOM   582  C  CB  . PRO A 1 72  ? 11.248  9.568   -14.256 1.00 26.78  ? 111 PRO A CB  1 
ATOM   583  C  CG  . PRO A 1 72  ? 10.877  11.007  -14.542 1.00 26.09  ? 111 PRO A CG  1 
ATOM   584  C  CD  . PRO A 1 72  ? 11.634  11.872  -13.549 1.00 28.28  ? 111 PRO A CD  1 
ATOM   585  N  N   . GLY A 1 73  ? 14.211  8.228   -14.717 1.00 32.95  ? 112 GLY A N   1 
ATOM   586  C  CA  . GLY A 1 73  ? 15.167  7.822   -15.762 1.00 35.76  ? 112 GLY A CA  1 
ATOM   587  C  C   . GLY A 1 73  ? 14.518  7.805   -17.133 1.00 39.37  ? 112 GLY A C   1 
ATOM   588  O  O   . GLY A 1 73  ? 13.310  8.135   -17.247 1.00 40.42  ? 112 GLY A O   1 
ATOM   589  N  N   . GLY A 1 74  ? 15.295  7.440   -18.155 1.00 42.36  ? 113 GLY A N   1 
ATOM   590  C  CA  . GLY A 1 74  ? 14.824  7.370   -19.549 1.00 44.35  ? 113 GLY A CA  1 
ATOM   591  C  C   . GLY A 1 74  ? 14.951  5.969   -20.108 1.00 46.42  ? 113 GLY A C   1 
ATOM   592  O  O   . GLY A 1 74  ? 14.973  5.846   -21.346 1.00 50.55  ? 113 GLY A O   1 
ATOM   593  N  N   . LYS A 1 75  ? 15.033  4.949   -19.244 1.00 46.72  ? 114 LYS A N   1 
ATOM   594  C  CA  . LYS A 1 75  ? 15.214  3.533   -19.670 1.00 49.86  ? 114 LYS A CA  1 
ATOM   595  C  C   . LYS A 1 75  ? 14.081  2.679   -19.108 1.00 46.47  ? 114 LYS A C   1 
ATOM   596  O  O   . LYS A 1 75  ? 14.327  1.714   -18.389 1.00 46.45  ? 114 LYS A O   1 
ATOM   597  C  CB  . LYS A 1 75  ? 16.587  3.002   -19.243 1.00 54.00  ? 114 LYS A CB  1 
ATOM   598  C  CG  . LYS A 1 75  ? 17.107  1.836   -20.078 1.00 59.22  ? 114 LYS A CG  1 
ATOM   599  C  CD  . LYS A 1 75  ? 17.046  2.100   -21.581 1.00 62.39  ? 114 LYS A CD  1 
ATOM   600  C  CE  . LYS A 1 75  ? 18.050  1.306   -22.389 1.00 64.23  ? 114 LYS A CE  1 
ATOM   601  N  NZ  . LYS A 1 75  ? 17.841  -0.153  -22.232 1.00 66.72  ? 114 LYS A NZ  1 
ATOM   602  N  N   . PRO A 1 76  ? 12.809  2.985   -19.450 1.00 46.05  ? 115 PRO A N   1 
ATOM   603  C  CA  . PRO A 1 76  ? 11.677  2.225   -18.929 1.00 45.96  ? 115 PRO A CA  1 
ATOM   604  C  C   . PRO A 1 76  ? 11.757  0.733   -19.286 1.00 46.95  ? 115 PRO A C   1 
ATOM   605  O  O   . PRO A 1 76  ? 12.184  0.389   -20.373 1.00 44.89  ? 115 PRO A O   1 
ATOM   606  C  CB  . PRO A 1 76  ? 10.422  2.870   -19.542 1.00 47.45  ? 115 PRO A CB  1 
ATOM   607  C  CG  . PRO A 1 76  ? 10.941  3.755   -20.663 1.00 49.00  ? 115 PRO A CG  1 
ATOM   608  C  CD  . PRO A 1 76  ? 12.379  4.094   -20.314 1.00 46.95  ? 115 PRO A CD  1 
ATOM   609  N  N   . GLU A 1 77  ? 11.365  -0.103  -18.324 1.00 46.80  ? 116 GLU A N   1 
ATOM   610  C  CA  . GLU A 1 77  ? 11.216  -1.571  -18.465 1.00 47.31  ? 116 GLU A CA  1 
ATOM   611  C  C   . GLU A 1 77  ? 9.809   -1.921  -17.999 1.00 47.38  ? 116 GLU A C   1 
ATOM   612  O  O   . GLU A 1 77  ? 9.266   -1.242  -17.134 1.00 47.38  ? 116 GLU A O   1 
ATOM   613  C  CB  . GLU A 1 77  ? 12.277  -2.284  -17.623 1.00 51.83  ? 116 GLU A CB  1 
ATOM   614  C  CG  . GLU A 1 77  ? 13.677  -1.706  -17.775 1.00 56.23  ? 116 GLU A CG  1 
ATOM   615  C  CD  . GLU A 1 77  ? 14.629  -2.026  -16.631 1.00 61.82  ? 116 GLU A CD  1 
ATOM   616  O  OE1 . GLU A 1 77  ? 14.403  -3.039  -15.938 1.00 64.76  ? 116 GLU A OE1 1 
ATOM   617  O  OE2 . GLU A 1 77  ? 15.595  -1.257  -16.427 1.00 64.20  ? 116 GLU A OE2 1 
ATOM   618  N  N   . PRO A 1 78  ? 9.170   -2.983  -18.529 1.00 47.25  ? 117 PRO A N   1 
ATOM   619  C  CA  . PRO A 1 78  ? 7.854   -3.381  -18.040 1.00 50.12  ? 117 PRO A CA  1 
ATOM   620  C  C   . PRO A 1 78  ? 8.007   -3.827  -16.579 1.00 49.78  ? 117 PRO A C   1 
ATOM   621  O  O   . PRO A 1 78  ? 8.987   -4.468  -16.255 1.00 46.16  ? 117 PRO A O   1 
ATOM   622  C  CB  . PRO A 1 78  ? 7.401   -4.513  -18.973 1.00 49.51  ? 117 PRO A CB  1 
ATOM   623  C  CG  . PRO A 1 78  ? 8.683   -5.022  -19.622 1.00 50.85  ? 117 PRO A CG  1 
ATOM   624  C  CD  . PRO A 1 78  ? 9.685   -3.883  -19.570 1.00 50.07  ? 117 PRO A CD  1 
ATOM   625  N  N   . GLN A 1 79  ? 7.020   -3.530  -15.744 1.00 52.07  ? 118 GLN A N   1 
ATOM   626  C  CA  . GLN A 1 79  ? 7.175   -3.855  -14.311 1.00 57.62  ? 118 GLN A CA  1 
ATOM   627  C  C   . GLN A 1 79  ? 6.395   -5.107  -13.927 1.00 62.14  ? 118 GLN A C   1 
ATOM   628  O  O   . GLN A 1 79  ? 5.166   -5.058  -13.953 1.00 62.56  ? 118 GLN A O   1 
ATOM   629  C  CB  . GLN A 1 79  ? 6.769   -2.639  -13.493 1.00 55.93  ? 118 GLN A CB  1 
ATOM   630  C  CG  . GLN A 1 79  ? 7.619   -1.424  -13.803 1.00 57.38  ? 118 GLN A CG  1 
ATOM   631  C  CD  . GLN A 1 79  ? 9.069   -1.632  -13.440 1.00 57.05  ? 118 GLN A CD  1 
ATOM   632  O  OE1 . GLN A 1 79  ? 9.400   -2.221  -12.419 1.00 60.05  ? 118 GLN A OE1 1 
ATOM   633  N  NE2 . GLN A 1 79  ? 9.953   -1.176  -14.300 1.00 58.80  ? 118 GLN A NE2 1 
ATOM   634  N  N   . ALA A 1 80  ? 7.122   -6.139  -13.495 1.00 65.39  ? 119 ALA A N   1 
ATOM   635  C  CA  . ALA A 1 80  ? 6.499   -7.409  -13.058 1.00 66.41  ? 119 ALA A CA  1 
ATOM   636  C  C   . ALA A 1 80  ? 5.627   -7.057  -11.860 1.00 64.14  ? 119 ALA A C   1 
ATOM   637  O  O   . ALA A 1 80  ? 6.208   -6.569  -10.858 1.00 61.21  ? 119 ALA A O   1 
ATOM   638  C  CB  . ALA A 1 80  ? 7.573   -8.396  -12.672 1.00 67.19  ? 119 ALA A CB  1 
ATOM   639  N  N   . PRO A 1 81  ? 4.337   -7.443  -11.868 1.00 59.96  ? 120 PRO A N   1 
ATOM   640  C  CA  . PRO A 1 81  ? 3.360   -7.053  -10.843 1.00 54.45  ? 120 PRO A CA  1 
ATOM   641  C  C   . PRO A 1 81  ? 3.682   -7.527  -9.424  1.00 48.39  ? 120 PRO A C   1 
ATOM   642  O  O   . PRO A 1 81  ? 4.360   -8.520  -9.297  1.00 46.41  ? 120 PRO A O   1 
ATOM   643  C  CB  . PRO A 1 81  ? 2.082   -7.743  -11.326 1.00 30.00  ? 120 PRO A CB  1 
ATOM   644  C  CG  . PRO A 1 81  ? 2.580   -8.914  -12.096 1.00 30.00  ? 120 PRO A CG  1 
ATOM   645  C  CD  . PRO A 1 81  ? 3.734   -8.318  -12.866 1.00 30.00  ? 120 PRO A CD  1 
ATOM   646  N  N   . SER A 1 82  ? 3.260   -6.762  -8.411  1.00 41.61  ? 121 SER A N   1 
ATOM   647  C  CA  . SER A 1 82  ? 3.609   -7.131  -7.013  1.00 38.91  ? 121 SER A CA  1 
ATOM   648  C  C   . SER A 1 82  ? 2.765   -8.301  -6.567  1.00 31.76  ? 121 SER A C   1 
ATOM   649  O  O   . SER A 1 82  ? 1.653   -8.435  -7.026  1.00 33.10  ? 121 SER A O   1 
ATOM   650  C  CB  . SER A 1 82  ? 3.578   -5.981  -5.994  1.00 30.00  ? 121 SER A CB  1 
ATOM   651  O  OG  . SER A 1 82  ? 2.496   -6.023  -5.059  1.00 30.00  ? 121 SER A OG  1 
ATOM   652  N  N   . CYS A 1 83  ? 3.281   -9.019  -5.583  1.00 29.82  ? 122 CYS A N   1 
ATOM   653  C  CA  . CYS A 1 83  ? 2.531   -10.091 -4.908  1.00 30.17  ? 122 CYS A CA  1 
ATOM   654  C  C   . CYS A 1 83  ? 1.450   -9.452  -4.021  1.00 26.29  ? 122 CYS A C   1 
ATOM   655  O  O   . CYS A 1 83  ? 1.490   -8.275  -3.705  1.00 25.71  ? 122 CYS A O   1 
ATOM   656  C  CB  . CYS A 1 83  ? 3.422   -10.996 -4.064  1.00 34.56  ? 122 CYS A CB  1 
ATOM   657  S  SG  . CYS A 1 83  ? 4.433   -12.137 -5.045  1.00 40.79  ? 122 CYS A SG  1 
ATOM   658  N  N   . VAL A 1 84  ? 0.489   -10.273 -3.660  1.00 25.24  ? 123 VAL A N   1 
ATOM   659  C  CA  . VAL A 1 84  ? -0.674  -9.829  -2.855  1.00 25.32  ? 123 VAL A CA  1 
ATOM   660  C  C   . VAL A 1 84  ? -0.378  -10.169 -1.393  1.00 23.15  ? 123 VAL A C   1 
ATOM   661  O  O   . VAL A 1 84  ? 0.114   -11.271 -1.127  1.00 25.98  ? 123 VAL A O   1 
ATOM   662  C  CB  . VAL A 1 84  ? -1.979  -10.470 -3.364  1.00 28.34  ? 123 VAL A CB  1 
ATOM   663  C  CG1 . VAL A 1 84  ? -2.049  -11.978 -3.172  1.00 30.75  ? 123 VAL A CG1 1 
ATOM   664  C  CG2 . VAL A 1 84  ? -3.199  -9.809  -2.758  1.00 30.22  ? 123 VAL A CG2 1 
ATOM   665  N  N   . TYR A 1 85  ? -0.693  -9.244  -0.499  1.00 21.90  ? 124 TYR A N   1 
ATOM   666  C  CA  . TYR A 1 85  ? -0.684  -9.438  0.969   1.00 20.57  ? 124 TYR A CA  1 
ATOM   667  C  C   . TYR A 1 85  ? -2.129  -9.662  1.406   1.00 21.76  ? 124 TYR A C   1 
ATOM   668  O  O   . TYR A 1 85  ? -2.979  -8.812  1.076   1.00 21.54  ? 124 TYR A O   1 
ATOM   669  C  CB  . TYR A 1 85  ? -0.081  -8.220  1.667   1.00 20.66  ? 124 TYR A CB  1 
ATOM   670  C  CG  . TYR A 1 85  ? -0.170  -8.243  3.175   1.00 21.19  ? 124 TYR A CG  1 
ATOM   671  C  CD1 . TYR A 1 85  ? 0.746   -8.949  3.946   1.00 22.76  ? 124 TYR A CD1 1 
ATOM   672  C  CD2 . TYR A 1 85  ? -1.159  -7.539  3.831   1.00 20.37  ? 124 TYR A CD2 1 
ATOM   673  C  CE1 . TYR A 1 85  ? 0.642   -8.989  5.326   1.00 22.19  ? 124 TYR A CE1 1 
ATOM   674  C  CE2 . TYR A 1 85  ? -1.257  -7.535  5.212   1.00 21.55  ? 124 TYR A CE2 1 
ATOM   675  C  CZ  . TYR A 1 85  ? -0.362  -8.280  5.959   1.00 22.85  ? 124 TYR A CZ  1 
ATOM   676  O  OH  . TYR A 1 85  ? -0.460  -8.243  7.317   1.00 23.16  ? 124 TYR A OH  1 
ATOM   677  N  N   . ILE A 1 86  ? -2.393  -10.749 2.134   1.00 20.54  ? 125 ILE A N   1 
ATOM   678  C  CA  . ILE A 1 86  ? -3.728  -11.016 2.733   1.00 22.68  ? 125 ILE A CA  1 
ATOM   679  C  C   . ILE A 1 86  ? -3.774  -10.408 4.140   1.00 22.38  ? 125 ILE A C   1 
ATOM   680  O  O   . ILE A 1 86  ? -2.914  -10.753 4.996   1.00 20.93  ? 125 ILE A O   1 
ATOM   681  C  CB  . ILE A 1 86  ? -4.007  -12.521 2.734   1.00 24.41  ? 125 ILE A CB  1 
ATOM   682  C  CG1 . ILE A 1 86  ? -3.798  -13.132 1.346   1.00 28.04  ? 125 ILE A CG1 1 
ATOM   683  C  CG2 . ILE A 1 86  ? -5.400  -12.804 3.276   1.00 24.40  ? 125 ILE A CG2 1 
ATOM   684  C  CD1 . ILE A 1 86  ? -3.676  -14.626 1.369   1.00 29.58  ? 125 ILE A CD1 1 
ATOM   685  N  N   . HIS A 1 87  ? -4.735  -9.522  4.395   1.00 20.43  ? 126 HIS A N   1 
ATOM   686  C  CA  . HIS A 1 87  ? -4.949  -8.972  5.750   1.00 21.63  ? 126 HIS A CA  1 
ATOM   687  C  C   . HIS A 1 87  ? -5.092  -10.153 6.700   1.00 21.53  ? 126 HIS A C   1 
ATOM   688  O  O   . HIS A 1 87  ? -5.837  -11.085 6.436   1.00 20.85  ? 126 HIS A O   1 
ATOM   689  C  CB  . HIS A 1 87  ? -6.150  -8.031  5.828   1.00 21.07  ? 126 HIS A CB  1 
ATOM   690  C  CG  . HIS A 1 87  ? -6.152  -7.252  7.097   1.00 23.32  ? 126 HIS A CG  1 
ATOM   691  N  ND1 . HIS A 1 87  ? -6.561  -7.815  8.304   1.00 22.71  ? 126 HIS A ND1 1 
ATOM   692  C  CD2 . HIS A 1 87  ? -5.714  -6.011  7.391   1.00 23.69  ? 126 HIS A CD2 1 
ATOM   693  C  CE1 . HIS A 1 87  ? -6.410  -6.929  9.271   1.00 24.17  ? 126 HIS A CE1 1 
ATOM   694  N  NE2 . HIS A 1 87  ? -5.898  -5.809  8.740   1.00 25.20  ? 126 HIS A NE2 1 
ATOM   695  N  N   . PRO A 1 88  ? -4.371  -10.174 7.838   1.00 21.73  ? 127 PRO A N   1 
ATOM   696  C  CA  . PRO A 1 88  ? -4.416  -11.365 8.698   1.00 22.44  ? 127 PRO A CA  1 
ATOM   697  C  C   . PRO A 1 88  ? -5.791  -11.662 9.329   1.00 24.24  ? 127 PRO A C   1 
ATOM   698  O  O   . PRO A 1 88  ? -6.009  -12.803 9.756   1.00 23.40  ? 127 PRO A O   1 
ATOM   699  C  CB  . PRO A 1 88  ? -3.315  -11.057 9.721   1.00 22.25  ? 127 PRO A CB  1 
ATOM   700  C  CG  . PRO A 1 88  ? -3.295  -9.549  9.800   1.00 22.62  ? 127 PRO A CG  1 
ATOM   701  C  CD  . PRO A 1 88  ? -3.496  -9.113  8.354   1.00 21.39  ? 127 PRO A CD  1 
ATOM   702  N  N   . ASP A 1 89  ? -6.716  -10.698 9.350   1.00 23.55  ? 128 ASP A N   1 
ATOM   703  C  CA  . ASP A 1 89  ? -8.097  -10.930 9.855   1.00 24.23  ? 128 ASP A CA  1 
ATOM   704  C  C   . ASP A 1 89  ? -8.878  -11.761 8.832   1.00 23.58  ? 128 ASP A C   1 
ATOM   705  O  O   . ASP A 1 89  ? -9.977  -12.223 9.177   1.00 23.58  ? 128 ASP A O   1 
ATOM   706  C  CB  . ASP A 1 89  ? -8.858  -9.638  10.174  1.00 24.42  ? 128 ASP A CB  1 
ATOM   707  C  CG  . ASP A 1 89  ? -8.304  -8.767  11.290  1.00 25.30  ? 128 ASP A CG  1 
ATOM   708  O  OD1 . ASP A 1 89  ? -7.247  -9.101  11.846  1.00 27.29  ? 128 ASP A OD1 1 
ATOM   709  O  OD2 . ASP A 1 89  ? -8.921  -7.711  11.548  1.00 26.55  ? 128 ASP A OD2 1 
ATOM   710  N  N   . SER A 1 90  ? -8.359  -11.948 7.608   1.00 24.00  ? 129 SER A N   1 
ATOM   711  C  CA  . SER A 1 90  ? -9.060  -12.674 6.515   1.00 22.67  ? 129 SER A CA  1 
ATOM   712  C  C   . SER A 1 90  ? -9.076  -14.168 6.805   1.00 23.02  ? 129 SER A C   1 
ATOM   713  O  O   . SER A 1 90  ? -8.102  -14.684 7.333   1.00 24.89  ? 129 SER A O   1 
ATOM   714  C  CB  . SER A 1 90  ? -8.390  -12.467 5.197   1.00 23.09  ? 129 SER A CB  1 
ATOM   715  O  OG  . SER A 1 90  ? -8.281  -11.088 4.910   1.00 22.16  ? 129 SER A OG  1 
ATOM   716  N  N   . PRO A 1 91  ? -10.118 -14.925 6.416   1.00 23.32  ? 130 PRO A N   1 
ATOM   717  C  CA  . PRO A 1 91  ? -11.400 -14.394 5.961   1.00 24.37  ? 130 PRO A CA  1 
ATOM   718  C  C   . PRO A 1 91  ? -12.258 -13.973 7.155   1.00 25.46  ? 130 PRO A C   1 
ATOM   719  O  O   . PRO A 1 91  ? -12.041 -14.502 8.244   1.00 25.02  ? 130 PRO A O   1 
ATOM   720  C  CB  . PRO A 1 91  ? -12.022 -15.598 5.259   1.00 25.34  ? 130 PRO A CB  1 
ATOM   721  C  CG  . PRO A 1 91  ? -11.500 -16.775 6.033   1.00 25.54  ? 130 PRO A CG  1 
ATOM   722  C  CD  . PRO A 1 91  ? -10.107 -16.390 6.453   1.00 24.06  ? 130 PRO A CD  1 
ATOM   723  N  N   . ASN A 1 92  ? -13.196 -13.045 6.962   1.00 23.61  ? 131 ASN A N   1 
ATOM   724  C  CA  . ASN A 1 92  ? -14.017 -12.549 8.089   1.00 24.42  ? 131 ASN A CA  1 
ATOM   725  C  C   . ASN A 1 92  ? -15.363 -12.009 7.601   1.00 25.62  ? 131 ASN A C   1 
ATOM   726  O  O   . ASN A 1 92  ? -15.531 -11.729 6.402   1.00 23.27  ? 131 ASN A O   1 
ATOM   727  C  CB  . ASN A 1 92  ? -13.226 -11.571 8.963   1.00 25.36  ? 131 ASN A CB  1 
ATOM   728  C  CG  . ASN A 1 92  ? -13.391 -11.885 10.438  1.00 26.94  ? 131 ASN A CG  1 
ATOM   729  O  OD1 . ASN A 1 92  ? -14.517 -12.044 10.908  1.00 26.77  ? 131 ASN A OD1 1 
ATOM   730  N  ND2 . ASN A 1 92  ? -12.284 -11.961 11.159  1.00 25.22  ? 131 ASN A ND2 1 
ATOM   731  N  N   . PHE A 1 93  ? -16.326 -11.920 8.518   1.00 27.13  ? 132 PHE A N   1 
ATOM   732  C  CA  . PHE A 1 93  ? -17.676 -11.379 8.237   1.00 28.28  ? 132 PHE A CA  1 
ATOM   733  C  C   . PHE A 1 93  ? -17.561 -9.906  7.867   1.00 25.71  ? 132 PHE A C   1 
ATOM   734  O  O   . PHE A 1 93  ? -16.664 -9.195  8.382   1.00 26.25  ? 132 PHE A O   1 
ATOM   735  C  CB  . PHE A 1 93  ? -18.604 -11.573 9.434   1.00 30.50  ? 132 PHE A CB  1 
ATOM   736  C  CG  . PHE A 1 93  ? -18.822 -13.033 9.715   1.00 31.81  ? 132 PHE A CG  1 
ATOM   737  C  CD1 . PHE A 1 93  ? -19.549 -13.812 8.832   1.00 33.43  ? 132 PHE A CD1 1 
ATOM   738  C  CD2 . PHE A 1 93  ? -18.209 -13.644 10.795  1.00 34.51  ? 132 PHE A CD2 1 
ATOM   739  C  CE1 . PHE A 1 93  ? -19.721 -15.167 9.061   1.00 35.00  ? 132 PHE A CE1 1 
ATOM   740  C  CE2 . PHE A 1 93  ? -18.384 -15.002 11.024  1.00 34.44  ? 132 PHE A CE2 1 
ATOM   741  C  CZ  . PHE A 1 93  ? -19.138 -15.758 10.160  1.00 32.79  ? 132 PHE A CZ  1 
ATOM   742  N  N   . GLY A 1 94  ? -18.451 -9.465  6.992   1.00 27.27  ? 133 GLY A N   1 
ATOM   743  C  CA  . GLY A 1 94  ? -18.623 -8.038  6.673   1.00 27.36  ? 133 GLY A CA  1 
ATOM   744  C  C   . GLY A 1 94  ? -18.685 -7.191  7.928   1.00 27.79  ? 133 GLY A C   1 
ATOM   745  O  O   . GLY A 1 94  ? -18.055 -6.128  7.965   1.00 27.96  ? 133 GLY A O   1 
ATOM   746  N  N   . ALA A 1 95  ? -19.416 -7.635  8.958   1.00 28.18  ? 134 ALA A N   1 
ATOM   747  C  CA  . ALA A 1 95  ? -19.576 -6.880  10.217  1.00 28.72  ? 134 ALA A CA  1 
ATOM   748  C  C   . ALA A 1 95  ? -18.199 -6.601  10.842  1.00 26.43  ? 134 ALA A C   1 
ATOM   749  O  O   . ALA A 1 95  ? -17.998 -5.507  11.389  1.00 26.53  ? 134 ALA A O   1 
ATOM   750  C  CB  . ALA A 1 95  ? -20.465 -7.651  11.157  1.00 29.59  ? 134 ALA A CB  1 
ATOM   751  N  N   . HIS A 1 96  ? -17.279 -7.567  10.775  1.00 26.42  ? 135 HIS A N   1 
ATOM   752  C  CA  . HIS A 1 96  ? -15.909 -7.449  11.338  1.00 27.42  ? 135 HIS A CA  1 
ATOM   753  C  C   . HIS A 1 96  ? -15.181 -6.303  10.634  1.00 26.60  ? 135 HIS A C   1 
ATOM   754  O  O   . HIS A 1 96  ? -14.565 -5.447  11.287  1.00 27.42  ? 135 HIS A O   1 
ATOM   755  C  CB  . HIS A 1 96  ? -15.122 -8.755  11.151  1.00 26.96  ? 135 HIS A CB  1 
ATOM   756  C  CG  . HIS A 1 96  ? -13.716 -8.655  11.630  1.00 28.56  ? 135 HIS A CG  1 
ATOM   757  N  ND1 . HIS A 1 96  ? -13.369 -8.853  12.962  1.00 28.99  ? 135 HIS A ND1 1 
ATOM   758  C  CD2 . HIS A 1 96  ? -12.574 -8.360  10.972  1.00 26.60  ? 135 HIS A CD2 1 
ATOM   759  C  CE1 . HIS A 1 96  ? -12.067 -8.689  13.100  1.00 30.47  ? 135 HIS A CE1 1 
ATOM   760  N  NE2 . HIS A 1 96  ? -11.554 -8.368  11.887  1.00 29.38  ? 135 HIS A NE2 1 
ATOM   761  N  N   . TRP A 1 97  ? -15.247 -6.309  9.315   1.00 25.68  ? 136 TRP A N   1 
ATOM   762  C  CA  . TRP A 1 97  ? -14.495 -5.342  8.489   1.00 23.81  ? 136 TRP A CA  1 
ATOM   763  C  C   . TRP A 1 97  ? -15.059 -3.931  8.669   1.00 25.13  ? 136 TRP A C   1 
ATOM   764  O  O   . TRP A 1 97  ? -14.294 -2.970  8.533   1.00 28.39  ? 136 TRP A O   1 
ATOM   765  C  CB  . TRP A 1 97  ? -14.570 -5.783  7.034   1.00 22.71  ? 136 TRP A CB  1 
ATOM   766  C  CG  . TRP A 1 97  ? -13.923 -7.097  6.758   1.00 22.13  ? 136 TRP A CG  1 
ATOM   767  C  CD1 . TRP A 1 97  ? -14.541 -8.216  6.300   1.00 21.76  ? 136 TRP A CD1 1 
ATOM   768  C  CD2 . TRP A 1 97  ? -12.534 -7.433  6.895   1.00 21.19  ? 136 TRP A CD2 1 
ATOM   769  N  NE1 . TRP A 1 97  ? -13.632 -9.216  6.098   1.00 20.40  ? 136 TRP A NE1 1 
ATOM   770  C  CE2 . TRP A 1 97  ? -12.398 -8.779  6.491   1.00 19.98  ? 136 TRP A CE2 1 
ATOM   771  C  CE3 . TRP A 1 97  ? -11.395 -6.741  7.333   1.00 20.53  ? 136 TRP A CE3 1 
ATOM   772  C  CZ2 . TRP A 1 97  ? -11.165 -9.424  6.446   1.00 19.69  ? 136 TRP A CZ2 1 
ATOM   773  C  CZ3 . TRP A 1 97  ? -10.180 -7.388  7.313   1.00 20.89  ? 136 TRP A CZ3 1 
ATOM   774  C  CH2 . TRP A 1 97  ? -10.070 -8.710  6.875   1.00 20.06  ? 136 TRP A CH2 1 
ATOM   775  N  N   . MET A 1 98  ? -16.356 -3.806  8.949   1.00 26.88  ? 137 MET A N   1 
ATOM   776  C  CA  . MET A 1 98  ? -17.048 -2.492  9.003   1.00 28.79  ? 137 MET A CA  1 
ATOM   777  C  C   . MET A 1 98  ? -16.975 -1.880  10.408  1.00 30.67  ? 137 MET A C   1 
ATOM   778  O  O   . MET A 1 98  ? -17.162 -0.656  10.501  1.00 29.76  ? 137 MET A O   1 
ATOM   779  C  CB  . MET A 1 98  ? -18.502 -2.640  8.551   1.00 29.16  ? 137 MET A CB  1 
ATOM   780  C  CG  . MET A 1 98  ? -18.622 -2.821  7.060   1.00 31.01  ? 137 MET A CG  1 
ATOM   781  S  SD  . MET A 1 98  ? -20.328 -2.784  6.440   1.00 31.35  ? 137 MET A SD  1 
ATOM   782  C  CE  . MET A 1 98  ? -20.997 -4.286  7.157   1.00 32.75  ? 137 MET A CE  1 
ATOM   783  N  N   . LYS A 1 99  ? -16.622 -2.645  11.447  1.00 32.31  ? 138 LYS A N   1 
ATOM   784  C  CA  . LYS A 1 99  ? -16.702 -2.156  12.856  1.00 34.18  ? 138 LYS A CA  1 
ATOM   785  C  C   . LYS A 1 99  ? -15.531 -1.220  13.198  1.00 33.69  ? 138 LYS A C   1 
ATOM   786  O  O   . LYS A 1 99  ? -15.643 -0.469  14.194  1.00 35.55  ? 138 LYS A O   1 
ATOM   787  C  CB  . LYS A 1 99  ? -16.851 -3.330  13.828  1.00 36.53  ? 138 LYS A CB  1 
ATOM   788  C  CG  . LYS A 1 99  ? -15.641 -4.229  14.033  1.00 39.35  ? 138 LYS A CG  1 
ATOM   789  C  CD  . LYS A 1 99  ? -15.769 -5.101  15.287  1.00 45.87  ? 138 LYS A CD  1 
ATOM   790  C  CE  . LYS A 1 99  ? -14.564 -5.976  15.585  1.00 48.51  ? 138 LYS A CE  1 
ATOM   791  N  NZ  . LYS A 1 99  ? -14.859 -7.425  15.434  1.00 51.89  ? 138 LYS A NZ  1 
ATOM   792  N  N   . ALA A 1 100 ? -14.451 -1.220  12.413  1.00 31.69  ? 139 ALA A N   1 
ATOM   793  C  CA  . ALA A 1 100 ? -13.306 -0.292  12.570  1.00 29.96  ? 139 ALA A CA  1 
ATOM   794  C  C   . ALA A 1 100 ? -12.525 -0.219  11.266  1.00 28.04  ? 139 ALA A C   1 
ATOM   795  O  O   . ALA A 1 100 ? -12.609 -1.144  10.472  1.00 26.79  ? 139 ALA A O   1 
ATOM   796  C  CB  . ALA A 1 100 ? -12.421 -0.756  13.697  1.00 31.18  ? 139 ALA A CB  1 
ATOM   797  N  N   . PRO A 1 101 ? -11.728 0.851   11.029  1.00 29.16  ? 140 PRO A N   1 
ATOM   798  C  CA  . PRO A 1 101 ? -10.869 0.922   9.852   1.00 28.21  ? 140 PRO A CA  1 
ATOM   799  C  C   . PRO A 1 101 ? -10.040 -0.360  9.718   1.00 27.19  ? 140 PRO A C   1 
ATOM   800  O  O   . PRO A 1 101 ? -9.516  -0.843  10.705  1.00 27.70  ? 140 PRO A O   1 
ATOM   801  C  CB  . PRO A 1 101 ? -9.942  2.119   10.094  1.00 29.20  ? 140 PRO A CB  1 
ATOM   802  C  CG  . PRO A 1 101 ? -10.699 2.994   11.088  1.00 31.39  ? 140 PRO A CG  1 
ATOM   803  C  CD  . PRO A 1 101 ? -11.631 2.066   11.854  1.00 32.40  ? 140 PRO A CD  1 
ATOM   804  N  N   . VAL A 1 102 ? -9.952  -0.887  8.502   1.00 24.32  ? 141 VAL A N   1 
ATOM   805  C  CA  . VAL A 1 102 ? -9.105  -2.070  8.185   1.00 23.67  ? 141 VAL A CA  1 
ATOM   806  C  C   . VAL A 1 102 ? -7.665  -1.569  8.044   1.00 23.20  ? 141 VAL A C   1 
ATOM   807  O  O   . VAL A 1 102 ? -7.371  -0.772  7.129   1.00 24.27  ? 141 VAL A O   1 
ATOM   808  C  CB  . VAL A 1 102 ? -9.602  -2.820  6.936   1.00 22.49  ? 141 VAL A CB  1 
ATOM   809  C  CG1 . VAL A 1 102 ? -8.743  -4.036  6.624   1.00 23.16  ? 141 VAL A CG1 1 
ATOM   810  C  CG2 . VAL A 1 102 ? -11.070 -3.191  7.058   1.00 23.62  ? 141 VAL A CG2 1 
ATOM   811  N  N   . SER A 1 103 ? -6.802  -1.967  8.971   1.00 22.71  ? 142 SER A N   1 
ATOM   812  C  CA  . SER A 1 103 ? -5.458  -1.384  9.127   1.00 23.68  ? 142 SER A CA  1 
ATOM   813  C  C   . SER A 1 103 ? -4.420  -2.412  8.679   1.00 22.94  ? 142 SER A C   1 
ATOM   814  O  O   . SER A 1 103 ? -4.353  -3.486  9.284   1.00 23.89  ? 142 SER A O   1 
ATOM   815  C  CB  . SER A 1 103 ? -5.254  -0.969  10.547  1.00 25.22  ? 142 SER A CB  1 
ATOM   816  O  OG  . SER A 1 103 ? -3.908  -0.616  10.761  1.00 27.90  ? 142 SER A OG  1 
ATOM   817  N  N   . PHE A 1 104 ? -3.614  -2.081  7.679   1.00 21.02  ? 143 PHE A N   1 
ATOM   818  C  CA  . PHE A 1 104 ? -2.590  -3.007  7.120   1.00 21.02  ? 143 PHE A CA  1 
ATOM   819  C  C   . PHE A 1 104 ? -1.263  -2.763  7.839   1.00 22.69  ? 143 PHE A C   1 
ATOM   820  O  O   . PHE A 1 104 ? -0.229  -2.512  7.188   1.00 23.23  ? 143 PHE A O   1 
ATOM   821  C  CB  . PHE A 1 104 ? -2.489  -2.817  5.603   1.00 20.43  ? 143 PHE A CB  1 
ATOM   822  C  CG  . PHE A 1 104 ? -3.710  -3.299  4.863   1.00 19.93  ? 143 PHE A CG  1 
ATOM   823  C  CD1 . PHE A 1 104 ? -3.795  -4.598  4.390   1.00 20.15  ? 143 PHE A CD1 1 
ATOM   824  C  CD2 . PHE A 1 104 ? -4.795  -2.456  4.675   1.00 20.95  ? 143 PHE A CD2 1 
ATOM   825  C  CE1 . PHE A 1 104 ? -4.914  -5.027  3.691   1.00 21.25  ? 143 PHE A CE1 1 
ATOM   826  C  CE2 . PHE A 1 104 ? -5.911  -2.896  3.981   1.00 21.71  ? 143 PHE A CE2 1 
ATOM   827  C  CZ  . PHE A 1 104 ? -5.973  -4.184  3.515   1.00 21.82  ? 143 PHE A CZ  1 
ATOM   828  N  N   . SER A 1 105 ? -1.279  -2.857  9.170   1.00 23.19  ? 144 SER A N   1 
ATOM   829  C  CA  . SER A 1 105 ? -0.139  -2.455  10.028  1.00 24.55  ? 144 SER A CA  1 
ATOM   830  C  C   . SER A 1 105 ? 0.993   -3.484  9.952   1.00 22.44  ? 144 SER A C   1 
ATOM   831  O  O   . SER A 1 105 ? 2.114   -3.119  10.323  1.00 26.71  ? 144 SER A O   1 
ATOM   832  C  CB  . SER A 1 105 ? -0.593  -2.232  11.438  1.00 25.42  ? 144 SER A CB  1 
ATOM   833  O  OG  . SER A 1 105 ? -1.094  -3.432  11.980  1.00 28.95  ? 144 SER A OG  1 
ATOM   834  N  N   . LYS A 1 106 ? 0.724   -4.701  9.486   1.00 22.31  ? 145 LYS A N   1 
ATOM   835  C  CA  . LYS A 1 106 ? 1.684   -5.835  9.567   1.00 24.00  ? 145 LYS A CA  1 
ATOM   836  C  C   . LYS A 1 106 ? 2.300   -6.187  8.208   1.00 24.18  ? 145 LYS A C   1 
ATOM   837  O  O   . LYS A 1 106 ? 3.157   -7.078  8.170   1.00 26.21  ? 145 LYS A O   1 
ATOM   838  C  CB  . LYS A 1 106 ? 0.987   -7.055  10.172  1.00 24.40  ? 145 LYS A CB  1 
ATOM   839  C  CG  . LYS A 1 106 ? 0.454   -6.830  11.574  1.00 24.88  ? 145 LYS A CG  1 
ATOM   840  C  CD  . LYS A 1 106 ? 1.531   -6.449  12.543  1.00 24.83  ? 145 LYS A CD  1 
ATOM   841  C  CE  . LYS A 1 106 ? 1.100   -6.695  13.969  1.00 25.20  ? 145 LYS A CE  1 
ATOM   842  N  NZ  . LYS A 1 106 ? 2.140   -6.201  14.893  1.00 28.04  ? 145 LYS A NZ  1 
ATOM   843  N  N   . VAL A 1 107 ? 1.918   -5.519  7.117   1.00 23.46  ? 146 VAL A N   1 
ATOM   844  C  CA  . VAL A 1 107 ? 2.589   -5.790  5.820   1.00 23.34  ? 146 VAL A CA  1 
ATOM   845  C  C   . VAL A 1 107 ? 4.026   -5.286  5.920   1.00 21.52  ? 146 VAL A C   1 
ATOM   846  O  O   . VAL A 1 107 ? 4.236   -4.210  6.473   1.00 22.85  ? 146 VAL A O   1 
ATOM   847  C  CB  . VAL A 1 107 ? 1.842   -5.204  4.606   1.00 21.67  ? 146 VAL A CB  1 
ATOM   848  C  CG1 . VAL A 1 107 ? 1.680   -3.688  4.667   1.00 21.75  ? 146 VAL A CG1 1 
ATOM   849  C  CG2 . VAL A 1 107 ? 2.516   -5.646  3.320   1.00 21.67  ? 146 VAL A CG2 1 
ATOM   850  N  N   . LYS A 1 108 ? 4.967   -6.075  5.415   1.00 23.88  ? 147 LYS A N   1 
ATOM   851  C  CA  . LYS A 1 108 ? 6.400   -5.694  5.383   1.00 25.35  ? 147 LYS A CA  1 
ATOM   852  C  C   . LYS A 1 108 ? 6.850   -5.564  3.933   1.00 25.18  ? 147 LYS A C   1 
ATOM   853  O  O   . LYS A 1 108 ? 6.588   -6.481  3.147   1.00 25.58  ? 147 LYS A O   1 
ATOM   854  C  CB  . LYS A 1 108 ? 7.255   -6.736  6.110   1.00 28.58  ? 147 LYS A CB  1 
ATOM   855  C  CG  . LYS A 1 108 ? 6.978   -6.850  7.601   1.00 31.83  ? 147 LYS A CG  1 
ATOM   856  C  CD  . LYS A 1 108 ? 7.530   -8.120  8.221   1.00 35.16  ? 147 LYS A CD  1 
ATOM   857  C  CE  . LYS A 1 108 ? 8.592   -7.868  9.262   1.00 35.67  ? 147 LYS A CE  1 
ATOM   858  N  NZ  . LYS A 1 108 ? 9.029   -9.148  9.871   1.00 34.61  ? 147 LYS A NZ  1 
ATOM   859  N  N   . LEU A 1 109 ? 7.498   -4.453  3.608   1.00 25.10  ? 148 LEU A N   1 
ATOM   860  C  CA  . LEU A 1 109 ? 8.018   -4.182  2.245   1.00 26.40  ? 148 LEU A CA  1 
ATOM   861  C  C   . LEU A 1 109 ? 9.488   -4.589  2.211   1.00 29.02  ? 148 LEU A C   1 
ATOM   862  O  O   . LEU A 1 109 ? 10.248  -4.099  3.076   1.00 26.34  ? 148 LEU A O   1 
ATOM   863  C  CB  . LEU A 1 109 ? 7.836   -2.697  1.924   1.00 25.04  ? 148 LEU A CB  1 
ATOM   864  C  CG  . LEU A 1 109 ? 6.406   -2.175  2.102   1.00 24.44  ? 148 LEU A CG  1 
ATOM   865  C  CD1 . LEU A 1 109 ? 6.286   -0.717  1.688   1.00 24.26  ? 148 LEU A CD1 1 
ATOM   866  C  CD2 . LEU A 1 109 ? 5.427   -3.052  1.335   1.00 25.11  ? 148 LEU A CD2 1 
ATOM   867  N  N   . THR A 1 110 ? 9.857   -5.433  1.251   1.00 29.39  ? 149 THR A N   1 
ATOM   868  C  CA  . THR A 1 110 ? 11.252  -5.917  1.091   1.00 31.88  ? 149 THR A CA  1 
ATOM   869  C  C   . THR A 1 110 ? 11.762  -5.625  -0.320  1.00 32.45  ? 149 THR A C   1 
ATOM   870  O  O   . THR A 1 110 ? 10.939  -5.414  -1.236  1.00 30.11  ? 149 THR A O   1 
ATOM   871  C  CB  . THR A 1 110 ? 11.379  -7.406  1.445   1.00 32.61  ? 149 THR A CB  1 
ATOM   872  O  OG1 . THR A 1 110 ? 12.759  -7.765  1.355   1.00 34.04  ? 149 THR A OG1 1 
ATOM   873  C  CG2 . THR A 1 110 ? 10.581  -8.316  0.541   1.00 30.54  ? 149 THR A CG2 1 
ATOM   874  N  N   . ASN A 1 111 ? 13.086  -5.653  -0.479  1.00 33.97  ? 150 ASN A N   1 
ATOM   875  C  CA  . ASN A 1 111 ? 13.774  -5.570  -1.794  1.00 37.86  ? 150 ASN A CA  1 
ATOM   876  C  C   . ASN A 1 111 ? 14.313  -6.946  -2.200  1.00 40.45  ? 150 ASN A C   1 
ATOM   877  O  O   . ASN A 1 111 ? 14.884  -7.024  -3.284  1.00 40.90  ? 150 ASN A O   1 
ATOM   878  C  CB  . ASN A 1 111 ? 14.858  -4.485  -1.824  1.00 37.94  ? 150 ASN A CB  1 
ATOM   879  C  CG  . ASN A 1 111 ? 15.916  -4.586  -0.743  1.00 37.64  ? 150 ASN A CG  1 
ATOM   880  O  OD1 . ASN A 1 111 ? 16.843  -3.785  -0.732  1.00 43.68  ? 150 ASN A OD1 1 
ATOM   881  N  ND2 . ASN A 1 111 ? 15.803  -5.538  0.164   1.00 37.12  ? 150 ASN A ND2 1 
ATOM   882  N  N   . LYS A 1 112 ? 14.087  -8.002  -1.409  1.00 44.84  ? 151 LYS A N   1 
ATOM   883  C  CA  . LYS A 1 112 ? 14.662  -9.357  -1.656  1.00 53.38  ? 151 LYS A CA  1 
ATOM   884  C  C   . LYS A 1 112 ? 13.544  -10.408 -1.650  1.00 56.67  ? 151 LYS A C   1 
ATOM   885  O  O   . LYS A 1 112 ? 12.661  -10.312 -0.777  1.00 59.96  ? 151 LYS A O   1 
ATOM   886  C  CB  . LYS A 1 112 ? 15.717  -9.680  -0.591  1.00 58.64  ? 151 LYS A CB  1 
ATOM   887  C  CG  . LYS A 1 112 ? 16.943  -8.766  -0.563  1.00 61.54  ? 151 LYS A CG  1 
ATOM   888  C  CD  . LYS A 1 112 ? 18.107  -9.258  -1.412  1.00 64.38  ? 151 LYS A CD  1 
ATOM   889  C  CE  . LYS A 1 112 ? 19.467  -8.893  -0.853  1.00 66.14  ? 151 LYS A CE  1 
ATOM   890  N  NZ  . LYS A 1 112 ? 20.543  -9.713  -1.459  1.00 66.50  ? 151 LYS A NZ  1 
ATOM   891  N  N   . LEU A 1 113 ? 13.578  -11.372 -2.582  1.00 61.21  ? 152 LEU A N   1 
ATOM   892  C  CA  . LEU A 1 113 ? 12.610  -12.508 -2.628  1.00 64.17  ? 152 LEU A CA  1 
ATOM   893  C  C   . LEU A 1 113 ? 12.765  -13.326 -1.338  1.00 67.27  ? 152 LEU A C   1 
ATOM   894  O  O   . LEU A 1 113 ? 13.914  -13.576 -0.926  1.00 66.29  ? 152 LEU A O   1 
ATOM   895  C  CB  . LEU A 1 113 ? 12.751  -13.373 -3.895  1.00 63.33  ? 152 LEU A CB  1 
ATOM   896  C  CG  . LEU A 1 113 ? 14.135  -13.613 -4.515  1.00 63.57  ? 152 LEU A CG  1 
ATOM   897  C  CD1 . LEU A 1 113 ? 14.507  -12.514 -5.505  1.00 63.37  ? 152 LEU A CD1 1 
ATOM   898  C  CD2 . LEU A 1 113 ? 15.236  -13.812 -3.478  1.00 63.86  ? 152 LEU A CD2 1 
ATOM   899  N  N   . ASN A 1 114 ? 11.640  -13.682 -0.708  1.00 72.44  ? 153 ASN A N   1 
ATOM   900  C  CA  . ASN A 1 114 ? 11.571  -14.078 0.724   1.00 78.97  ? 153 ASN A CA  1 
ATOM   901  C  C   . ASN A 1 114 ? 10.708  -15.332 0.900   1.00 80.73  ? 153 ASN A C   1 
ATOM   902  O  O   . ASN A 1 114 ? 9.965   -15.687 -0.042  1.00 82.02  ? 153 ASN A O   1 
ATOM   903  C  CB  . ASN A 1 114 ? 11.027  -12.933 1.589   1.00 82.60  ? 153 ASN A CB  1 
ATOM   904  C  CG  . ASN A 1 114 ? 12.057  -11.866 1.905   1.00 85.96  ? 153 ASN A CG  1 
ATOM   905  O  OD1 . ASN A 1 114 ? 13.233  -12.002 1.575   1.00 92.37  ? 153 ASN A OD1 1 
ATOM   906  N  ND2 . ASN A 1 114 ? 11.623  -10.797 2.553   1.00 87.80  ? 153 ASN A ND2 1 
ATOM   907  N  N   . GLY A 1 115 ? 10.794  -15.942 2.090   1.00 83.37  ? 154 GLY A N   1 
ATOM   908  C  CA  . GLY A 1 115 ? 10.057  -17.155 2.500   1.00 81.92  ? 154 GLY A CA  1 
ATOM   909  C  C   . GLY A 1 115 ? 8.548   -16.969 2.478   1.00 77.18  ? 154 GLY A C   1 
ATOM   910  O  O   . GLY A 1 115 ? 7.837   -17.981 2.632   1.00 76.39  ? 154 GLY A O   1 
ATOM   911  N  N   . GLY A 1 116 ? 8.079   -15.727 2.321   1.00 72.22  ? 155 GLY A N   1 
ATOM   912  C  CA  . GLY A 1 116 ? 6.652   -15.380 2.196   1.00 67.47  ? 155 GLY A CA  1 
ATOM   913  C  C   . GLY A 1 116 ? 6.230   -14.414 3.282   1.00 61.99  ? 155 GLY A C   1 
ATOM   914  O  O   . GLY A 1 116 ? 7.032   -14.154 4.196   1.00 63.51  ? 155 GLY A O   1 
ATOM   915  N  N   . GLY A 1 117 ? 4.997   -13.922 3.206   1.00 60.20  ? 156 GLY A N   1 
ATOM   916  C  CA  . GLY A 1 117 ? 4.521   -12.794 4.025   1.00 53.96  ? 156 GLY A CA  1 
ATOM   917  C  C   . GLY A 1 117 ? 4.970   -11.485 3.409   1.00 49.50  ? 156 GLY A C   1 
ATOM   918  O  O   . GLY A 1 117 ? 4.128   -10.819 2.777   1.00 49.34  ? 156 GLY A O   1 
ATOM   919  N  N   . GLN A 1 118 ? 6.262   -11.158 3.542   1.00 45.57  ? 157 GLN A N   1 
ATOM   920  C  CA  . GLN A 1 118 ? 6.862   -9.893  3.035   1.00 40.24  ? 157 GLN A CA  1 
ATOM   921  C  C   . GLN A 1 118 ? 6.511   -9.724  1.553   1.00 37.53  ? 157 GLN A C   1 
ATOM   922  O  O   . GLN A 1 118 ? 6.402   -10.742 0.847   1.00 36.89  ? 157 GLN A O   1 
ATOM   923  C  CB  . GLN A 1 118 ? 8.386   -9.858  3.170   1.00 41.64  ? 157 GLN A CB  1 
ATOM   924  C  CG  . GLN A 1 118 ? 8.900   -10.062 4.582   1.00 42.85  ? 157 GLN A CG  1 
ATOM   925  C  CD  . GLN A 1 118 ? 9.619   -11.379 4.740   1.00 44.42  ? 157 GLN A CD  1 
ATOM   926  O  OE1 . GLN A 1 118 ? 10.765  -11.424 5.178   1.00 49.91  ? 157 GLN A OE1 1 
ATOM   927  N  NE2 . GLN A 1 118 ? 8.966   -12.463 4.359   1.00 43.25  ? 157 GLN A NE2 1 
ATOM   928  N  N   . ILE A 1 119 ? 6.333   -8.476  1.112   1.00 30.92  ? 158 ILE A N   1 
ATOM   929  C  CA  . ILE A 1 119 ? 6.029   -8.129  -0.306  1.00 30.61  ? 158 ILE A CA  1 
ATOM   930  C  C   . ILE A 1 119 ? 7.261   -7.475  -0.932  1.00 29.00  ? 158 ILE A C   1 
ATOM   931  O  O   . ILE A 1 119 ? 7.669   -6.395  -0.458  1.00 27.41  ? 158 ILE A O   1 
ATOM   932  C  CB  . ILE A 1 119 ? 4.810   -7.194  -0.388  1.00 30.76  ? 158 ILE A CB  1 
ATOM   933  C  CG1 . ILE A 1 119 ? 3.564   -7.850  0.220   1.00 31.42  ? 158 ILE A CG1 1 
ATOM   934  C  CG2 . ILE A 1 119 ? 4.594   -6.716  -1.817  1.00 30.04  ? 158 ILE A CG2 1 
ATOM   935  C  CD1 . ILE A 1 119 ? 3.140   -9.163  -0.432  1.00 32.19  ? 158 ILE A CD1 1 
ATOM   936  N  N   . MET A 1 120 ? 7.774   -8.082  -2.002  1.00 30.68  ? 159 MET A N   1 
ATOM   937  C  CA  . MET A 1 120 ? 8.993   -7.614  -2.704  1.00 31.65  ? 159 MET A CA  1 
ATOM   938  C  C   . MET A 1 120 ? 8.623   -6.464  -3.634  1.00 29.66  ? 159 MET A C   1 
ATOM   939  O  O   . MET A 1 120 ? 7.736   -6.629  -4.478  1.00 29.48  ? 159 MET A O   1 
ATOM   940  C  CB  . MET A 1 120 ? 9.647   -8.721  -3.532  1.00 36.39  ? 159 MET A CB  1 
ATOM   941  C  CG  . MET A 1 120 ? 11.014  -8.318  -4.069  1.00 42.35  ? 159 MET A CG  1 
ATOM   942  S  SD  . MET A 1 120 ? 11.843  -9.688  -4.902  1.00 49.86  ? 159 MET A SD  1 
ATOM   943  C  CE  . MET A 1 120 ? 11.135  -9.550  -6.544  1.00 47.48  ? 159 MET A CE  1 
ATOM   944  N  N   . LEU A 1 121 ? 9.275   -5.324  -3.457  1.00 27.26  ? 160 LEU A N   1 
ATOM   945  C  CA  . LEU A 1 121 ? 9.159   -4.181  -4.389  1.00 25.85  ? 160 LEU A CA  1 
ATOM   946  C  C   . LEU A 1 121 ? 10.545  -3.941  -4.979  1.00 28.89  ? 160 LEU A C   1 
ATOM   947  O  O   . LEU A 1 121 ? 11.521  -4.447  -4.386  1.00 31.00  ? 160 LEU A O   1 
ATOM   948  C  CB  . LEU A 1 121 ? 8.659   -2.944  -3.644  1.00 25.72  ? 160 LEU A CB  1 
ATOM   949  C  CG  . LEU A 1 121 ? 7.338   -3.073  -2.888  1.00 24.39  ? 160 LEU A CG  1 
ATOM   950  C  CD1 . LEU A 1 121 ? 6.997   -1.783  -2.165  1.00 23.90  ? 160 LEU A CD1 1 
ATOM   951  C  CD2 . LEU A 1 121 ? 6.201   -3.460  -3.835  1.00 24.89  ? 160 LEU A CD2 1 
ATOM   952  N  N   . ASN A 1 122 ? 10.609  -3.234  -6.104  1.00 30.06  ? 161 ASN A N   1 
ATOM   953  C  CA  . ASN A 1 122 ? 11.876  -2.770  -6.731  1.00 31.33  ? 161 ASN A CA  1 
ATOM   954  C  C   . ASN A 1 122 ? 12.213  -1.404  -6.142  1.00 31.66  ? 161 ASN A C   1 
ATOM   955  O  O   . ASN A 1 122 ? 11.385  -0.481  -6.258  1.00 27.53  ? 161 ASN A O   1 
ATOM   956  C  CB  . ASN A 1 122 ? 11.781  -2.645  -8.252  1.00 32.93  ? 161 ASN A CB  1 
ATOM   957  C  CG  . ASN A 1 122 ? 11.535  -3.968  -8.943  1.00 37.28  ? 161 ASN A CG  1 
ATOM   958  O  OD1 . ASN A 1 122 ? 12.138  -4.973  -8.582  1.00 41.61  ? 161 ASN A OD1 1 
ATOM   959  N  ND2 . ASN A 1 122 ? 10.669  -3.973  -9.944  1.00 41.35  ? 161 ASN A ND2 1 
ATOM   960  N  N   . SER A 1 123 ? 13.387  -1.276  -5.533  1.00 29.47  ? 162 SER A N   1 
ATOM   961  C  CA  . SER A 1 123 ? 13.898  0.013   -5.020  1.00 29.82  ? 162 SER A CA  1 
ATOM   962  C  C   . SER A 1 123 ? 13.895  1.051   -6.152  1.00 26.15  ? 162 SER A C   1 
ATOM   963  O  O   . SER A 1 123 ? 14.126  0.667   -7.320  1.00 26.38  ? 162 SER A O   1 
ATOM   964  C  CB  . SER A 1 123 ? 15.262  -0.166  -4.405  1.00 34.47  ? 162 SER A CB  1 
ATOM   965  O  OG  . SER A 1 123 ? 15.607  0.985   -3.660  1.00 41.21  ? 162 SER A OG  1 
ATOM   966  N  N   . LEU A 1 124 ? 13.590  2.312   -5.818  1.00 26.25  ? 163 LEU A N   1 
ATOM   967  C  CA  . LEU A 1 124 ? 13.605  3.494   -6.720  1.00 24.80  ? 163 LEU A CA  1 
ATOM   968  C  C   . LEU A 1 124 ? 12.510  3.390   -7.793  1.00 23.07  ? 163 LEU A C   1 
ATOM   969  O  O   . LEU A 1 124 ? 12.604  4.094   -8.814  1.00 24.67  ? 163 LEU A O   1 
ATOM   970  C  CB  . LEU A 1 124 ? 14.988  3.627   -7.359  1.00 27.76  ? 163 LEU A CB  1 
ATOM   971  C  CG  . LEU A 1 124 ? 16.128  3.835   -6.360  1.00 28.91  ? 163 LEU A CG  1 
ATOM   972  C  CD1 . LEU A 1 124 ? 17.405  4.236   -7.078  1.00 30.93  ? 163 LEU A CD1 1 
ATOM   973  C  CD2 . LEU A 1 124 ? 15.758  4.871   -5.310  1.00 28.81  ? 163 LEU A CD2 1 
ATOM   974  N  N   . HIS A 1 125 ? 11.506  2.556   -7.562  1.00 23.16  ? 164 HIS A N   1 
ATOM   975  C  CA  . HIS A 1 125 ? 10.246  2.553   -8.350  1.00 23.08  ? 164 HIS A CA  1 
ATOM   976  C  C   . HIS A 1 125 ? 9.112   3.161   -7.519  1.00 21.38  ? 164 HIS A C   1 
ATOM   977  O  O   . HIS A 1 125 ? 9.134   3.060   -6.251  1.00 20.11  ? 164 HIS A O   1 
ATOM   978  C  CB  . HIS A 1 125 ? 9.943   1.152   -8.859  1.00 25.37  ? 164 HIS A CB  1 
ATOM   979  C  CG  . HIS A 1 125 ? 10.897  0.758   -9.932  1.00 28.41  ? 164 HIS A CG  1 
ATOM   980  N  ND1 . HIS A 1 125 ? 12.232  0.488   -9.666  1.00 33.42  ? 164 HIS A ND1 1 
ATOM   981  C  CD2 . HIS A 1 125 ? 10.740  0.663   -11.269 1.00 30.43  ? 164 HIS A CD2 1 
ATOM   982  C  CE1 . HIS A 1 125 ? 12.853  0.215   -10.802 1.00 31.45  ? 164 HIS A CE1 1 
ATOM   983  N  NE2 . HIS A 1 125 ? 11.961  0.324   -11.802 1.00 32.68  ? 164 HIS A NE2 1 
ATOM   984  N  N   . LYS A 1 126 ? 8.184   3.794   -8.229  1.00 20.00  ? 165 LYS A N   1 
ATOM   985  C  CA  . LYS A 1 126 ? 7.024   4.493   -7.648  1.00 19.66  ? 165 LYS A CA  1 
ATOM   986  C  C   . LYS A 1 126 ? 5.854   3.514   -7.674  1.00 20.12  ? 165 LYS A C   1 
ATOM   987  O  O   . LYS A 1 126 ? 5.671   2.840   -8.708  1.00 19.04  ? 165 LYS A O   1 
ATOM   988  C  CB  . LYS A 1 126 ? 6.697   5.756   -8.438  1.00 21.31  ? 165 LYS A CB  1 
ATOM   989  C  CG  . LYS A 1 126 ? 5.671   6.659   -7.774  1.00 24.29  ? 165 LYS A CG  1 
ATOM   990  C  CD  . LYS A 1 126 ? 5.438   7.967   -8.484  1.00 26.55  ? 165 LYS A CD  1 
ATOM   991  C  CE  . LYS A 1 126 ? 6.564   8.959   -8.285  1.00 28.37  ? 165 LYS A CE  1 
ATOM   992  N  NZ  . LYS A 1 126 ? 6.138   10.347  -8.588  1.00 29.50  ? 165 LYS A NZ  1 
ATOM   993  N  N   . TYR A 1 127 ? 5.118   3.451   -6.568  1.00 18.18  ? 166 TYR A N   1 
ATOM   994  C  CA  . TYR A 1 127 ? 4.034   2.470   -6.340  1.00 17.02  ? 166 TYR A CA  1 
ATOM   995  C  C   . TYR A 1 127 ? 2.782   3.180   -5.860  1.00 16.48  ? 166 TYR A C   1 
ATOM   996  O  O   . TYR A 1 127 ? 2.870   4.163   -5.121  1.00 16.80  ? 166 TYR A O   1 
ATOM   997  C  CB  . TYR A 1 127 ? 4.435   1.414   -5.308  1.00 17.66  ? 166 TYR A CB  1 
ATOM   998  C  CG  . TYR A 1 127 ? 5.488   0.497   -5.846  1.00 18.83  ? 166 TYR A CG  1 
ATOM   999  C  CD1 . TYR A 1 127 ? 5.152   -0.555  -6.670  1.00 20.51  ? 166 TYR A CD1 1 
ATOM   1000 C  CD2 . TYR A 1 127 ? 6.827   0.715   -5.557  1.00 20.12  ? 166 TYR A CD2 1 
ATOM   1001 C  CE1 . TYR A 1 127 ? 6.113   -1.402  -7.186  1.00 21.82  ? 166 TYR A CE1 1 
ATOM   1002 C  CE2 . TYR A 1 127 ? 7.803   -0.111  -6.083  1.00 21.41  ? 166 TYR A CE2 1 
ATOM   1003 C  CZ  . TYR A 1 127 ? 7.445   -1.184  -6.878  1.00 22.34  ? 166 TYR A CZ  1 
ATOM   1004 O  OH  . TYR A 1 127 ? 8.405   -2.002  -7.408  1.00 27.89  ? 166 TYR A OH  1 
ATOM   1005 N  N   . GLU A 1 128 ? 1.638   2.603   -6.252  1.00 15.95  ? 167 GLU A N   1 
ATOM   1006 C  CA  . GLU A 1 128 ? 0.294   3.025   -5.818  1.00 16.49  ? 167 GLU A CA  1 
ATOM   1007 C  C   . GLU A 1 128 ? -0.367  1.849   -5.124  1.00 17.41  ? 167 GLU A C   1 
ATOM   1008 O  O   . GLU A 1 128 ? -0.712  0.853   -5.757  1.00 16.06  ? 167 GLU A O   1 
ATOM   1009 C  CB  . GLU A 1 128 ? -0.532  3.466   -7.027  1.00 14.68  ? 167 GLU A CB  1 
ATOM   1010 C  CG  . GLU A 1 128 ? -1.893  4.022   -6.671  1.00 16.63  ? 167 GLU A CG  1 
ATOM   1011 C  CD  . GLU A 1 128 ? -2.610  4.686   -7.845  1.00 15.51  ? 167 GLU A CD  1 
ATOM   1012 O  OE1 . GLU A 1 128 ? -3.241  3.922   -8.678  1.00 17.22  ? 167 GLU A OE1 1 
ATOM   1013 O  OE2 . GLU A 1 128 ? -2.581  5.917   -7.905  1.00 14.32  ? 167 GLU A OE2 1 
ATOM   1014 N  N   . PRO A 1 129 ? -0.501  1.919   -3.783  1.00 15.84  ? 168 PRO A N   1 
ATOM   1015 C  CA  . PRO A 1 129 ? -1.231  0.897   -3.054  1.00 17.06  ? 168 PRO A CA  1 
ATOM   1016 C  C   . PRO A 1 129 ? -2.649  0.735   -3.606  1.00 15.24  ? 168 PRO A C   1 
ATOM   1017 O  O   . PRO A 1 129 ? -3.288  1.724   -3.970  1.00 15.77  ? 168 PRO A O   1 
ATOM   1018 C  CB  . PRO A 1 129 ? -1.223  1.408   -1.615  1.00 16.21  ? 168 PRO A CB  1 
ATOM   1019 C  CG  . PRO A 1 129 ? 0.048   2.241   -1.559  1.00 15.68  ? 168 PRO A CG  1 
ATOM   1020 C  CD  . PRO A 1 129 ? 0.086   2.943   -2.904  1.00 16.48  ? 168 PRO A CD  1 
ATOM   1021 N  N   . ARG A 1 130 ? -3.100  -0.513  -3.565  1.00 16.05  ? 169 ARG A N   1 
ATOM   1022 C  CA  . ARG A 1 130 ? -4.404  -0.961  -4.099  1.00 16.06  ? 169 ARG A CA  1 
ATOM   1023 C  C   . ARG A 1 130 ? -4.939  -2.098  -3.224  1.00 17.61  ? 169 ARG A C   1 
ATOM   1024 O  O   . ARG A 1 130 ? -4.172  -3.005  -2.825  1.00 17.25  ? 169 ARG A O   1 
ATOM   1025 C  CB  . ARG A 1 130 ? -4.237  -1.358  -5.563  1.00 16.81  ? 169 ARG A CB  1 
ATOM   1026 C  CG  . ARG A 1 130 ? -5.519  -1.860  -6.216  1.00 17.59  ? 169 ARG A CG  1 
ATOM   1027 C  CD  . ARG A 1 130 ? -5.186  -2.147  -7.672  1.00 17.06  ? 169 ARG A CD  1 
ATOM   1028 N  NE  . ARG A 1 130 ? -4.410  -3.356  -7.820  1.00 16.90  ? 169 ARG A NE  1 
ATOM   1029 C  CZ  . ARG A 1 130 ? -4.051  -3.919  -8.959  1.00 17.17  ? 169 ARG A CZ  1 
ATOM   1030 N  NH1 . ARG A 1 130 ? -4.439  -3.407  -10.122 1.00 16.88  ? 169 ARG A NH1 1 
ATOM   1031 N  NH2 . ARG A 1 130 ? -3.378  -5.053  -8.959  1.00 17.73  ? 169 ARG A NH2 1 
ATOM   1032 N  N   . ILE A 1 131 ? -6.232  -2.086  -2.942  1.00 18.23  ? 170 ILE A N   1 
ATOM   1033 C  CA  . ILE A 1 131 ? -6.840  -3.225  -2.204  1.00 18.36  ? 170 ILE A CA  1 
ATOM   1034 C  C   . ILE A 1 131 ? -7.823  -3.961  -3.110  1.00 19.15  ? 170 ILE A C   1 
ATOM   1035 O  O   . ILE A 1 131 ? -8.297  -3.395  -4.124  1.00 18.92  ? 170 ILE A O   1 
ATOM   1036 C  CB  . ILE A 1 131 ? -7.489  -2.789  -0.881  1.00 18.87  ? 170 ILE A CB  1 
ATOM   1037 C  CG1 . ILE A 1 131 ? -8.635  -1.804  -1.098  1.00 20.77  ? 170 ILE A CG1 1 
ATOM   1038 C  CG2 . ILE A 1 131 ? -6.427  -2.244  0.077   1.00 19.37  ? 170 ILE A CG2 1 
ATOM   1039 C  CD1 . ILE A 1 131 ? -9.538  -1.626  0.106   1.00 22.25  ? 170 ILE A CD1 1 
ATOM   1040 N  N   . HIS A 1 132 ? -8.046  -5.220  -2.775  1.00 19.58  ? 171 HIS A N   1 
ATOM   1041 C  CA  . HIS A 1 132 ? -9.103  -6.067  -3.375  1.00 19.37  ? 171 HIS A CA  1 
ATOM   1042 C  C   . HIS A 1 132 ? -9.956  -6.574  -2.222  1.00 21.26  ? 171 HIS A C   1 
ATOM   1043 O  O   . HIS A 1 132 ? -9.377  -7.115  -1.247  1.00 20.93  ? 171 HIS A O   1 
ATOM   1044 C  CB  . HIS A 1 132 ? -8.514  -7.198  -4.212  1.00 20.35  ? 171 HIS A CB  1 
ATOM   1045 C  CG  . HIS A 1 132 ? -7.430  -6.760  -5.125  1.00 20.54  ? 171 HIS A CG  1 
ATOM   1046 N  ND1 . HIS A 1 132 ? -7.681  -6.088  -6.309  1.00 20.10  ? 171 HIS A ND1 1 
ATOM   1047 C  CD2 . HIS A 1 132 ? -6.087  -6.876  -5.028  1.00 19.83  ? 171 HIS A CD2 1 
ATOM   1048 C  CE1 . HIS A 1 132 ? -6.540  -5.834  -6.918  1.00 19.77  ? 171 HIS A CE1 1 
ATOM   1049 N  NE2 . HIS A 1 132 ? -5.544  -6.286  -6.143  1.00 20.72  ? 171 HIS A NE2 1 
ATOM   1050 N  N   . ILE A 1 133 ? -11.263 -6.364  -2.298  1.00 22.08  ? 172 ILE A N   1 
ATOM   1051 C  CA  . ILE A 1 133 ? -12.218 -6.908  -1.290  1.00 22.58  ? 172 ILE A CA  1 
ATOM   1052 C  C   . ILE A 1 133 ? -12.884 -8.081  -1.987  1.00 24.16  ? 172 ILE A C   1 
ATOM   1053 O  O   . ILE A 1 133 ? -13.534 -7.851  -3.028  1.00 22.88  ? 172 ILE A O   1 
ATOM   1054 C  CB  . ILE A 1 133 ? -13.225 -5.860  -0.785  1.00 22.67  ? 172 ILE A CB  1 
ATOM   1055 C  CG1 . ILE A 1 133 ? -12.542 -4.665  -0.131  1.00 21.72  ? 172 ILE A CG1 1 
ATOM   1056 C  CG2 . ILE A 1 133 ? -14.246 -6.492  0.152   1.00 21.85  ? 172 ILE A CG2 1 
ATOM   1057 C  CD1 . ILE A 1 133 ? -13.425 -3.463  0.028   1.00 23.01  ? 172 ILE A CD1 1 
ATOM   1058 N  N   . VAL A 1 134 ? -12.602 -9.289  -1.511  1.00 23.81  ? 173 VAL A N   1 
ATOM   1059 C  CA  . VAL A 1 134 ? -12.993 -10.550 -2.200  1.00 24.42  ? 173 VAL A CA  1 
ATOM   1060 C  C   . VAL A 1 134 ? -14.108 -11.185 -1.370  1.00 26.10  ? 173 VAL A C   1 
ATOM   1061 O  O   . VAL A 1 134 ? -13.842 -11.532 -0.192  1.00 25.90  ? 173 VAL A O   1 
ATOM   1062 C  CB  . VAL A 1 134 ? -11.796 -11.494 -2.395  1.00 26.31  ? 173 VAL A CB  1 
ATOM   1063 C  CG1 . VAL A 1 134 ? -12.183 -12.737 -3.171  1.00 27.27  ? 173 VAL A CG1 1 
ATOM   1064 C  CG2 . VAL A 1 134 ? -10.618 -10.792 -3.065  1.00 28.42  ? 173 VAL A CG2 1 
ATOM   1065 N  N   . ARG A 1 135 ? -15.323 -11.244 -1.922  1.00 28.35  ? 174 ARG A N   1 
ATOM   1066 C  CA  . ARG A 1 135 ? -16.449 -11.980 -1.295  1.00 31.95  ? 174 ARG A CA  1 
ATOM   1067 C  C   . ARG A 1 135 ? -16.189 -13.458 -1.566  1.00 33.54  ? 174 ARG A C   1 
ATOM   1068 O  O   . ARG A 1 135 ? -16.198 -13.836 -2.760  1.00 31.85  ? 174 ARG A O   1 
ATOM   1069 C  CB  . ARG A 1 135 ? -17.807 -11.507 -1.825  1.00 35.95  ? 174 ARG A CB  1 
ATOM   1070 C  CG  . ARG A 1 135 ? -18.988 -12.150 -1.115  1.00 40.07  ? 174 ARG A CG  1 
ATOM   1071 C  CD  . ARG A 1 135 ? -20.293 -11.492 -1.505  1.00 45.37  ? 174 ARG A CD  1 
ATOM   1072 N  NE  . ARG A 1 135 ? -21.432 -12.193 -0.931  1.00 49.71  ? 174 ARG A NE  1 
ATOM   1073 C  CZ  . ARG A 1 135 ? -22.691 -11.755 -0.963  1.00 53.25  ? 174 ARG A CZ  1 
ATOM   1074 N  NH1 . ARG A 1 135 ? -22.994 -10.603 -1.541  1.00 57.34  ? 174 ARG A NH1 1 
ATOM   1075 N  NH2 . ARG A 1 135 ? -23.651 -12.470 -0.404  1.00 54.34  ? 174 ARG A NH2 1 
ATOM   1076 N  N   . VAL A 1 136 ? -15.973 -14.227 -0.491  1.00 37.37  ? 175 VAL A N   1 
ATOM   1077 C  CA  . VAL A 1 136 ? -15.514 -15.649 -0.493  1.00 41.35  ? 175 VAL A CA  1 
ATOM   1078 C  C   . VAL A 1 136 ? -16.631 -16.544 0.070   1.00 48.47  ? 175 VAL A C   1 
ATOM   1079 O  O   . VAL A 1 136 ? -17.486 -16.041 0.828   1.00 46.60  ? 175 VAL A O   1 
ATOM   1080 C  CB  . VAL A 1 136 ? -14.224 -15.799 0.339   1.00 40.92  ? 175 VAL A CB  1 
ATOM   1081 C  CG1 . VAL A 1 136 ? -13.072 -14.997 -0.249  1.00 42.19  ? 175 VAL A CG1 1 
ATOM   1082 C  CG2 . VAL A 1 136 ? -14.420 -15.412 1.801   1.00 42.13  ? 175 VAL A CG2 1 
ATOM   1083 N  N   . GLY A 1 137 ? -16.612 -17.836 -0.265  1.00 56.55  ? 176 GLY A N   1 
ATOM   1084 C  CA  . GLY A 1 137 ? -17.480 -18.856 0.357   1.00 63.62  ? 176 GLY A CA  1 
ATOM   1085 C  C   . GLY A 1 137 ? -18.897 -18.827 -0.187  1.00 69.63  ? 176 GLY A C   1 
ATOM   1086 O  O   . GLY A 1 137 ? -19.478 -19.922 -0.371  1.00 75.11  ? 176 GLY A O   1 
ATOM   1087 N  N   . GLY A 1 138 ? -19.438 -17.626 -0.425  1.00 70.48  ? 177 GLY A N   1 
ATOM   1088 C  CA  . GLY A 1 138 ? -20.788 -17.405 -0.974  1.00 73.42  ? 177 GLY A CA  1 
ATOM   1089 C  C   . GLY A 1 138 ? -20.994 -18.145 -2.290  1.00 76.18  ? 177 GLY A C   1 
ATOM   1090 O  O   . GLY A 1 138 ? -20.062 -18.737 -2.838  1.00 70.38  ? 177 GLY A O   1 
ATOM   1091 N  N   . PRO A 1 139 ? -22.233 -18.143 -2.832  1.00 80.77  ? 178 PRO A N   1 
ATOM   1092 C  CA  . PRO A 1 139 ? -22.480 -18.696 -4.162  1.00 79.70  ? 178 PRO A CA  1 
ATOM   1093 C  C   . PRO A 1 139 ? -21.587 -17.982 -5.189  1.00 76.41  ? 178 PRO A C   1 
ATOM   1094 O  O   . PRO A 1 139 ? -20.646 -18.598 -5.672  1.00 69.84  ? 178 PRO A O   1 
ATOM   1095 C  CB  . PRO A 1 139 ? -23.987 -18.475 -4.402  1.00 81.18  ? 178 PRO A CB  1 
ATOM   1096 C  CG  . PRO A 1 139 ? -24.424 -17.464 -3.348  1.00 80.29  ? 178 PRO A CG  1 
ATOM   1097 C  CD  . PRO A 1 139 ? -23.450 -17.612 -2.196  1.00 80.87  ? 178 PRO A CD  1 
ATOM   1098 N  N   . GLN A 1 140 ? -21.878 -16.702 -5.457  1.00 73.77  ? 179 GLN A N   1 
ATOM   1099 C  CA  . GLN A 1 140 ? -21.125 -15.838 -6.405  1.00 70.43  ? 179 GLN A CA  1 
ATOM   1100 C  C   . GLN A 1 140 ? -19.898 -15.266 -5.684  1.00 58.30  ? 179 GLN A C   1 
ATOM   1101 O  O   . GLN A 1 140 ? -20.062 -14.520 -4.705  1.00 54.53  ? 179 GLN A O   1 
ATOM   1102 C  CB  . GLN A 1 140 ? -22.014 -14.721 -6.962  1.00 74.60  ? 179 GLN A CB  1 
ATOM   1103 C  CG  . GLN A 1 140 ? -22.346 -13.634 -5.944  1.00 82.26  ? 179 GLN A CG  1 
ATOM   1104 C  CD  . GLN A 1 140 ? -23.680 -12.975 -6.197  1.00 85.87  ? 179 GLN A CD  1 
ATOM   1105 O  OE1 . GLN A 1 140 ? -23.871 -12.273 -7.186  1.00 87.54  ? 179 GLN A OE1 1 
ATOM   1106 N  NE2 . GLN A 1 140 ? -24.613 -13.184 -5.282  1.00 86.81  ? 179 GLN A NE2 1 
ATOM   1107 N  N   . ARG A 1 141 ? -18.705 -15.617 -6.155  1.00 52.40  ? 180 ARG A N   1 
ATOM   1108 C  CA  . ARG A 1 141 ? -17.471 -14.858 -5.848  1.00 47.59  ? 180 ARG A CA  1 
ATOM   1109 C  C   . ARG A 1 141 ? -17.666 -13.436 -6.400  1.00 40.71  ? 180 ARG A C   1 
ATOM   1110 O  O   . ARG A 1 141 ? -18.390 -13.286 -7.415  1.00 37.32  ? 180 ARG A O   1 
ATOM   1111 C  CB  . ARG A 1 141 ? -16.266 -15.609 -6.423  1.00 53.31  ? 180 ARG A CB  1 
ATOM   1112 C  CG  . ARG A 1 141 ? -14.970 -14.813 -6.422  1.00 60.00  ? 180 ARG A CG  1 
ATOM   1113 C  CD  . ARG A 1 141 ? -13.751 -15.685 -6.214  1.00 62.60  ? 180 ARG A CD  1 
ATOM   1114 N  NE  . ARG A 1 141 ? -13.673 -16.108 -4.826  1.00 67.39  ? 180 ARG A NE  1 
ATOM   1115 C  CZ  . ARG A 1 141 ? -12.735 -16.906 -4.330  1.00 71.11  ? 180 ARG A CZ  1 
ATOM   1116 N  NH1 . ARG A 1 141 ? -12.755 -17.227 -3.047  1.00 70.46  ? 180 ARG A NH1 1 
ATOM   1117 N  NH2 . ARG A 1 141 ? -11.787 -17.386 -5.114  1.00 75.07  ? 180 ARG A NH2 1 
ATOM   1118 N  N   . MET A 1 142 ? -17.116 -12.419 -5.726  1.00 31.13  ? 181 MET A N   1 
ATOM   1119 C  CA  . MET A 1 142 ? -17.045 -11.032 -6.256  1.00 29.64  ? 181 MET A CA  1 
ATOM   1120 C  C   . MET A 1 142 ? -15.764 -10.369 -5.747  1.00 28.09  ? 181 MET A C   1 
ATOM   1121 O  O   . MET A 1 142 ? -15.282 -10.716 -4.659  1.00 24.17  ? 181 MET A O   1 
ATOM   1122 C  CB  . MET A 1 142 ? -18.257 -10.189 -5.846  1.00 29.75  ? 181 MET A CB  1 
ATOM   1123 C  CG  . MET A 1 142 ? -18.287 -8.772  -6.448  1.00 32.03  ? 181 MET A CG  1 
ATOM   1124 S  SD  . MET A 1 142 ? -18.073 -8.702  -8.262  1.00 30.50  ? 181 MET A SD  1 
ATOM   1125 C  CE  . MET A 1 142 ? -17.935 -6.938  -8.554  1.00 36.47  ? 181 MET A CE  1 
ATOM   1126 N  N   . ILE A 1 143 ? -15.246 -9.440  -6.539  1.00 24.39  ? 182 ILE A N   1 
ATOM   1127 C  CA  . ILE A 1 143 ? -14.035 -8.648  -6.210  1.00 22.49  ? 182 ILE A CA  1 
ATOM   1128 C  C   . ILE A 1 143 ? -14.388 -7.190  -6.444  1.00 22.45  ? 182 ILE A C   1 
ATOM   1129 O  O   . ILE A 1 143 ? -14.919 -6.869  -7.533  1.00 21.61  ? 182 ILE A O   1 
ATOM   1130 C  CB  . ILE A 1 143 ? -12.814 -9.100  -7.034  1.00 21.63  ? 182 ILE A CB  1 
ATOM   1131 C  CG1 . ILE A 1 143 ? -12.441 -10.551 -6.731  1.00 22.78  ? 182 ILE A CG1 1 
ATOM   1132 C  CG2 . ILE A 1 143 ? -11.616 -8.170  -6.821  1.00 22.47  ? 182 ILE A CG2 1 
ATOM   1133 C  CD1 . ILE A 1 143 ? -11.513 -11.154 -7.723  1.00 24.99  ? 182 ILE A CD1 1 
ATOM   1134 N  N   . THR A 1 144 ? -14.092 -6.352  -5.457  1.00 21.79  ? 183 THR A N   1 
ATOM   1135 C  CA  . THR A 1 144 ? -14.137 -4.875  -5.580  1.00 22.42  ? 183 THR A CA  1 
ATOM   1136 C  C   . THR A 1 144 ? -12.710 -4.398  -5.324  1.00 22.28  ? 183 THR A C   1 
ATOM   1137 O  O   . THR A 1 144 ? -12.114 -4.803  -4.311  1.00 22.52  ? 183 THR A O   1 
ATOM   1138 C  CB  . THR A 1 144 ? -15.201 -4.234  -4.685  1.00 26.77  ? 183 THR A CB  1 
ATOM   1139 O  OG1 . THR A 1 144 ? -14.822 -4.387  -3.322  1.00 40.92  ? 183 THR A OG1 1 
ATOM   1140 C  CG2 . THR A 1 144 ? -16.566 -4.849  -4.885  1.00 24.25  ? 183 THR A CG2 1 
ATOM   1141 N  N   . SER A 1 145 ? -12.159 -3.632  -6.251  1.00 22.04  ? 184 SER A N   1 
ATOM   1142 C  CA  . SER A 1 145 ? -10.773 -3.135  -6.129  1.00 19.91  ? 184 SER A CA  1 
ATOM   1143 C  C   . SER A 1 145 ? -10.802 -1.630  -5.960  1.00 19.88  ? 184 SER A C   1 
ATOM   1144 O  O   . SER A 1 145 ? -11.719 -0.954  -6.474  1.00 21.08  ? 184 SER A O   1 
ATOM   1145 C  CB  . SER A 1 145 ? -9.938  -3.543  -7.287  1.00 20.80  ? 184 SER A CB  1 
ATOM   1146 O  OG  . SER A 1 145 ? -9.855  -4.956  -7.353  1.00 21.36  ? 184 SER A OG  1 
ATOM   1147 N  N   . HIS A 1 146 ? -9.816  -1.101  -5.260  1.00 18.21  ? 185 HIS A N   1 
ATOM   1148 C  CA  . HIS A 1 146 ? -9.708  0.351   -5.055  1.00 19.22  ? 185 HIS A CA  1 
ATOM   1149 C  C   . HIS A 1 146 ? -8.241  0.725   -4.897  1.00 17.88  ? 185 HIS A C   1 
ATOM   1150 O  O   . HIS A 1 146 ? -7.542  0.122   -4.065  1.00 18.89  ? 185 HIS A O   1 
ATOM   1151 C  CB  . HIS A 1 146 ? -10.517 0.752   -3.822  1.00 21.75  ? 185 HIS A CB  1 
ATOM   1152 C  CG  . HIS A 1 146 ? -10.826 2.204   -3.754  1.00 25.26  ? 185 HIS A CG  1 
ATOM   1153 N  ND1 . HIS A 1 146 ? -9.946  3.125   -3.226  1.00 28.48  ? 185 HIS A ND1 1 
ATOM   1154 C  CD2 . HIS A 1 146 ? -11.919 2.891   -4.127  1.00 27.09  ? 185 HIS A CD2 1 
ATOM   1155 C  CE1 . HIS A 1 146 ? -10.479 4.324   -3.298  1.00 29.40  ? 185 HIS A CE1 1 
ATOM   1156 N  NE2 . HIS A 1 146 ? -11.680 4.208   -3.855  1.00 29.86  ? 185 HIS A NE2 1 
ATOM   1157 N  N   A CYS A 1 147 ? -7.805  1.726   -5.667  0.25 18.45  ? 186 CYS A N   1 
ATOM   1158 N  N   B CYS A 1 147 ? -7.768  1.713   -5.646  0.25 17.33  ? 186 CYS A N   1 
ATOM   1159 C  CA  A CYS A 1 147 ? -6.462  2.360   -5.598  0.25 18.44  ? 186 CYS A CA  1 
ATOM   1160 C  CA  B CYS A 1 147 ? -6.380  2.223   -5.522  0.25 16.87  ? 186 CYS A CA  1 
ATOM   1161 C  C   A CYS A 1 147 ? -6.487  3.539   -4.644  0.25 18.73  ? 186 CYS A C   1 
ATOM   1162 C  C   B CYS A 1 147 ? -6.406  3.580   -4.815  0.25 17.62  ? 186 CYS A C   1 
ATOM   1163 O  O   A CYS A 1 147 ? -7.558  4.147   -4.486  0.25 17.65  ? 186 CYS A O   1 
ATOM   1164 O  O   B CYS A 1 147 ? -7.416  4.299   -4.923  0.25 16.40  ? 186 CYS A O   1 
ATOM   1165 C  CB  A CYS A 1 147 ? -6.015  2.952   -6.923  0.25 20.09  ? 186 CYS A CB  1 
ATOM   1166 C  CB  B CYS A 1 147 ? -5.682  2.278   -6.873  0.25 16.75  ? 186 CYS A CB  1 
ATOM   1167 S  SG  A CYS A 1 147 ? -6.016  1.735   -8.255  0.25 19.32  ? 186 CYS A SG  1 
ATOM   1168 S  SG  B CYS A 1 147 ? -6.617  3.223   -8.105  0.25 15.47  ? 186 CYS A SG  1 
ATOM   1169 N  N   . PHE A 1 148 ? -5.322  3.890   -4.100  1.00 18.12  ? 187 PHE A N   1 
ATOM   1170 C  CA  . PHE A 1 148 ? -5.209  5.050   -3.201  1.00 18.40  ? 187 PHE A CA  1 
ATOM   1171 C  C   . PHE A 1 148 ? -4.096  5.957   -3.698  1.00 18.74  ? 187 PHE A C   1 
ATOM   1172 O  O   . PHE A 1 148 ? -2.966  5.886   -3.225  1.00 17.82  ? 187 PHE A O   1 
ATOM   1173 C  CB  . PHE A 1 148 ? -4.965  4.534   -1.788  1.00 19.35  ? 187 PHE A CB  1 
ATOM   1174 C  CG  . PHE A 1 148 ? -6.116  3.741   -1.239  1.00 20.09  ? 187 PHE A CG  1 
ATOM   1175 C  CD1 . PHE A 1 148 ? -7.197  4.388   -0.668  1.00 21.60  ? 187 PHE A CD1 1 
ATOM   1176 C  CD2 . PHE A 1 148 ? -6.130  2.359   -1.315  1.00 19.43  ? 187 PHE A CD2 1 
ATOM   1177 C  CE1 . PHE A 1 148 ? -8.274  3.666   -0.172  1.00 23.95  ? 187 PHE A CE1 1 
ATOM   1178 C  CE2 . PHE A 1 148 ? -7.199  1.642   -0.804  1.00 22.12  ? 187 PHE A CE2 1 
ATOM   1179 C  CZ  . PHE A 1 148 ? -8.262  2.297   -0.221  1.00 22.31  ? 187 PHE A CZ  1 
ATOM   1180 N  N   . PRO A 1 149 ? -4.365  6.847   -4.670  1.00 18.24  ? 188 PRO A N   1 
ATOM   1181 C  CA  . PRO A 1 149 ? -3.346  7.777   -5.156  1.00 18.45  ? 188 PRO A CA  1 
ATOM   1182 C  C   . PRO A 1 149 ? -2.654  8.601   -4.060  1.00 19.24  ? 188 PRO A C   1 
ATOM   1183 O  O   . PRO A 1 149 ? -1.515  8.933   -4.235  1.00 19.40  ? 188 PRO A O   1 
ATOM   1184 C  CB  . PRO A 1 149 ? -4.115  8.735   -6.079  1.00 19.26  ? 188 PRO A CB  1 
ATOM   1185 C  CG  . PRO A 1 149 ? -5.387  8.035   -6.448  1.00 20.54  ? 188 PRO A CG  1 
ATOM   1186 C  CD  . PRO A 1 149 ? -5.618  6.939   -5.430  1.00 18.96  ? 188 PRO A CD  1 
ATOM   1187 N  N   . GLU A 1 150 ? -3.386  8.923   -2.989  1.00 19.29  ? 189 GLU A N   1 
ATOM   1188 C  CA  . GLU A 1 150 ? -2.892  9.746   -1.855  1.00 20.67  ? 189 GLU A CA  1 
ATOM   1189 C  C   . GLU A 1 150 ? -1.703  9.047   -1.189  1.00 19.40  ? 189 GLU A C   1 
ATOM   1190 O  O   . GLU A 1 150 ? -0.934  9.734   -0.486  1.00 19.22  ? 189 GLU A O   1 
ATOM   1191 C  CB  . GLU A 1 150 ? -4.043  9.966   -0.877  1.00 22.66  ? 189 GLU A CB  1 
ATOM   1192 C  CG  . GLU A 1 150 ? -5.368  10.286  -1.579  1.00 24.45  ? 189 GLU A CG  1 
ATOM   1193 C  CD  . GLU A 1 150 ? -6.467  9.212   -1.622  1.00 25.26  ? 189 GLU A CD  1 
ATOM   1194 O  OE1 . GLU A 1 150 ? -7.572  9.539   -1.128  1.00 34.15  ? 189 GLU A OE1 1 
ATOM   1195 O  OE2 . GLU A 1 150 ? -6.275  8.057   -2.140  1.00 17.01  ? 189 GLU A OE2 1 
ATOM   1196 N  N   . THR A 1 151 ? -1.572  7.736   -1.369  1.00 18.27  ? 190 THR A N   1 
ATOM   1197 C  CA  . THR A 1 151 ? -0.625  6.856   -0.632  1.00 17.42  ? 190 THR A CA  1 
ATOM   1198 C  C   . THR A 1 151 ? 0.538   6.436   -1.529  1.00 19.08  ? 190 THR A C   1 
ATOM   1199 O  O   . THR A 1 151 ? 1.318   5.564   -1.123  1.00 18.57  ? 190 THR A O   1 
ATOM   1200 C  CB  . THR A 1 151 ? -1.352  5.639   -0.044  1.00 18.57  ? 190 THR A CB  1 
ATOM   1201 O  OG1 . THR A 1 151 ? -1.761  4.728   -1.074  1.00 18.02  ? 190 THR A OG1 1 
ATOM   1202 C  CG2 . THR A 1 151 ? -2.552  6.072   0.766   1.00 18.70  ? 190 THR A CG2 1 
ATOM   1203 N  N   . GLN A 1 152 ? 0.624   6.993   -2.738  1.00 18.49  ? 191 GLN A N   1 
ATOM   1204 C  CA  . GLN A 1 152 ? 1.757   6.701   -3.641  1.00 18.24  ? 191 GLN A CA  1 
ATOM   1205 C  C   . GLN A 1 152 ? 3.074   6.951   -2.910  1.00 18.71  ? 191 GLN A C   1 
ATOM   1206 O  O   . GLN A 1 152 ? 3.161   7.913   -2.126  1.00 18.06  ? 191 GLN A O   1 
ATOM   1207 C  CB  . GLN A 1 152 ? 1.712   7.569   -4.896  1.00 19.51  ? 191 GLN A CB  1 
ATOM   1208 C  CG  . GLN A 1 152 ? 0.652   7.106   -5.884  1.00 20.93  ? 191 GLN A CG  1 
ATOM   1209 C  CD  . GLN A 1 152 ? 0.472   8.176   -6.931  1.00 25.45  ? 191 GLN A CD  1 
ATOM   1210 O  OE1 . GLN A 1 152 ? 1.228   9.154   -6.997  1.00 30.89  ? 191 GLN A OE1 1 
ATOM   1211 N  NE2 . GLN A 1 152 ? -0.557  8.020   -7.754  1.00 25.33  ? 191 GLN A NE2 1 
ATOM   1212 N  N   . PHE A 1 153 ? 4.057   6.113   -3.168  1.00 17.88  ? 192 PHE A N   1 
ATOM   1213 C  CA  . PHE A 1 153 ? 5.408   6.346   -2.624  1.00 18.59  ? 192 PHE A CA  1 
ATOM   1214 C  C   . PHE A 1 153 ? 6.458   5.781   -3.568  1.00 19.15  ? 192 PHE A C   1 
ATOM   1215 O  O   . PHE A 1 153 ? 6.189   4.920   -4.390  1.00 20.97  ? 192 PHE A O   1 
ATOM   1216 C  CB  . PHE A 1 153 ? 5.539   5.672   -1.254  1.00 18.53  ? 192 PHE A CB  1 
ATOM   1217 C  CG  . PHE A 1 153 ? 5.346   4.185   -1.292  1.00 17.75  ? 192 PHE A CG  1 
ATOM   1218 C  CD1 . PHE A 1 153 ? 6.407   3.338   -1.561  1.00 18.24  ? 192 PHE A CD1 1 
ATOM   1219 C  CD2 . PHE A 1 153 ? 4.086   3.627   -1.081  1.00 16.44  ? 192 PHE A CD2 1 
ATOM   1220 C  CE1 . PHE A 1 153 ? 6.225   1.964   -1.622  1.00 19.27  ? 192 PHE A CE1 1 
ATOM   1221 C  CE2 . PHE A 1 153 ? 3.919   2.253   -1.112  1.00 18.60  ? 192 PHE A CE2 1 
ATOM   1222 C  CZ  . PHE A 1 153 ? 4.976   1.426   -1.405  1.00 18.45  ? 192 PHE A CZ  1 
ATOM   1223 N  N   . ILE A 1 154 ? 7.702   6.203   -3.343  1.00 18.65  ? 193 ILE A N   1 
ATOM   1224 C  CA  . ILE A 1 154 ? 8.890   5.574   -3.972  1.00 19.20  ? 193 ILE A CA  1 
ATOM   1225 C  C   . ILE A 1 154 ? 9.530   4.671   -2.932  1.00 21.08  ? 193 ILE A C   1 
ATOM   1226 O  O   . ILE A 1 154 ? 9.679   5.132   -1.788  1.00 21.37  ? 193 ILE A O   1 
ATOM   1227 C  CB  . ILE A 1 154 ? 9.858   6.653   -4.486  1.00 19.45  ? 193 ILE A CB  1 
ATOM   1228 C  CG1 . ILE A 1 154 ? 9.168   7.530   -5.532  1.00 19.60  ? 193 ILE A CG1 1 
ATOM   1229 C  CG2 . ILE A 1 154 ? 11.136  6.022   -5.017  1.00 20.06  ? 193 ILE A CG2 1 
ATOM   1230 C  CD1 . ILE A 1 154 ? 9.971   8.711   -5.996  1.00 21.53  ? 193 ILE A CD1 1 
ATOM   1231 N  N   . ALA A 1 155 ? 9.794   3.427   -3.313  1.00 21.10  ? 194 ALA A N   1 
ATOM   1232 C  CA  . ALA A 1 155 ? 10.494  2.418   -2.493  1.00 22.77  ? 194 ALA A CA  1 
ATOM   1233 C  C   . ALA A 1 155 ? 11.973  2.821   -2.420  1.00 21.81  ? 194 ALA A C   1 
ATOM   1234 O  O   . ALA A 1 155 ? 12.569  3.037   -3.485  1.00 22.26  ? 194 ALA A O   1 
ATOM   1235 C  CB  . ALA A 1 155 ? 10.319  1.062   -3.110  1.00 24.03  ? 194 ALA A CB  1 
ATOM   1236 N  N   . VAL A 1 156 ? 12.539  2.935   -1.216  1.00 23.40  ? 195 VAL A N   1 
ATOM   1237 C  CA  . VAL A 1 156 ? 13.959  3.372   -1.034  1.00 23.30  ? 195 VAL A CA  1 
ATOM   1238 C  C   . VAL A 1 156 ? 14.614  2.460   0.004   1.00 24.05  ? 195 VAL A C   1 
ATOM   1239 O  O   . VAL A 1 156 ? 13.896  1.946   0.867   1.00 23.44  ? 195 VAL A O   1 
ATOM   1240 C  CB  . VAL A 1 156 ? 14.063  4.860   -0.642  1.00 23.22  ? 195 VAL A CB  1 
ATOM   1241 C  CG1 . VAL A 1 156 ? 13.461  5.759   -1.709  1.00 24.80  ? 195 VAL A CG1 1 
ATOM   1242 C  CG2 . VAL A 1 156 ? 13.455  5.163   0.725   1.00 22.53  ? 195 VAL A CG2 1 
ATOM   1243 N  N   . THR A 1 157 ? 15.936  2.272   -0.070  1.00 25.97  ? 196 THR A N   1 
ATOM   1244 C  CA  . THR A 1 157 ? 16.694  1.515   0.964   1.00 27.36  ? 196 THR A CA  1 
ATOM   1245 C  C   . THR A 1 157 ? 17.086  2.449   2.117   1.00 26.96  ? 196 THR A C   1 
ATOM   1246 O  O   . THR A 1 157 ? 17.361  1.919   3.212   1.00 27.26  ? 196 THR A O   1 
ATOM   1247 C  CB  . THR A 1 157 ? 17.932  0.827   0.374   1.00 29.45  ? 196 THR A CB  1 
ATOM   1248 O  OG1 . THR A 1 157 ? 18.679  1.871   -0.237  1.00 29.76  ? 196 THR A OG1 1 
ATOM   1249 C  CG2 . THR A 1 157 ? 17.594  -0.251  -0.629  1.00 30.60  ? 196 THR A CG2 1 
ATOM   1250 N  N   . ALA A 1 158 ? 17.075  3.770   1.896   1.00 25.43  ? 197 ALA A N   1 
ATOM   1251 C  CA  . ALA A 1 158 ? 17.199  4.809   2.946   1.00 26.99  ? 197 ALA A CA  1 
ATOM   1252 C  C   . ALA A 1 158 ? 16.525  6.102   2.480   1.00 24.35  ? 197 ALA A C   1 
ATOM   1253 O  O   . ALA A 1 158 ? 16.503  6.358   1.263   1.00 27.43  ? 197 ALA A O   1 
ATOM   1254 C  CB  . ALA A 1 158 ? 18.662  5.033   3.256   1.00 26.75  ? 197 ALA A CB  1 
ATOM   1255 N  N   . TYR A 1 159 ? 15.995  6.910   3.394   1.00 23.64  ? 198 TYR A N   1 
ATOM   1256 C  CA  . TYR A 1 159 ? 15.319  8.178   3.028   1.00 24.46  ? 198 TYR A CA  1 
ATOM   1257 C  C   . TYR A 1 159 ? 16.294  9.096   2.284   1.00 26.43  ? 198 TYR A C   1 
ATOM   1258 O  O   . TYR A 1 159 ? 17.445  9.271   2.704   1.00 26.37  ? 198 TYR A O   1 
ATOM   1259 C  CB  . TYR A 1 159 ? 14.708  8.877   4.241   1.00 24.90  ? 198 TYR A CB  1 
ATOM   1260 C  CG  . TYR A 1 159 ? 13.588  8.102   4.882   1.00 24.66  ? 198 TYR A CG  1 
ATOM   1261 C  CD1 . TYR A 1 159 ? 12.575  7.542   4.121   1.00 24.51  ? 198 TYR A CD1 1 
ATOM   1262 C  CD2 . TYR A 1 159 ? 13.550  7.908   6.250   1.00 24.69  ? 198 TYR A CD2 1 
ATOM   1263 C  CE1 . TYR A 1 159 ? 11.561  6.802   4.705   1.00 25.68  ? 198 TYR A CE1 1 
ATOM   1264 C  CE2 . TYR A 1 159 ? 12.540  7.184   6.855   1.00 25.66  ? 198 TYR A CE2 1 
ATOM   1265 C  CZ  . TYR A 1 159 ? 11.543  6.629   6.078   1.00 25.97  ? 198 TYR A CZ  1 
ATOM   1266 O  OH  . TYR A 1 159 ? 10.542  5.933   6.676   1.00 26.78  ? 198 TYR A OH  1 
ATOM   1267 N  N   . GLN A 1 160 ? 15.828  9.693   1.189   1.00 24.31  ? 199 GLN A N   1 
ATOM   1268 C  CA  . GLN A 1 160 ? 16.614  10.672  0.403   1.00 23.89  ? 199 GLN A CA  1 
ATOM   1269 C  C   . GLN A 1 160 ? 16.242  12.091  0.808   1.00 24.40  ? 199 GLN A C   1 
ATOM   1270 O  O   . GLN A 1 160 ? 17.155  12.930  0.956   1.00 25.53  ? 199 GLN A O   1 
ATOM   1271 C  CB  . GLN A 1 160 ? 16.385  10.436  -1.086  1.00 25.84  ? 199 GLN A CB  1 
ATOM   1272 C  CG  . GLN A 1 160 ? 16.705  9.023   -1.521  1.00 27.53  ? 199 GLN A CG  1 
ATOM   1273 C  CD  . GLN A 1 160 ? 18.153  8.704   -1.264  1.00 32.16  ? 199 GLN A CD  1 
ATOM   1274 O  OE1 . GLN A 1 160 ? 19.042  9.394   -1.752  1.00 37.77  ? 199 GLN A OE1 1 
ATOM   1275 N  NE2 . GLN A 1 160 ? 18.396  7.678   -0.466  1.00 31.79  ? 199 GLN A NE2 1 
ATOM   1276 N  N   . ASN A 1 161 ? 14.946  12.364  0.965   1.00 23.24  ? 200 ASN A N   1 
ATOM   1277 C  CA  . ASN A 1 161 ? 14.415  13.708  1.268   1.00 22.22  ? 200 ASN A CA  1 
ATOM   1278 C  C   . ASN A 1 161 ? 14.295  13.817  2.789   1.00 22.88  ? 200 ASN A C   1 
ATOM   1279 O  O   . ASN A 1 161 ? 13.489  13.093  3.365   1.00 21.95  ? 200 ASN A O   1 
ATOM   1280 C  CB  . ASN A 1 161 ? 13.077  13.913  0.563   1.00 22.43  ? 200 ASN A CB  1 
ATOM   1281 C  CG  . ASN A 1 161 ? 12.464  15.266  0.812   1.00 22.37  ? 200 ASN A CG  1 
ATOM   1282 O  OD1 . ASN A 1 161 ? 13.047  16.105  1.485   1.00 23.40  ? 200 ASN A OD1 1 
ATOM   1283 N  ND2 . ASN A 1 161 ? 11.283  15.482  0.256   1.00 24.01  ? 200 ASN A ND2 1 
ATOM   1284 N  N   . GLU A 1 162 ? 15.095  14.672  3.423   1.00 24.24  ? 201 GLU A N   1 
ATOM   1285 C  CA  . GLU A 1 162 ? 15.061  14.794  4.902   1.00 26.08  ? 201 GLU A CA  1 
ATOM   1286 C  C   . GLU A 1 162 ? 13.694  15.343  5.337   1.00 24.74  ? 201 GLU A C   1 
ATOM   1287 O  O   . GLU A 1 162 ? 13.330  15.103  6.470   1.00 24.23  ? 201 GLU A O   1 
ATOM   1288 C  CB  . GLU A 1 162 ? 16.244  15.641  5.385   1.00 29.04  ? 201 GLU A CB  1 
ATOM   1289 C  CG  . GLU A 1 162 ? 15.892  17.079  5.707   1.00 36.53  ? 201 GLU A CG  1 
ATOM   1290 C  CD  . GLU A 1 162 ? 16.376  18.172  4.773   1.00 45.32  ? 201 GLU A CD  1 
ATOM   1291 O  OE1 . GLU A 1 162 ? 16.986  19.143  5.301   1.00 49.02  ? 201 GLU A OE1 1 
ATOM   1292 O  OE2 . GLU A 1 162 ? 16.121  18.087  3.538   1.00 54.16  ? 201 GLU A OE2 1 
ATOM   1293 N  N   . GLU A 1 163 ? 12.939  16.023  4.466   1.00 23.58  ? 202 GLU A N   1 
ATOM   1294 C  CA  . GLU A 1 163 ? 11.596  16.544  4.837   1.00 24.18  ? 202 GLU A CA  1 
ATOM   1295 C  C   . GLU A 1 163 ? 10.658  15.359  5.097   1.00 22.06  ? 202 GLU A C   1 
ATOM   1296 O  O   . GLU A 1 163 ? 9.763   15.499  5.954   1.00 23.13  ? 202 GLU A O   1 
ATOM   1297 C  CB  . GLU A 1 163 ? 10.980  17.424  3.747   1.00 25.72  ? 202 GLU A CB  1 
ATOM   1298 C  CG  . GLU A 1 163 ? 11.655  18.763  3.527   1.00 28.69  ? 202 GLU A CG  1 
ATOM   1299 C  CD  . GLU A 1 163 ? 11.072  19.486  2.318   1.00 35.59  ? 202 GLU A CD  1 
ATOM   1300 O  OE1 . GLU A 1 163 ? 10.399  20.522  2.504   1.00 40.84  ? 202 GLU A OE1 1 
ATOM   1301 O  OE2 . GLU A 1 163 ? 11.242  18.971  1.198   1.00 41.36  ? 202 GLU A OE2 1 
ATOM   1302 N  N   . ILE A 1 164 ? 10.822  14.250  4.364   1.00 20.72  ? 203 ILE A N   1 
ATOM   1303 C  CA  . ILE A 1 164 ? 10.084  12.983  4.629   1.00 21.57  ? 203 ILE A CA  1 
ATOM   1304 C  C   . ILE A 1 164 ? 10.559  12.402  5.958   1.00 21.94  ? 203 ILE A C   1 
ATOM   1305 O  O   . ILE A 1 164 ? 9.720   12.045  6.776   1.00 21.61  ? 203 ILE A O   1 
ATOM   1306 C  CB  . ILE A 1 164 ? 10.230  11.991  3.461   1.00 21.64  ? 203 ILE A CB  1 
ATOM   1307 C  CG1 . ILE A 1 164 ? 9.473   12.507  2.237   1.00 22.79  ? 203 ILE A CG1 1 
ATOM   1308 C  CG2 . ILE A 1 164 ? 9.791   10.588  3.856   1.00 23.03  ? 203 ILE A CG2 1 
ATOM   1309 C  CD1 . ILE A 1 164 ? 7.958   12.442  2.391   1.00 23.04  ? 203 ILE A CD1 1 
ATOM   1310 N  N   . THR A 1 165 ? 11.867  12.353  6.177   1.00 20.79  ? 204 THR A N   1 
ATOM   1311 C  CA  . THR A 1 165 ? 12.409  11.811  7.439   1.00 22.43  ? 204 THR A CA  1 
ATOM   1312 C  C   . THR A 1 165 ? 11.749  12.546  8.602   1.00 22.32  ? 204 THR A C   1 
ATOM   1313 O  O   . THR A 1 165 ? 11.273  11.855  9.501   1.00 23.19  ? 204 THR A O   1 
ATOM   1314 C  CB  . THR A 1 165 ? 13.932  11.888  7.478   1.00 22.26  ? 204 THR A CB  1 
ATOM   1315 O  OG1 . THR A 1 165 ? 14.451  11.276  6.302   1.00 22.86  ? 204 THR A OG1 1 
ATOM   1316 C  CG2 . THR A 1 165 ? 14.495  11.175  8.685   1.00 22.72  ? 204 THR A CG2 1 
ATOM   1317 N  N   . ALA A 1 166 ? 11.675  13.881  8.543   1.00 24.26  ? 205 ALA A N   1 
ATOM   1318 C  CA  . ALA A 1 166 ? 11.157  14.729  9.638   1.00 24.63  ? 205 ALA A CA  1 
ATOM   1319 C  C   . ALA A 1 166 ? 9.684   14.391  9.861   1.00 24.26  ? 205 ALA A C   1 
ATOM   1320 O  O   . ALA A 1 166 ? 9.268   14.264  11.005  1.00 23.33  ? 205 ALA A O   1 
ATOM   1321 C  CB  . ALA A 1 166 ? 11.337  16.200  9.331   1.00 26.75  ? 205 ALA A CB  1 
ATOM   1322 N  N   . LEU A 1 167 ? 8.900   14.275  8.781   1.00 22.19  ? 206 LEU A N   1 
ATOM   1323 C  CA  . LEU A 1 167 ? 7.438   14.018  8.880   1.00 22.36  ? 206 LEU A CA  1 
ATOM   1324 C  C   . LEU A 1 167 ? 7.183   12.640  9.482   1.00 20.47  ? 206 LEU A C   1 
ATOM   1325 O  O   . LEU A 1 167 ? 6.236   12.508  10.270  1.00 21.08  ? 206 LEU A O   1 
ATOM   1326 C  CB  . LEU A 1 167 ? 6.816   14.069  7.481   1.00 24.83  ? 206 LEU A CB  1 
ATOM   1327 C  CG  . LEU A 1 167 ? 5.990   15.293  7.113   1.00 29.46  ? 206 LEU A CG  1 
ATOM   1328 C  CD1 . LEU A 1 167 ? 5.013   14.916  5.999   1.00 29.04  ? 206 LEU A CD1 1 
ATOM   1329 C  CD2 . LEU A 1 167 ? 5.218   15.873  8.294   1.00 29.27  ? 206 LEU A CD2 1 
ATOM   1330 N  N   . LYS A 1 168 ? 7.958   11.641  9.065   1.00 19.86  ? 207 LYS A N   1 
ATOM   1331 C  CA  . LYS A 1 168 ? 7.835   10.252  9.568   1.00 21.00  ? 207 LYS A CA  1 
ATOM   1332 C  C   . LYS A 1 168 ? 7.981   10.279  11.096  1.00 23.00  ? 207 LYS A C   1 
ATOM   1333 O  O   . LYS A 1 168 ? 7.153   9.685   11.812  1.00 24.96  ? 207 LYS A O   1 
ATOM   1334 C  CB  . LYS A 1 168 ? 8.870   9.326   8.933   1.00 21.92  ? 207 LYS A CB  1 
ATOM   1335 C  CG  . LYS A 1 168 ? 8.764   9.174   7.416   1.00 22.92  ? 207 LYS A CG  1 
ATOM   1336 C  CD  . LYS A 1 168 ? 7.947   7.999   6.963   1.00 24.00  ? 207 LYS A CD  1 
ATOM   1337 C  CE  . LYS A 1 168 ? 7.958   7.882   5.452   1.00 24.14  ? 207 LYS A CE  1 
ATOM   1338 N  NZ  . LYS A 1 168 ? 7.348   6.611   5.011   1.00 25.85  ? 207 LYS A NZ  1 
ATOM   1339 N  N   . ILE A 1 169 ? 9.008   10.963  11.583  1.00 22.44  ? 208 ILE A N   1 
ATOM   1340 C  CA  . ILE A 1 169 ? 9.285   10.970  13.043  1.00 22.20  ? 208 ILE A CA  1 
ATOM   1341 C  C   . ILE A 1 169 ? 8.186   11.774  13.735  1.00 22.07  ? 208 ILE A C   1 
ATOM   1342 O  O   . ILE A 1 169 ? 7.659   11.305  14.766  1.00 23.62  ? 208 ILE A O   1 
ATOM   1343 C  CB  . ILE A 1 169 ? 10.695  11.529  13.282  1.00 22.25  ? 208 ILE A CB  1 
ATOM   1344 C  CG1 . ILE A 1 169 ? 11.759  10.556  12.775  1.00 21.74  ? 208 ILE A CG1 1 
ATOM   1345 C  CG2 . ILE A 1 169 ? 10.905  11.868  14.754  1.00 23.50  ? 208 ILE A CG2 1 
ATOM   1346 C  CD1 . ILE A 1 169 ? 13.096  11.198  12.561  1.00 23.32  ? 208 ILE A CD1 1 
ATOM   1347 N  N   . LYS A 1 170 ? 7.836   12.936  13.190  1.00 21.47  ? 209 LYS A N   1 
ATOM   1348 C  CA  . LYS A 1 170 ? 6.899   13.885  13.846  1.00 21.94  ? 209 LYS A CA  1 
ATOM   1349 C  C   . LYS A 1 170 ? 5.584   13.159  14.144  1.00 23.84  ? 209 LYS A C   1 
ATOM   1350 O  O   . LYS A 1 170 ? 5.002   13.401  15.224  1.00 22.24  ? 209 LYS A O   1 
ATOM   1351 C  CB  . LYS A 1 170 ? 6.694   15.138  12.990  1.00 22.27  ? 209 LYS A CB  1 
ATOM   1352 C  CG  . LYS A 1 170 ? 5.926   16.264  13.670  1.00 25.15  ? 209 LYS A CG  1 
ATOM   1353 C  CD  . LYS A 1 170 ? 5.997   17.599  12.918  1.00 26.62  ? 209 LYS A CD  1 
ATOM   1354 C  CE  . LYS A 1 170 ? 5.352   18.785  13.610  1.00 29.09  ? 209 LYS A CE  1 
ATOM   1355 N  NZ  . LYS A 1 170 ? 3.871   18.701  13.596  1.00 30.71  ? 209 LYS A NZ  1 
ATOM   1356 N  N   . TYR A 1 171 ? 5.139   12.278  13.240  1.00 23.88  ? 210 TYR A N   1 
ATOM   1357 C  CA  . TYR A 1 171 ? 3.777   11.699  13.289  1.00 26.07  ? 210 TYR A CA  1 
ATOM   1358 C  C   . TYR A 1 171 ? 3.783   10.237  13.732  1.00 26.56  ? 210 TYR A C   1 
ATOM   1359 O  O   . TYR A 1 171 ? 2.690   9.723   13.965  1.00 29.63  ? 210 TYR A O   1 
ATOM   1360 C  CB  . TYR A 1 171 ? 3.068   11.997  11.965  1.00 25.65  ? 210 TYR A CB  1 
ATOM   1361 C  CG  . TYR A 1 171 ? 2.712   13.457  11.901  1.00 25.83  ? 210 TYR A CG  1 
ATOM   1362 C  CD1 . TYR A 1 171 ? 1.779   13.979  12.788  1.00 28.41  ? 210 TYR A CD1 1 
ATOM   1363 C  CD2 . TYR A 1 171 ? 3.404   14.342  11.098  1.00 26.77  ? 210 TYR A CD2 1 
ATOM   1364 C  CE1 . TYR A 1 171 ? 1.476   15.329  12.799  1.00 28.99  ? 210 TYR A CE1 1 
ATOM   1365 C  CE2 . TYR A 1 171 ? 3.111   15.697  11.092  1.00 28.17  ? 210 TYR A CE2 1 
ATOM   1366 C  CZ  . TYR A 1 171 ? 2.149   16.193  11.958  1.00 28.77  ? 210 TYR A CZ  1 
ATOM   1367 O  OH  . TYR A 1 171 ? 1.850   17.528  11.980  1.00 32.04  ? 210 TYR A OH  1 
ATOM   1368 N  N   . ASN A 1 172 ? 4.940   9.604   13.913  1.00 29.67  ? 211 ASN A N   1 
ATOM   1369 C  CA  . ASN A 1 172 ? 4.979   8.200   14.388  1.00 33.33  ? 211 ASN A CA  1 
ATOM   1370 C  C   . ASN A 1 172 ? 4.900   8.206   15.919  1.00 41.79  ? 211 ASN A C   1 
ATOM   1371 O  O   . ASN A 1 172 ? 5.095   9.243   16.557  1.00 38.15  ? 211 ASN A O   1 
ATOM   1372 C  CB  . ASN A 1 172 ? 6.155   7.423   13.786  1.00 35.23  ? 211 ASN A CB  1 
ATOM   1373 C  CG  . ASN A 1 172 ? 7.520   7.729   14.381  1.00 38.87  ? 211 ASN A CG  1 
ATOM   1374 O  OD1 . ASN A 1 172 ? 8.535   7.283   13.847  1.00 43.20  ? 211 ASN A OD1 1 
ATOM   1375 N  ND2 . ASN A 1 172 ? 7.568   8.453   15.486  1.00 37.87  ? 211 ASN A ND2 1 
HETATM 1376 CD CD  . CD  B 2 .   ? -4.932  3.023   -10.061 0.50 17.26  ? 301 CD  A CD  1 
HETATM 1377 CD CD  . CD  C 2 .   ? -3.294  6.285   -9.940  1.00 18.27  ? 302 CD  A CD  1 
HETATM 1378 CD CD  . CD  D 2 .   ? 5.768   -13.294 -3.148  1.00 48.80  ? 303 CD  A CD  1 
HETATM 1379 CD CD  . CD  E 2 .   ? 7.546   6.170   -19.826 1.00 25.87  ? 304 CD  A CD  1 
HETATM 1380 CD CD  . CD  F 2 .   ? 2.999   -14.165 -5.528  1.00 47.94  ? 305 CD  A CD  1 
HETATM 1381 N  N1  . K1A G 3 .   ? 20.055  15.246  4.599   1.00 103.70 ? 306 K1A A N1  1 
HETATM 1382 C  C4  . K1A G 3 .   ? 18.877  13.222  7.424   1.00 91.38  ? 306 K1A A C4  1 
HETATM 1383 C  C5  . K1A G 3 .   ? 19.655  13.711  8.579   1.00 88.45  ? 306 K1A A C5  1 
HETATM 1384 C  C6  . K1A G 3 .   ? 18.177  12.695  5.363   1.00 91.06  ? 306 K1A A C6  1 
HETATM 1385 C  C7  . K1A G 3 .   ? 17.849  12.401  3.963   1.00 88.63  ? 306 K1A A C7  1 
HETATM 1386 C  C8  . K1A G 3 .   ? 19.641  16.535  5.070   1.00 103.89 ? 306 K1A A C8  1 
HETATM 1387 N  N   . K1A G 3 .   ? 20.198  15.092  3.235   1.00 106.26 ? 306 K1A A N   1 
HETATM 1388 C  C   . K1A G 3 .   ? 19.988  16.339  1.118   1.00 104.15 ? 306 K1A A C   1 
HETATM 1389 O  O   . K1A G 3 .   ? 17.303  12.200  6.301   1.00 88.00  ? 306 K1A A O   1 
HETATM 1390 C  C1  . K1A G 3 .   ? 19.927  16.212  2.588   1.00 104.87 ? 306 K1A A C1  1 
HETATM 1391 C  C2  . K1A G 3 .   ? 20.386  14.091  5.487   1.00 99.26  ? 306 K1A A C2  1 
HETATM 1392 C  C3  . K1A G 3 .   ? 19.198  13.365  6.008   1.00 94.52  ? 306 K1A A C3  1 
HETATM 1393 N  N2  . K1A G 3 .   ? 17.729  12.519  7.532   1.00 91.25  ? 306 K1A A N2  1 
HETATM 1394 O  O1  . K1A G 3 .   ? 19.442  16.820  6.237   1.00 100.32 ? 306 K1A A O1  1 
HETATM 1395 S  S   . K1A G 3 .   ? 19.462  17.585  3.593   1.00 103.89 ? 306 K1A A S   1 
HETATM 1396 O  O   . HOH H 4 .   ? -4.656  5.561   6.328   1.00 25.21  ? 401 HOH A O   1 
HETATM 1397 O  O   . HOH H 4 .   ? -3.019  5.802   8.589   1.00 29.97  ? 402 HOH A O   1 
HETATM 1398 O  O   . HOH H 4 .   ? 0.526   -10.283 8.461   1.00 27.24  ? 403 HOH A O   1 
HETATM 1399 O  O   . HOH H 4 .   ? -20.896 -7.880  -0.929  1.00 35.05  ? 404 HOH A O   1 
HETATM 1400 O  O   . HOH H 4 .   ? 16.172  19.281  1.266   1.00 14.08  ? 405 HOH A O   1 
HETATM 1401 O  O   . HOH H 4 .   ? -9.158  -6.494  13.796  1.00 32.16  ? 406 HOH A O   1 
HETATM 1402 O  O   . HOH H 4 .   ? 9.216   17.819  6.989   1.00 31.56  ? 407 HOH A O   1 
HETATM 1403 O  O   . HOH H 4 .   ? 8.544   3.503   -11.039 1.00 23.41  ? 408 HOH A O   1 
HETATM 1404 O  O   . HOH H 4 .   ? 18.073  -4.672  3.739   1.00 56.75  ? 409 HOH A O   1 
HETATM 1405 O  O   . HOH H 4 .   ? -13.812 -5.549  -9.540  1.00 28.04  ? 410 HOH A O   1 
HETATM 1406 O  O   . HOH H 4 .   ? 15.066  -3.323  -5.436  1.00 39.67  ? 411 HOH A O   1 
HETATM 1407 O  O   . HOH H 4 .   ? -10.392 -15.592 10.038  0.50 36.11  ? 412 HOH A O   1 
HETATM 1408 O  O   . HOH H 4 .   ? -12.200 0.772   -8.454  1.00 33.28  ? 413 HOH A O   1 
HETATM 1409 O  O   . HOH H 4 .   ? -18.168 0.792   8.486   1.00 39.96  ? 414 HOH A O   1 
HETATM 1410 O  O   . HOH H 4 .   ? 10.896  12.614  -1.174  1.00 21.75  ? 415 HOH A O   1 
HETATM 1411 O  O   . HOH H 4 .   ? 4.088   7.987   -12.032 1.00 22.19  ? 416 HOH A O   1 
HETATM 1412 O  O   . HOH H 4 .   ? 2.890   -2.085  7.488   1.00 22.11  ? 417 HOH A O   1 
HETATM 1413 O  O   . HOH H 4 .   ? 8.152   0.388   4.587   1.00 25.37  ? 418 HOH A O   1 
HETATM 1414 O  O   . HOH H 4 .   ? -9.624  -5.457  10.140  1.00 30.26  ? 419 HOH A O   1 
HETATM 1415 O  O   . HOH H 4 .   ? -14.372 -0.318  7.807   1.00 32.07  ? 420 HOH A O   1 
HETATM 1416 O  O   . HOH H 4 .   ? -1.173  -8.203  -7.697  1.00 31.90  ? 421 HOH A O   1 
HETATM 1417 O  O   . HOH H 4 .   ? -5.632  -7.354  13.290  1.00 24.22  ? 422 HOH A O   1 
HETATM 1418 O  O   . HOH H 4 .   ? 4.583   15.475  17.037  1.00 22.96  ? 423 HOH A O   1 
HETATM 1419 O  O   . HOH H 4 .   ? -9.219  5.739   -6.490  1.00 32.29  ? 424 HOH A O   1 
HETATM 1420 O  O   . HOH H 4 .   ? 1.843   9.316   -0.090  1.00 18.92  ? 425 HOH A O   1 
HETATM 1421 O  O   . HOH H 4 .   ? 4.037   -8.259  14.716  1.00 37.32  ? 426 HOH A O   1 
HETATM 1422 O  O   . HOH H 4 .   ? 10.910  15.580  -5.760  1.00 34.07  ? 427 HOH A O   1 
HETATM 1423 O  O   . HOH H 4 .   ? 17.901  2.645   5.874   1.00 39.18  ? 428 HOH A O   1 
HETATM 1424 O  O   . HOH H 4 .   ? -1.717  -5.919  8.302   1.00 21.44  ? 429 HOH A O   1 
HETATM 1425 O  O   . HOH H 4 .   ? 5.925   -9.006  -4.593  1.00 36.85  ? 430 HOH A O   1 
HETATM 1426 O  O   . HOH H 4 .   ? -13.776 -2.872  -8.452  1.00 24.99  ? 431 HOH A O   1 
HETATM 1427 O  O   . HOH H 4 .   ? 4.230   10.377  -3.106  1.00 21.84  ? 432 HOH A O   1 
HETATM 1428 O  O   . HOH H 4 .   ? 0.154   -0.287  5.460   1.00 22.27  ? 433 HOH A O   1 
HETATM 1429 O  O   . HOH H 4 .   ? -7.564  -3.684  11.111  1.00 25.67  ? 434 HOH A O   1 
HETATM 1430 O  O   . HOH H 4 .   ? 4.277   -8.868  4.854   1.00 31.12  ? 435 HOH A O   1 
HETATM 1431 O  O   . HOH H 4 .   ? -7.905  -15.178 10.168  1.00 33.16  ? 436 HOH A O   1 
HETATM 1432 O  O   . HOH H 4 .   ? -12.095 -3.970  10.911  1.00 27.82  ? 437 HOH A O   1 
HETATM 1433 O  O   . HOH H 4 .   ? 16.806  6.295   6.114   1.00 31.03  ? 438 HOH A O   1 
HETATM 1434 O  O   . HOH H 4 .   ? -8.186  13.424  6.872   1.00 34.50  ? 439 HOH A O   1 
HETATM 1435 O  O   . HOH H 4 .   ? -0.461  5.298   10.407  1.00 26.59  ? 440 HOH A O   1 
HETATM 1436 O  O   . HOH H 4 .   ? -6.013  -1.020  -10.851 1.00 20.75  ? 441 HOH A O   1 
HETATM 1437 O  O   . HOH H 4 .   ? 9.359   -3.345  10.479  1.00 32.82  ? 442 HOH A O   1 
HETATM 1438 O  O   . HOH H 4 .   ? -16.509 -7.575  -3.506  1.00 34.63  ? 443 HOH A O   1 
HETATM 1439 O  O   . HOH H 4 .   ? -9.475  10.934  6.236   1.00 42.01  ? 444 HOH A O   1 
HETATM 1440 O  O   . HOH H 4 .   ? 17.486  3.577   -2.480  1.00 37.69  ? 445 HOH A O   1 
HETATM 1441 O  O   . HOH H 4 .   ? 4.619   -12.633 -0.803  1.00 41.09  ? 446 HOH A O   1 
HETATM 1442 O  O   . HOH H 4 .   ? -3.787  12.414  -4.380  1.00 36.06  ? 447 HOH A O   1 
HETATM 1443 O  O   . HOH H 4 .   ? 14.125  4.709   -16.235 1.00 24.32  ? 448 HOH A O   1 
HETATM 1444 O  O   . HOH H 4 .   ? 0.837   -13.328 -4.483  1.00 28.35  ? 449 HOH A O   1 
HETATM 1445 O  O   . HOH H 4 .   ? -5.383  -5.101  11.930  1.00 24.76  ? 450 HOH A O   1 
HETATM 1446 O  O   . HOH H 4 .   ? -15.691 3.673   -3.241  1.00 35.13  ? 451 HOH A O   1 
HETATM 1447 O  O   . HOH H 4 .   ? -3.146  -6.185  10.721  1.00 26.36  ? 452 HOH A O   1 
HETATM 1448 O  O   . HOH H 4 .   ? -3.714  0.899   -9.947  0.50 21.12  ? 453 HOH A O   1 
HETATM 1449 O  O   . HOH H 4 .   ? -10.157 2.887   -7.803  1.00 15.03  ? 454 HOH A O   1 
HETATM 1450 O  O   . HOH H 4 .   ? 7.004   -11.328 -2.773  1.00 30.52  ? 455 HOH A O   1 
HETATM 1451 O  O   . HOH H 4 .   ? 5.695   5.830   -18.239 1.00 17.40  ? 456 HOH A O   1 
HETATM 1452 O  O   . HOH H 4 .   ? 8.540   7.523   -21.673 1.00 15.41  ? 457 HOH A O   1 
HETATM 1453 O  O   . HOH H 4 .   ? 6.885   3.941   -20.584 1.00 19.69  ? 458 HOH A O   1 
HETATM 1454 O  O   . HOH H 4 .   ? 8.162   17.780  9.769   1.00 32.21  ? 459 HOH A O   1 
HETATM 1455 O  O   . HOH H 4 .   ? -17.836 -10.401 13.138  1.00 36.19  ? 460 HOH A O   1 
HETATM 1456 O  O   . HOH H 4 .   ? -1.224  6.424   -11.345 1.00 10.14  ? 461 HOH A O   1 
HETATM 1457 O  O   . HOH H 4 .   ? 10.614  21.908  6.020   1.00 28.43  ? 462 HOH A O   1 
HETATM 1458 O  O   . HOH H 4 .   ? 9.070   15.078  16.259  1.00 24.39  ? 463 HOH A O   1 
HETATM 1459 O  O   . HOH H 4 .   ? 0.152   -10.808 11.121  1.00 25.17  ? 464 HOH A O   1 
HETATM 1460 O  O   . HOH H 4 .   ? -19.208 -7.828  -2.938  1.00 25.71  ? 465 HOH A O   1 
HETATM 1461 O  O   . HOH H 4 .   ? -8.281  -16.764 -0.165  1.00 50.94  ? 466 HOH A O   1 
HETATM 1462 O  O   . HOH H 4 .   ? 4.161   -15.416 -3.223  1.00 32.85  ? 467 HOH A O   1 
HETATM 1463 O  O   . HOH H 4 .   ? 4.896   -15.297 -6.604  1.00 35.79  ? 468 HOH A O   1 
# 
